data_6EA7
#
_entry.id   6EA7
#
_cell.length_a   152.781
_cell.length_b   152.781
_cell.length_c   247.685
_cell.angle_alpha   90.00
_cell.angle_beta   90.00
_cell.angle_gamma   120.00
#
_symmetry.space_group_name_H-M   'P 31 2 1'
#
loop_
_entity.id
_entity.type
_entity.pdbx_description
1 polymer 'Envelope glycoprotein'
2 polymer 'Envelope glycoprotein'
3 polymer 'ADI-15878 Fab Heavy Chain'
4 polymer 'ADI-15878 Fab Light Chain'
5 branched 2-acetamido-2-deoxy-beta-D-glucopyranose-(1-4)-[alpha-L-fucopyranose-(1-6)]2-acetamido-2-deoxy-beta-D-glucopyranose
6 branched beta-D-galactopyranose-(1-4)-2-acetamido-2-deoxy-beta-D-glucopyranose-(1-2)-alpha-D-mannopyranose-(1-6)-[2-acetamido-2-deoxy-beta-D-glucopyranose-(1-2)-alpha-D-mannopyranose-(1-3)]beta-D-mannopyranose-(1-4)-2-acetamido-2-deoxy-beta-D-glucopyranose-(1-4)-2-acetamido-2-deoxy-beta-D-glucopyranose
7 branched 2-acetamido-2-deoxy-beta-D-glucopyranose-(1-2)-alpha-D-mannopyranose-(1-3)-[2-acetamido-2-deoxy-beta-D-glucopyranose-(1-2)-alpha-D-mannopyranose-(1-6)]beta-D-mannopyranose-(1-4)-2-acetamido-2-deoxy-beta-D-glucopyranose-(1-4)-2-acetamido-2-deoxy-beta-D-glucopyranose
8 non-polymer 2-acetamido-2-deoxy-beta-D-glucopyranose
#
loop_
_entity_poly.entity_id
_entity_poly.type
_entity_poly.pdbx_seq_one_letter_code
_entity_poly.pdbx_strand_id
1 'polypeptide(L)'
;SIPLGVIHNSTLQVSDVDKLVCRDKLSSTNQLRSVGLNLEGNGVATDVPSATKRWGFRSGVPPKVVNYEAGEWAENCYNL
EIKKPDGSECLPAAPDGIRGFPRCRYVHKVSGTGPCAGDFAFHKEGAFFLYDRLASTVIYRGTTFAEGVVAFLILPQAKK
DFF
;
A,C,E
2 'polypeptide(L)'
;EAIVNAQPKCNPNLHYWTTQDEGAAIGLAWIPYFGPAAEGIYIEGLMHNQDGLICGLRQLANETTQALQLFLRATTELRT
FSILNRKAIDFLLQRWGGTCHILGPDCCIEP
;
B,D,F
3 'polypeptide(L)'
;QVQLVQSGVTLVQPGGSLRVSCAASGFTFSSYAMSWVRQAPGKGLEWVSAISGLGGSTYYADSVKGRFTISRDNSKNTLY
LQMNSLRAEDTAVYYCAKDHRVWAAGYHFDYWGQGALVTVSSASTKGPSVFPLAPSSKSTSGGTAALGCLVKDYFPEPVT
VSWNSGALTSGVHTFPAVLQSSGLYSLSSVVTVPSSSLGTQTYICNVNHKPSNTKVDKKVEPKSCDLEVDDDD
;
H,M,Q
4 'polypeptide(L)'
;DIVLTQSPSTLSASVGDRVTITCRASQSISSWLAWYQQKPGEAPKLLISDASSLESGVPSRFSGSGSGTEFTLTISSLQP
DDFATYYCQQYYSSPTFGGGTKVEIKRTVAAPSVFIFPPSDEQLKSGTASVVCLLNNFYPREAKVQWKVDNALQSGNSQE
SVTEQDSKDSTYSLSSTLTLSKADYEKHKVYACEVTHQGLSSPVTKSFNRGEC
;
L,N,R
#
loop_
_chem_comp.id
_chem_comp.type
_chem_comp.name
_chem_comp.formula
BMA D-saccharide, beta linking beta-D-mannopyranose 'C6 H12 O6'
FUC L-saccharide, alpha linking alpha-L-fucopyranose 'C6 H12 O5'
GAL D-saccharide, beta linking beta-D-galactopyranose 'C6 H12 O6'
MAN D-saccharide, alpha linking alpha-D-mannopyranose 'C6 H12 O6'
NAG D-saccharide, beta linking 2-acetamido-2-deoxy-beta-D-glucopyranose 'C8 H15 N O6'
#
# COMPACT_ATOMS: atom_id res chain seq x y z
N SER A 1 -5.71 -21.47 -16.09
CA SER A 1 -5.73 -20.92 -14.76
C SER A 1 -5.26 -19.47 -14.75
N ILE A 2 -5.99 -18.62 -14.04
CA ILE A 2 -5.64 -17.20 -13.95
C ILE A 2 -4.32 -17.05 -13.20
N PRO A 3 -3.38 -16.25 -13.70
CA PRO A 3 -2.06 -16.18 -13.07
C PRO A 3 -2.14 -15.65 -11.64
N LEU A 4 -1.30 -16.23 -10.77
CA LEU A 4 -1.26 -15.90 -9.35
C LEU A 4 0.18 -15.66 -8.95
N GLY A 5 0.47 -14.44 -8.50
CA GLY A 5 1.80 -14.10 -8.05
C GLY A 5 2.02 -14.42 -6.58
N VAL A 6 3.26 -14.72 -6.25
CA VAL A 6 3.69 -15.03 -4.88
C VAL A 6 4.82 -14.07 -4.52
N ILE A 7 4.91 -13.77 -3.23
CA ILE A 7 5.90 -12.85 -2.70
C ILE A 7 6.87 -13.63 -1.81
N HIS A 8 8.15 -13.41 -2.04
CA HIS A 8 9.26 -14.03 -1.33
C HIS A 8 10.03 -12.92 -0.63
N ASN A 9 10.93 -13.29 0.28
CA ASN A 9 11.68 -12.29 1.03
C ASN A 9 12.49 -11.40 0.09
N SER A 10 12.10 -10.13 0.01
CA SER A 10 12.75 -9.17 -0.88
C SER A 10 12.91 -9.71 -2.30
N THR A 11 12.00 -10.60 -2.73
CA THR A 11 11.98 -11.15 -4.08
C THR A 11 10.57 -11.51 -4.48
N LEU A 12 10.20 -11.30 -5.74
CA LEU A 12 8.88 -11.65 -6.22
C LEU A 12 9.00 -12.54 -7.46
N GLN A 13 8.41 -13.74 -7.40
CA GLN A 13 8.30 -14.66 -8.51
C GLN A 13 6.86 -15.11 -8.70
N VAL A 14 6.64 -15.88 -9.77
CA VAL A 14 5.31 -16.37 -10.15
C VAL A 14 5.23 -17.85 -9.81
N SER A 15 4.04 -18.28 -9.38
CA SER A 15 3.80 -19.67 -9.01
C SER A 15 3.10 -20.41 -10.14
N ASP A 16 3.74 -21.46 -10.64
CA ASP A 16 3.14 -22.30 -11.66
C ASP A 16 2.08 -23.22 -11.05
N VAL A 17 1.04 -23.50 -11.84
CA VAL A 17 -0.07 -24.32 -11.36
C VAL A 17 0.38 -25.77 -11.18
N ASP A 18 1.13 -26.30 -12.16
CA ASP A 18 1.54 -27.70 -12.10
C ASP A 18 2.54 -27.95 -10.97
N LYS A 19 3.52 -27.07 -10.82
CA LYS A 19 4.51 -27.23 -9.77
C LYS A 19 3.87 -27.08 -8.39
N LEU A 20 4.13 -28.04 -7.51
CA LEU A 20 3.61 -28.03 -6.15
C LEU A 20 4.76 -27.81 -5.19
N VAL A 21 4.77 -26.65 -4.52
CA VAL A 21 5.80 -26.29 -3.56
C VAL A 21 5.18 -26.30 -2.17
N CYS A 22 5.70 -27.15 -1.29
CA CYS A 22 5.21 -27.22 0.08
C CYS A 22 5.75 -26.08 0.95
N ARG A 23 6.69 -25.29 0.44
CA ARG A 23 7.24 -24.20 1.22
C ARG A 23 6.23 -23.08 1.41
N ASP A 24 5.40 -22.83 0.39
CA ASP A 24 4.41 -21.76 0.47
C ASP A 24 3.37 -22.10 1.52
N LYS A 25 3.07 -21.13 2.39
CA LYS A 25 2.11 -21.32 3.48
C LYS A 25 1.01 -20.28 3.35
N LEU A 26 -0.23 -20.75 3.30
CA LEU A 26 -1.40 -19.88 3.31
C LEU A 26 -2.14 -20.12 4.62
N SER A 27 -2.04 -19.16 5.54
CA SER A 27 -2.66 -19.33 6.86
C SER A 27 -4.14 -19.00 6.82
N SER A 28 -4.53 -17.98 6.05
CA SER A 28 -5.91 -17.53 6.02
C SER A 28 -6.20 -16.89 4.67
N THR A 29 -7.49 -16.69 4.39
CA THR A 29 -7.92 -16.06 3.15
C THR A 29 -7.58 -14.57 3.11
N ASN A 30 -7.34 -13.95 4.26
CA ASN A 30 -7.01 -12.53 4.30
C ASN A 30 -5.70 -12.26 3.57
N GLN A 31 -4.81 -13.26 3.52
CA GLN A 31 -3.54 -13.11 2.81
C GLN A 31 -3.77 -12.78 1.33
N LEU A 32 -4.74 -13.44 0.70
CA LEU A 32 -4.98 -13.23 -0.72
C LEU A 32 -5.58 -11.85 -0.97
N ARG A 33 -5.07 -11.14 -1.97
CA ARG A 33 -5.57 -9.82 -2.29
C ARG A 33 -5.59 -9.61 -3.79
N SER A 34 -6.58 -8.83 -4.25
CA SER A 34 -6.68 -8.41 -5.64
C SER A 34 -6.30 -6.93 -5.71
N VAL A 35 -5.32 -6.62 -6.56
CA VAL A 35 -4.78 -5.27 -6.67
C VAL A 35 -4.97 -4.80 -8.11
N GLY A 36 -5.70 -3.69 -8.27
CA GLY A 36 -5.78 -3.03 -9.55
C GLY A 36 -4.61 -2.06 -9.75
N LEU A 37 -4.14 -1.98 -11.00
CA LEU A 37 -3.06 -1.08 -11.39
C LEU A 37 -3.49 -0.37 -12.65
N ASN A 38 -3.39 0.96 -12.66
CA ASN A 38 -3.87 1.72 -13.80
C ASN A 38 -2.89 1.62 -14.97
N LEU A 39 -3.44 1.57 -16.19
CA LEU A 39 -2.59 1.54 -17.37
C LEU A 39 -1.97 2.91 -17.63
N GLU A 40 -2.62 3.98 -17.17
CA GLU A 40 -2.12 5.33 -17.39
C GLU A 40 -0.74 5.55 -16.75
N GLY A 41 -0.54 5.03 -15.53
CA GLY A 41 0.72 5.26 -14.85
C GLY A 41 1.92 4.58 -15.48
N ASN A 42 1.72 3.44 -16.13
CA ASN A 42 2.82 2.69 -16.70
C ASN A 42 2.92 2.88 -18.22
N GLY A 43 3.90 3.68 -18.64
CA GLY A 43 4.34 3.65 -20.03
C GLY A 43 3.47 4.26 -21.10
N VAL A 44 2.50 5.12 -20.77
CA VAL A 44 1.72 5.76 -21.83
C VAL A 44 1.51 7.23 -21.54
N ALA A 45 1.39 8.00 -22.63
CA ALA A 45 1.12 9.44 -22.56
C ALA A 45 -0.35 9.66 -22.24
N THR A 46 -0.63 10.52 -21.27
CA THR A 46 -1.99 10.79 -20.84
C THR A 46 -2.51 12.05 -21.54
N ASP A 47 -3.44 11.86 -22.46
CA ASP A 47 -4.06 12.98 -23.18
C ASP A 47 -5.44 12.55 -23.65
N VAL A 48 -6.36 13.52 -23.72
CA VAL A 48 -7.73 13.22 -24.13
C VAL A 48 -7.81 12.63 -25.54
N PRO A 49 -7.15 13.18 -26.56
CA PRO A 49 -7.31 12.60 -27.91
C PRO A 49 -6.90 11.15 -28.02
N SER A 50 -5.86 10.73 -27.30
CA SER A 50 -5.41 9.34 -27.37
C SER A 50 -6.37 8.40 -26.66
N ALA A 51 -7.06 8.89 -25.63
CA ALA A 51 -7.99 8.05 -24.89
C ALA A 51 -9.15 7.61 -25.76
N THR A 52 -9.64 8.51 -26.64
CA THR A 52 -10.76 8.17 -27.51
C THR A 52 -10.40 7.09 -28.51
N LYS A 53 -9.14 7.05 -28.95
CA LYS A 53 -8.71 6.02 -29.89
C LYS A 53 -8.78 4.64 -29.27
N ARG A 54 -8.46 4.53 -27.98
CA ARG A 54 -8.42 3.22 -27.34
C ARG A 54 -9.81 2.64 -27.11
N TRP A 55 -10.79 3.48 -26.84
CA TRP A 55 -12.15 3.01 -26.62
C TRP A 55 -12.89 2.82 -27.94
N GLY A 56 -13.75 1.80 -27.99
CA GLY A 56 -14.56 1.55 -29.16
C GLY A 56 -15.84 0.82 -28.79
N PHE A 57 -16.85 0.97 -29.65
CA PHE A 57 -18.16 0.39 -29.41
C PHE A 57 -18.31 -0.95 -30.13
N ARG A 58 -18.97 -1.90 -29.46
CA ARG A 58 -19.17 -3.24 -29.98
C ARG A 58 -20.48 -3.79 -29.44
N SER A 59 -21.18 -4.58 -30.25
CA SER A 59 -22.43 -5.23 -29.87
C SER A 59 -22.25 -6.75 -29.83
N GLY A 60 -23.32 -7.42 -29.43
CA GLY A 60 -23.35 -8.87 -29.35
C GLY A 60 -22.50 -9.48 -28.25
N VAL A 61 -21.80 -8.67 -27.47
CA VAL A 61 -20.93 -9.14 -26.40
C VAL A 61 -21.49 -8.64 -25.08
N PRO A 62 -21.89 -9.52 -24.16
CA PRO A 62 -22.42 -9.05 -22.89
C PRO A 62 -21.31 -8.50 -22.01
N PRO A 63 -21.60 -7.51 -21.18
CA PRO A 63 -20.57 -6.96 -20.29
C PRO A 63 -20.30 -7.86 -19.11
N LYS A 64 -19.06 -7.79 -18.62
CA LYS A 64 -18.63 -8.56 -17.46
C LYS A 64 -17.95 -7.62 -16.46
N VAL A 65 -18.22 -7.85 -15.19
CA VAL A 65 -17.71 -7.01 -14.11
C VAL A 65 -16.96 -7.88 -13.11
N VAL A 66 -15.78 -7.43 -12.70
CA VAL A 66 -14.97 -8.13 -11.72
C VAL A 66 -14.54 -7.11 -10.67
N ASN A 67 -14.51 -7.53 -9.41
CA ASN A 67 -14.18 -6.63 -8.31
C ASN A 67 -12.68 -6.64 -8.06
N TYR A 68 -12.14 -5.50 -7.69
CA TYR A 68 -10.74 -5.38 -7.32
C TYR A 68 -10.67 -4.64 -5.98
N GLU A 69 -10.00 -5.27 -5.03
CA GLU A 69 -9.97 -4.77 -3.65
C GLU A 69 -8.96 -3.64 -3.47
N ALA A 70 -7.82 -3.71 -4.14
CA ALA A 70 -6.75 -2.72 -4.00
C ALA A 70 -6.61 -1.93 -5.28
N GLY A 71 -6.24 -0.65 -5.13
CA GLY A 71 -6.13 0.24 -6.27
C GLY A 71 -5.04 1.28 -6.07
N GLU A 72 -4.79 2.03 -7.13
CA GLU A 72 -3.72 3.01 -7.19
C GLU A 72 -4.29 4.40 -7.46
N TRP A 73 -3.68 5.42 -6.86
CA TRP A 73 -4.07 6.79 -7.14
C TRP A 73 -3.92 7.09 -8.64
N ALA A 74 -4.96 7.66 -9.23
CA ALA A 74 -4.97 7.97 -10.65
C ALA A 74 -4.76 9.46 -10.83
N GLU A 75 -3.81 9.82 -11.69
CA GLU A 75 -3.57 11.23 -11.99
C GLU A 75 -4.64 11.79 -12.91
N ASN A 76 -5.07 11.02 -13.90
CA ASN A 76 -6.06 11.44 -14.87
C ASN A 76 -7.24 10.47 -14.85
N CYS A 77 -8.45 11.02 -14.83
CA CYS A 77 -9.68 10.23 -14.87
C CYS A 77 -10.64 10.85 -15.88
N TYR A 78 -11.54 10.03 -16.40
CA TYR A 78 -12.41 10.41 -17.50
C TYR A 78 -13.87 10.25 -17.09
N ASN A 79 -14.66 11.29 -17.36
CA ASN A 79 -16.11 11.26 -17.21
C ASN A 79 -16.71 11.51 -18.59
N LEU A 80 -17.66 10.68 -18.98
CA LEU A 80 -18.20 10.67 -20.34
C LEU A 80 -19.68 11.02 -20.34
N GLU A 81 -20.04 12.07 -21.07
CA GLU A 81 -21.41 12.32 -21.49
C GLU A 81 -21.43 12.29 -23.00
N ILE A 82 -22.03 11.25 -23.58
CA ILE A 82 -21.97 11.00 -25.01
C ILE A 82 -23.36 10.67 -25.50
N LYS A 83 -23.82 11.41 -26.52
CA LYS A 83 -25.13 11.19 -27.13
C LYS A 83 -24.96 11.08 -28.64
N LYS A 84 -26.06 10.78 -29.33
CA LYS A 84 -26.07 10.60 -30.78
C LYS A 84 -26.64 11.85 -31.42
N PRO A 85 -26.70 11.93 -32.76
CA PRO A 85 -27.33 13.11 -33.38
C PRO A 85 -28.80 13.28 -33.02
N ASP A 86 -29.50 12.19 -32.69
CA ASP A 86 -30.90 12.28 -32.28
C ASP A 86 -31.07 12.57 -30.78
N GLY A 87 -29.98 12.71 -30.04
CA GLY A 87 -30.05 12.99 -28.62
C GLY A 87 -30.12 11.77 -27.72
N SER A 88 -30.17 10.56 -28.29
CA SER A 88 -30.20 9.35 -27.48
C SER A 88 -28.86 9.12 -26.80
N GLU A 89 -28.89 8.43 -25.66
CA GLU A 89 -27.71 8.23 -24.85
C GLU A 89 -26.95 7.00 -25.34
N CYS A 90 -25.67 7.20 -25.68
CA CYS A 90 -24.84 6.10 -26.16
C CYS A 90 -24.50 5.12 -25.04
N LEU A 91 -24.18 5.63 -23.85
CA LEU A 91 -23.74 4.79 -22.74
C LEU A 91 -24.91 4.43 -21.83
N PRO A 92 -24.88 3.24 -21.24
CA PRO A 92 -25.94 2.86 -20.31
C PRO A 92 -25.77 3.51 -18.94
N ALA A 93 -26.86 3.58 -18.20
CA ALA A 93 -26.82 4.14 -16.86
C ALA A 93 -26.03 3.21 -15.93
N ALA A 94 -25.38 3.82 -14.95
CA ALA A 94 -24.56 3.05 -14.02
C ALA A 94 -25.46 2.18 -13.15
N PRO A 95 -25.17 0.89 -13.01
CA PRO A 95 -26.00 0.03 -12.17
C PRO A 95 -25.79 0.33 -10.69
N ASP A 96 -26.73 -0.14 -9.88
CA ASP A 96 -26.64 0.05 -8.44
C ASP A 96 -25.43 -0.67 -7.87
N GLY A 97 -24.78 -0.03 -6.89
CA GLY A 97 -23.58 -0.57 -6.27
C GLY A 97 -22.29 -0.19 -6.97
N ILE A 98 -22.36 0.49 -8.10
CA ILE A 98 -21.18 0.91 -8.85
C ILE A 98 -21.04 2.42 -8.68
N ARG A 99 -19.83 2.86 -8.33
CA ARG A 99 -19.57 4.27 -8.08
C ARG A 99 -18.32 4.69 -8.85
N GLY A 100 -18.10 6.00 -8.90
CA GLY A 100 -16.94 6.52 -9.60
C GLY A 100 -15.64 6.14 -8.91
N PHE A 101 -14.54 6.45 -9.59
CA PHE A 101 -13.22 6.12 -9.04
C PHE A 101 -12.96 6.93 -7.79
N PRO A 102 -12.51 6.31 -6.69
CA PRO A 102 -12.38 7.06 -5.43
C PRO A 102 -11.32 8.14 -5.46
N ARG A 103 -10.14 7.88 -6.02
CA ARG A 103 -9.03 8.83 -5.99
C ARG A 103 -8.71 9.27 -7.41
N CYS A 104 -9.05 10.52 -7.72
CA CYS A 104 -8.70 11.13 -9.01
C CYS A 104 -8.22 12.54 -8.74
N ARG A 105 -6.98 12.84 -9.10
CA ARG A 105 -6.47 14.19 -8.89
C ARG A 105 -7.03 15.15 -9.93
N TYR A 106 -7.22 14.68 -11.16
CA TYR A 106 -7.80 15.50 -12.22
C TYR A 106 -8.83 14.66 -12.96
N VAL A 107 -10.05 15.20 -13.09
CA VAL A 107 -11.13 14.53 -13.79
C VAL A 107 -11.44 15.34 -15.04
N HIS A 108 -11.15 14.78 -16.20
CA HIS A 108 -11.41 15.44 -17.48
C HIS A 108 -12.84 15.12 -17.92
N LYS A 109 -13.67 16.16 -18.05
CA LYS A 109 -15.01 15.98 -18.58
C LYS A 109 -14.98 15.88 -20.09
N VAL A 110 -15.72 14.93 -20.63
CA VAL A 110 -15.86 14.77 -22.07
C VAL A 110 -17.35 14.74 -22.40
N SER A 111 -17.84 15.79 -23.07
CA SER A 111 -19.21 15.87 -23.55
C SER A 111 -19.16 16.10 -25.05
N GLY A 112 -19.58 15.11 -25.84
CA GLY A 112 -19.51 15.25 -27.28
C GLY A 112 -20.48 14.36 -28.00
N THR A 113 -20.70 14.68 -29.27
CA THR A 113 -21.55 13.91 -30.16
C THR A 113 -20.71 12.88 -30.89
N GLY A 114 -21.24 11.66 -31.02
CA GLY A 114 -20.54 10.60 -31.69
C GLY A 114 -21.48 9.63 -32.37
N PRO A 115 -20.95 8.87 -33.34
CA PRO A 115 -21.81 7.93 -34.07
C PRO A 115 -22.29 6.77 -33.22
N CYS A 116 -21.45 6.22 -32.35
CA CYS A 116 -21.82 5.16 -31.43
C CYS A 116 -22.42 3.99 -32.17
N ALA A 117 -21.58 3.21 -32.85
CA ALA A 117 -22.02 2.01 -33.56
C ALA A 117 -21.89 0.84 -32.59
N GLY A 118 -23.03 0.30 -32.18
CA GLY A 118 -23.07 -0.75 -31.20
C GLY A 118 -23.67 -0.28 -29.88
N ASP A 119 -24.05 -1.26 -29.06
CA ASP A 119 -24.72 -0.98 -27.79
C ASP A 119 -23.74 -0.57 -26.69
N PHE A 120 -22.60 -1.25 -26.57
CA PHE A 120 -21.66 -0.99 -25.48
C PHE A 120 -20.31 -0.59 -26.03
N ALA A 121 -19.51 0.06 -25.18
CA ALA A 121 -18.19 0.53 -25.53
C ALA A 121 -17.12 -0.32 -24.85
N PHE A 122 -16.19 -0.84 -25.64
CA PHE A 122 -15.13 -1.71 -25.15
C PHE A 122 -13.77 -1.12 -25.46
N HIS A 123 -12.76 -1.58 -24.73
CA HIS A 123 -11.39 -1.12 -24.90
C HIS A 123 -10.68 -1.95 -25.95
N LYS A 124 -10.04 -1.29 -26.92
CA LYS A 124 -9.37 -2.02 -28.00
C LYS A 124 -8.20 -2.84 -27.47
N GLU A 125 -7.37 -2.23 -26.61
CA GLU A 125 -6.23 -2.94 -26.06
C GLU A 125 -6.64 -4.01 -25.05
N GLY A 126 -7.87 -3.95 -24.55
CA GLY A 126 -8.34 -4.92 -23.58
C GLY A 126 -8.21 -4.50 -22.14
N ALA A 127 -7.80 -3.27 -21.88
CA ALA A 127 -7.66 -2.81 -20.51
C ALA A 127 -9.03 -2.61 -19.87
N PHE A 128 -9.16 -3.01 -18.62
CA PHE A 128 -10.42 -2.85 -17.92
C PHE A 128 -10.66 -1.39 -17.55
N PHE A 129 -11.93 -1.03 -17.40
CA PHE A 129 -12.33 0.30 -16.96
C PHE A 129 -12.54 0.25 -15.45
N LEU A 130 -11.71 0.98 -14.72
CA LEU A 130 -11.79 0.95 -13.27
C LEU A 130 -13.01 1.73 -12.78
N TYR A 131 -13.55 1.27 -11.66
CA TYR A 131 -14.72 1.87 -11.02
C TYR A 131 -14.47 1.74 -9.53
N ASP A 132 -15.51 1.88 -8.71
CA ASP A 132 -15.29 1.81 -7.28
C ASP A 132 -15.33 0.33 -6.90
N ARG A 133 -14.15 -0.23 -6.67
CA ARG A 133 -13.92 -1.63 -6.29
C ARG A 133 -14.60 -2.61 -7.25
N LEU A 134 -14.88 -2.18 -8.48
CA LEU A 134 -15.43 -3.05 -9.52
C LEU A 134 -14.78 -2.70 -10.85
N ALA A 135 -14.14 -3.67 -11.48
CA ALA A 135 -13.60 -3.47 -12.82
C ALA A 135 -14.60 -3.97 -13.84
N SER A 136 -14.89 -3.14 -14.85
CA SER A 136 -15.89 -3.46 -15.86
C SER A 136 -15.30 -3.28 -17.24
N THR A 137 -15.79 -4.11 -18.18
CA THR A 137 -15.31 -4.05 -19.56
C THR A 137 -16.03 -2.99 -20.40
N VAL A 138 -17.17 -2.49 -19.94
CA VAL A 138 -17.93 -1.49 -20.67
C VAL A 138 -17.96 -0.21 -19.86
N ILE A 139 -18.03 0.91 -20.57
CA ILE A 139 -18.11 2.23 -19.93
C ILE A 139 -19.55 2.51 -19.51
N TYR A 140 -19.70 3.25 -18.42
CA TYR A 140 -21.00 3.65 -17.93
C TYR A 140 -21.12 5.17 -17.95
N ARG A 141 -22.33 5.65 -18.24
CA ARG A 141 -22.56 7.08 -18.41
C ARG A 141 -22.41 7.81 -17.09
N GLY A 142 -21.77 8.98 -17.14
CA GLY A 142 -21.68 9.84 -15.97
C GLY A 142 -20.96 9.22 -14.79
N THR A 143 -19.99 8.36 -15.04
CA THR A 143 -19.24 7.70 -13.97
C THR A 143 -17.75 7.90 -14.20
N THR A 144 -17.08 8.47 -13.21
CA THR A 144 -15.64 8.69 -13.31
C THR A 144 -14.91 7.35 -13.26
N PHE A 145 -14.00 7.14 -14.22
CA PHE A 145 -13.31 5.87 -14.33
C PHE A 145 -11.86 6.10 -14.73
N ALA A 146 -11.06 5.06 -14.54
CA ALA A 146 -9.67 5.04 -14.98
C ALA A 146 -9.41 3.74 -15.73
N GLU A 147 -8.41 3.77 -16.61
CA GLU A 147 -8.02 2.58 -17.36
C GLU A 147 -6.98 1.81 -16.55
N GLY A 148 -7.28 0.56 -16.24
CA GLY A 148 -6.40 -0.23 -15.39
C GLY A 148 -6.60 -1.71 -15.57
N VAL A 149 -5.72 -2.46 -14.91
CA VAL A 149 -5.73 -3.91 -14.97
C VAL A 149 -5.59 -4.47 -13.55
N VAL A 150 -6.06 -5.70 -13.37
CA VAL A 150 -6.18 -6.32 -12.06
C VAL A 150 -5.21 -7.48 -11.95
N ALA A 151 -4.63 -7.66 -10.76
CA ALA A 151 -3.73 -8.76 -10.49
C ALA A 151 -4.13 -9.44 -9.19
N PHE A 152 -3.70 -10.69 -9.04
CA PHE A 152 -4.00 -11.49 -7.85
C PHE A 152 -2.69 -11.99 -7.28
N LEU A 153 -2.43 -11.66 -6.01
CA LEU A 153 -1.15 -12.01 -5.38
C LEU A 153 -1.40 -12.54 -3.97
N ILE A 154 -0.39 -13.23 -3.45
CA ILE A 154 -0.40 -13.77 -2.09
C ILE A 154 0.54 -12.91 -1.25
N LEU A 155 0.03 -12.43 -0.10
CA LEU A 155 0.68 -11.49 0.82
C LEU A 155 1.27 -12.23 2.00
N PRO A 156 2.53 -11.96 2.34
CA PRO A 156 3.15 -12.65 3.48
C PRO A 156 2.71 -12.09 4.82
N GLN A 157 2.63 -13.01 5.80
CA GLN A 157 2.18 -12.65 7.14
C GLN A 157 3.31 -12.06 7.99
N ALA A 158 4.52 -12.60 7.88
CA ALA A 158 5.59 -12.30 8.84
C ALA A 158 5.86 -10.81 8.93
N LYS A 159 5.95 -10.16 7.78
CA LYS A 159 6.17 -8.72 7.69
C LYS A 159 5.04 -8.15 6.85
N LYS A 160 4.68 -6.89 7.06
CA LYS A 160 3.57 -6.33 6.27
C LYS A 160 4.14 -5.37 5.24
N ASP A 161 4.07 -5.77 3.98
CA ASP A 161 4.50 -4.91 2.91
C ASP A 161 3.27 -4.19 2.36
N PHE A 162 2.13 -4.88 2.36
CA PHE A 162 0.88 -4.35 1.82
C PHE A 162 -0.21 -4.52 2.86
N PHE A 163 -0.85 -3.41 3.21
CA PHE A 163 -2.04 -3.41 4.07
C PHE A 163 -1.74 -3.99 5.44
N ALA B 6 18.17 3.09 -16.92
CA ALA B 6 17.98 3.15 -18.37
C ALA B 6 16.60 2.67 -18.76
N GLN B 7 15.79 2.30 -17.77
CA GLN B 7 14.42 1.84 -18.00
C GLN B 7 13.47 2.56 -17.04
N PRO B 8 13.33 3.89 -17.15
CA PRO B 8 12.36 4.60 -16.30
C PRO B 8 10.99 4.72 -16.96
N LYS B 9 10.48 3.62 -17.53
CA LYS B 9 9.10 3.57 -17.98
C LYS B 9 8.15 3.21 -16.85
N CYS B 10 8.54 2.22 -16.05
CA CYS B 10 7.85 1.87 -14.81
C CYS B 10 7.99 3.00 -13.79
N ASN B 11 6.98 3.13 -12.94
CA ASN B 11 7.02 4.14 -11.88
C ASN B 11 7.39 3.43 -10.59
N PRO B 12 8.59 3.66 -10.04
CA PRO B 12 8.99 2.92 -8.82
C PRO B 12 8.19 3.30 -7.58
N ASN B 13 7.52 4.46 -7.57
CA ASN B 13 6.70 4.86 -6.44
C ASN B 13 5.26 4.46 -6.72
N LEU B 14 4.69 3.67 -5.81
CA LEU B 14 3.30 3.22 -5.91
C LEU B 14 2.52 3.83 -4.75
N HIS B 15 1.65 4.80 -5.05
CA HIS B 15 0.75 5.39 -4.07
C HIS B 15 -0.62 4.76 -4.29
N TYR B 16 -1.05 3.95 -3.34
CA TYR B 16 -2.21 3.07 -3.51
C TYR B 16 -3.36 3.50 -2.61
N TRP B 17 -4.57 3.45 -3.19
CA TRP B 17 -5.80 3.59 -2.43
C TRP B 17 -6.37 2.20 -2.19
N THR B 18 -6.85 1.97 -0.98
CA THR B 18 -7.34 0.65 -0.61
C THR B 18 -8.38 0.80 0.48
N THR B 19 -8.96 -0.32 0.88
CA THR B 19 -9.89 -0.35 1.99
C THR B 19 -9.17 -0.84 3.24
N GLN B 20 -9.89 -0.85 4.35
CA GLN B 20 -9.31 -1.14 5.66
C GLN B 20 -9.97 -2.37 6.23
N ASP B 21 -9.18 -3.41 6.49
CA ASP B 21 -9.74 -4.66 7.01
C ASP B 21 -9.88 -4.60 8.52
N GLU B 22 -8.78 -4.79 9.24
CA GLU B 22 -8.75 -4.65 10.69
C GLU B 22 -8.13 -3.33 11.16
N GLY B 23 -7.82 -2.43 10.24
CA GLY B 23 -7.10 -1.19 10.53
C GLY B 23 -7.58 -0.43 11.75
N ALA B 24 -8.89 -0.37 11.95
CA ALA B 24 -9.48 0.36 13.08
C ALA B 24 -10.08 -0.68 14.02
N ALA B 25 -9.47 -0.81 15.20
CA ALA B 25 -9.88 -1.75 16.22
C ALA B 25 -10.97 -1.21 17.15
N ILE B 26 -11.42 0.03 16.93
CA ILE B 26 -12.42 0.63 17.81
C ILE B 26 -13.82 0.13 17.48
N GLY B 27 -14.71 0.24 18.47
CA GLY B 27 -16.08 -0.21 18.32
C GLY B 27 -17.21 0.81 18.41
N LEU B 28 -16.91 2.10 18.44
CA LEU B 28 -18.01 3.07 18.51
C LEU B 28 -18.32 3.75 17.17
N ALA B 29 -17.71 3.28 16.09
CA ALA B 29 -17.95 3.91 14.79
C ALA B 29 -18.43 3.01 13.64
N TRP B 30 -18.38 1.69 13.81
CA TRP B 30 -18.81 0.82 12.72
C TRP B 30 -20.27 1.04 12.31
N ILE B 31 -21.09 1.61 13.18
CA ILE B 31 -22.50 1.82 12.82
C ILE B 31 -22.60 2.72 11.61
N PRO B 32 -23.38 2.36 10.58
CA PRO B 32 -23.39 3.16 9.35
C PRO B 32 -23.99 4.55 9.52
N TYR B 33 -24.90 4.73 10.48
CA TYR B 33 -25.54 6.04 10.63
C TYR B 33 -24.51 7.09 11.06
N PHE B 34 -23.71 6.78 12.07
CA PHE B 34 -22.66 7.68 12.51
C PHE B 34 -21.33 7.40 11.82
N GLY B 35 -21.29 6.40 10.94
CA GLY B 35 -20.08 6.01 10.25
C GLY B 35 -19.65 7.02 9.19
N PRO B 36 -18.41 6.87 8.70
CA PRO B 36 -17.92 7.79 7.69
C PRO B 36 -18.58 7.55 6.35
N ALA B 37 -18.49 8.55 5.48
CA ALA B 37 -19.08 8.47 4.15
C ALA B 37 -18.31 7.47 3.28
N ALA B 38 -18.99 7.01 2.23
CA ALA B 38 -18.40 6.01 1.33
C ALA B 38 -17.12 6.52 0.70
N GLU B 39 -17.00 7.83 0.49
CA GLU B 39 -15.80 8.39 -0.14
C GLU B 39 -14.62 8.38 0.82
N GLY B 40 -14.87 8.47 2.12
CA GLY B 40 -13.83 8.62 3.12
C GLY B 40 -13.39 7.35 3.82
N ILE B 41 -13.99 6.20 3.51
CA ILE B 41 -13.64 4.96 4.19
C ILE B 41 -12.26 4.46 3.80
N TYR B 42 -11.77 4.85 2.63
CA TYR B 42 -10.52 4.29 2.10
C TYR B 42 -9.31 4.82 2.87
N ILE B 43 -8.27 4.01 2.91
CA ILE B 43 -7.00 4.38 3.54
C ILE B 43 -5.92 4.39 2.47
N GLU B 44 -4.92 5.26 2.66
CA GLU B 44 -3.86 5.45 1.69
C GLU B 44 -2.53 4.93 2.22
N GLY B 45 -1.69 4.46 1.30
CA GLY B 45 -0.36 3.99 1.64
C GLY B 45 0.58 4.16 0.47
N LEU B 46 1.87 4.18 0.77
CA LEU B 46 2.90 4.44 -0.23
C LEU B 46 4.03 3.43 -0.07
N MET B 47 4.45 2.84 -1.20
CA MET B 47 5.58 1.93 -1.25
C MET B 47 6.65 2.57 -2.13
N HIS B 48 7.88 2.62 -1.64
CA HIS B 48 8.95 3.37 -2.28
C HIS B 48 10.29 2.72 -1.97
N ASN B 49 11.31 3.20 -2.68
CA ASN B 49 12.71 2.79 -2.53
C ASN B 49 12.92 1.32 -2.87
N GLN B 50 12.02 0.75 -3.69
CA GLN B 50 12.20 -0.60 -4.20
C GLN B 50 11.81 -0.62 -5.67
N ASP B 51 12.76 -0.98 -6.54
CA ASP B 51 12.50 -1.04 -7.96
C ASP B 51 11.79 -2.33 -8.37
N GLY B 52 12.15 -3.45 -7.73
CA GLY B 52 11.65 -4.74 -8.18
C GLY B 52 10.19 -4.99 -7.87
N LEU B 53 9.77 -4.71 -6.63
CA LEU B 53 8.42 -5.07 -6.21
C LEU B 53 7.36 -4.29 -6.98
N ILE B 54 7.60 -3.02 -7.24
CA ILE B 54 6.57 -2.19 -7.87
C ILE B 54 6.44 -2.52 -9.35
N CYS B 55 7.56 -2.64 -10.04
CA CYS B 55 7.53 -2.87 -11.49
C CYS B 55 6.99 -4.26 -11.81
N GLY B 56 7.34 -5.26 -10.99
CA GLY B 56 6.83 -6.60 -11.21
C GLY B 56 5.33 -6.69 -11.05
N LEU B 57 4.77 -5.88 -10.15
CA LEU B 57 3.31 -5.88 -9.97
C LEU B 57 2.60 -5.42 -11.23
N ARG B 58 3.10 -4.35 -11.85
CA ARG B 58 2.52 -3.88 -13.10
C ARG B 58 2.73 -4.90 -14.22
N GLN B 59 3.79 -5.70 -14.14
CA GLN B 59 4.07 -6.72 -15.15
C GLN B 59 3.06 -7.86 -15.08
N LEU B 60 2.68 -8.28 -13.88
CA LEU B 60 1.82 -9.45 -13.74
C LEU B 60 0.39 -9.16 -14.19
N ALA B 61 -0.15 -7.98 -13.82
CA ALA B 61 -1.54 -7.68 -14.12
C ALA B 61 -1.77 -7.52 -15.62
N ASN B 62 -0.82 -6.93 -16.33
CA ASN B 62 -0.92 -6.83 -17.78
C ASN B 62 -0.97 -8.21 -18.41
N GLU B 63 -0.21 -9.17 -17.88
CA GLU B 63 -0.26 -10.53 -18.39
C GLU B 63 -1.47 -11.29 -17.86
N THR B 64 -1.90 -10.99 -16.63
CA THR B 64 -3.08 -11.64 -16.07
C THR B 64 -4.34 -11.26 -16.83
N THR B 65 -4.37 -10.05 -17.41
CA THR B 65 -5.55 -9.58 -18.13
C THR B 65 -5.94 -10.53 -19.25
N GLN B 66 -4.95 -11.13 -19.92
CA GLN B 66 -5.23 -12.08 -20.99
C GLN B 66 -6.06 -13.25 -20.49
N ALA B 67 -5.57 -13.96 -19.48
CA ALA B 67 -6.28 -15.12 -18.96
C ALA B 67 -7.57 -14.74 -18.26
N LEU B 68 -7.62 -13.55 -17.64
CA LEU B 68 -8.82 -13.13 -16.93
C LEU B 68 -9.99 -12.87 -17.88
N GLN B 69 -9.70 -12.34 -19.07
CA GLN B 69 -10.76 -12.06 -20.03
C GLN B 69 -11.48 -13.33 -20.46
N LEU B 70 -10.74 -14.42 -20.68
CA LEU B 70 -11.36 -15.67 -21.07
C LEU B 70 -12.28 -16.21 -19.97
N PHE B 71 -11.95 -15.95 -18.71
CA PHE B 71 -12.80 -16.40 -17.62
C PHE B 71 -14.11 -15.61 -17.57
N LEU B 72 -14.04 -14.28 -17.72
CA LEU B 72 -15.25 -13.47 -17.64
C LEU B 72 -16.21 -13.77 -18.79
N ARG B 73 -15.66 -14.06 -19.98
CA ARG B 73 -16.51 -14.39 -21.12
C ARG B 73 -17.21 -15.73 -20.92
N ALA B 74 -16.53 -16.68 -20.27
CA ALA B 74 -17.10 -18.01 -20.09
C ALA B 74 -18.21 -18.00 -19.04
N THR B 75 -18.04 -17.23 -17.97
CA THR B 75 -19.02 -17.19 -16.91
C THR B 75 -20.17 -16.26 -17.28
N THR B 76 -21.39 -16.67 -16.94
CA THR B 76 -22.58 -15.88 -17.19
C THR B 76 -22.87 -14.87 -16.10
N GLU B 77 -22.14 -14.95 -14.98
CA GLU B 77 -22.33 -13.98 -13.90
C GLU B 77 -21.99 -12.57 -14.37
N LEU B 78 -22.87 -11.62 -14.07
CA LEU B 78 -22.58 -10.23 -14.37
C LEU B 78 -21.43 -9.72 -13.53
N ARG B 79 -21.38 -10.12 -12.26
CA ARG B 79 -20.31 -9.74 -11.33
C ARG B 79 -19.82 -10.99 -10.63
N THR B 80 -18.54 -11.31 -10.81
CA THR B 80 -17.94 -12.51 -10.23
C THR B 80 -16.99 -12.09 -9.13
N PHE B 81 -17.37 -12.35 -7.88
CA PHE B 81 -16.53 -12.06 -6.73
C PHE B 81 -15.80 -13.29 -6.22
N SER B 82 -16.04 -14.46 -6.81
CA SER B 82 -15.49 -15.72 -6.33
C SER B 82 -14.17 -16.09 -6.97
N ILE B 83 -13.60 -15.23 -7.82
CA ILE B 83 -12.34 -15.55 -8.49
C ILE B 83 -11.23 -15.76 -7.47
N LEU B 84 -11.12 -14.85 -6.50
CA LEU B 84 -10.06 -14.96 -5.51
C LEU B 84 -10.31 -16.13 -4.56
N ASN B 85 -11.58 -16.32 -4.15
CA ASN B 85 -11.89 -17.40 -3.24
C ASN B 85 -11.70 -18.77 -3.90
N ARG B 86 -11.94 -18.87 -5.20
CA ARG B 86 -11.74 -20.15 -5.89
C ARG B 86 -10.27 -20.53 -5.88
N LYS B 87 -9.37 -19.55 -5.97
CA LYS B 87 -7.94 -19.82 -5.95
C LYS B 87 -7.52 -20.47 -4.64
N ALA B 88 -8.11 -20.04 -3.53
CA ALA B 88 -7.81 -20.65 -2.24
C ALA B 88 -8.25 -22.10 -2.20
N ILE B 89 -9.36 -22.42 -2.87
CA ILE B 89 -9.81 -23.81 -2.92
C ILE B 89 -8.84 -24.66 -3.72
N ASP B 90 -8.39 -24.15 -4.88
CA ASP B 90 -7.44 -24.88 -5.68
C ASP B 90 -6.13 -25.10 -4.94
N PHE B 91 -5.72 -24.13 -4.12
CA PHE B 91 -4.50 -24.27 -3.34
C PHE B 91 -4.55 -25.49 -2.44
N LEU B 92 -5.65 -25.67 -1.72
CA LEU B 92 -5.78 -26.82 -0.84
C LEU B 92 -6.01 -28.11 -1.62
N LEU B 93 -6.74 -28.03 -2.73
CA LEU B 93 -7.07 -29.25 -3.49
C LEU B 93 -5.84 -29.88 -4.12
N GLN B 94 -4.85 -29.08 -4.53
CA GLN B 94 -3.68 -29.63 -5.20
C GLN B 94 -2.84 -30.46 -4.24
N ARG B 95 -2.75 -30.05 -2.97
CA ARG B 95 -1.93 -30.75 -2.00
C ARG B 95 -2.67 -31.92 -1.38
N TRP B 96 -3.74 -31.63 -0.63
CA TRP B 96 -4.44 -32.64 0.17
C TRP B 96 -5.62 -33.27 -0.54
N GLY B 97 -5.85 -32.94 -1.82
CA GLY B 97 -7.00 -33.49 -2.53
C GLY B 97 -6.94 -35.01 -2.65
N GLY B 98 -5.77 -35.53 -3.03
CA GLY B 98 -5.59 -36.96 -3.17
C GLY B 98 -4.97 -37.59 -1.94
N THR B 99 -4.66 -38.88 -2.06
CA THR B 99 -4.00 -39.60 -0.98
C THR B 99 -2.64 -38.99 -0.71
N CYS B 100 -2.39 -38.60 0.54
CA CYS B 100 -1.17 -37.90 0.92
C CYS B 100 -0.19 -38.93 1.45
N HIS B 101 0.89 -39.15 0.71
CA HIS B 101 1.90 -40.15 1.06
C HIS B 101 3.05 -39.51 1.83
N ILE B 102 3.40 -40.10 2.97
CA ILE B 102 4.51 -39.57 3.76
C ILE B 102 5.80 -39.66 2.97
N LEU B 103 6.60 -38.59 3.02
CA LEU B 103 7.86 -38.48 2.28
C LEU B 103 7.64 -38.52 0.77
N GLY B 104 6.47 -38.04 0.32
CA GLY B 104 6.20 -37.95 -1.09
C GLY B 104 6.41 -36.55 -1.65
N PRO B 105 6.60 -36.44 -2.97
CA PRO B 105 6.77 -35.10 -3.56
C PRO B 105 5.50 -34.26 -3.54
N ASP B 106 4.34 -34.84 -3.86
CA ASP B 106 3.10 -34.08 -3.90
C ASP B 106 2.53 -33.85 -2.51
N CYS B 107 2.64 -34.83 -1.64
CA CYS B 107 2.16 -34.72 -0.28
C CYS B 107 3.08 -33.84 0.56
N CYS B 108 2.49 -32.93 1.34
CA CYS B 108 3.30 -32.09 2.21
C CYS B 108 3.20 -32.67 3.61
N ILE B 109 4.18 -33.51 3.96
CA ILE B 109 4.31 -34.10 5.29
C ILE B 109 5.79 -34.30 5.56
N GLU B 110 6.28 -33.81 6.69
CA GLU B 110 7.65 -34.07 7.10
C GLU B 110 7.67 -34.77 8.45
N PRO B 111 8.29 -35.95 8.57
CA PRO B 111 8.37 -36.63 9.87
C PRO B 111 9.50 -36.09 10.74
N SER C 1 -10.59 -11.83 12.76
CA SER C 1 -11.62 -11.68 11.74
C SER C 1 -13.02 -11.74 12.34
N ILE C 2 -13.98 -12.23 11.57
CA ILE C 2 -15.36 -12.34 12.06
C ILE C 2 -15.42 -13.39 13.17
N PRO C 3 -16.01 -13.09 14.32
CA PRO C 3 -16.04 -14.08 15.40
C PRO C 3 -16.88 -15.30 15.03
N LEU C 4 -16.40 -16.47 15.43
CA LEU C 4 -17.08 -17.73 15.15
C LEU C 4 -17.09 -18.56 16.42
N GLY C 5 -18.28 -18.83 16.94
CA GLY C 5 -18.42 -19.63 18.15
C GLY C 5 -18.48 -21.12 17.88
N VAL C 6 -17.97 -21.90 18.83
CA VAL C 6 -18.01 -23.36 18.75
C VAL C 6 -18.71 -23.89 20.00
N ILE C 7 -19.43 -24.99 19.83
CA ILE C 7 -20.16 -25.63 20.93
C ILE C 7 -19.58 -27.03 21.12
N HIS C 8 -18.91 -27.25 22.23
CA HIS C 8 -18.31 -28.56 22.46
C HIS C 8 -19.37 -29.55 22.89
N ASN C 9 -19.89 -29.44 24.12
CA ASN C 9 -21.12 -30.14 24.45
C ASN C 9 -22.01 -29.20 25.26
N SER C 10 -23.18 -28.87 24.70
CA SER C 10 -24.22 -28.08 25.37
C SER C 10 -23.68 -26.84 26.07
N THR C 11 -22.58 -26.29 25.55
CA THR C 11 -22.00 -25.05 26.03
C THR C 11 -21.32 -24.36 24.86
N LEU C 12 -21.46 -23.04 24.80
CA LEU C 12 -20.83 -22.27 23.72
C LEU C 12 -19.59 -21.57 24.26
N GLN C 13 -18.44 -21.84 23.64
CA GLN C 13 -17.22 -21.12 23.89
C GLN C 13 -16.65 -20.65 22.55
N VAL C 14 -15.81 -19.63 22.59
CA VAL C 14 -15.25 -19.05 21.38
C VAL C 14 -13.76 -19.33 21.32
N SER C 15 -13.28 -19.67 20.14
CA SER C 15 -11.88 -19.97 19.88
C SER C 15 -11.22 -18.77 19.20
N ASP C 16 -10.10 -18.32 19.74
CA ASP C 16 -9.37 -17.23 19.11
C ASP C 16 -8.74 -17.70 17.80
N VAL C 17 -8.60 -16.76 16.86
CA VAL C 17 -8.15 -17.09 15.51
C VAL C 17 -6.71 -17.59 15.52
N ASP C 18 -5.84 -16.98 16.34
CA ASP C 18 -4.44 -17.36 16.34
C ASP C 18 -4.23 -18.80 16.82
N LYS C 19 -4.99 -19.21 17.83
CA LYS C 19 -4.84 -20.57 18.34
C LYS C 19 -5.47 -21.58 17.39
N LEU C 20 -4.96 -22.81 17.43
CA LEU C 20 -5.39 -23.87 16.53
C LEU C 20 -5.66 -25.13 17.34
N VAL C 21 -6.92 -25.56 17.36
CA VAL C 21 -7.33 -26.76 18.07
C VAL C 21 -7.71 -27.82 17.04
N CYS C 22 -6.98 -28.93 17.05
CA CYS C 22 -7.26 -30.03 16.13
C CYS C 22 -8.44 -30.88 16.59
N ARG C 23 -8.81 -30.82 17.87
CA ARG C 23 -9.96 -31.58 18.34
C ARG C 23 -11.25 -31.08 17.70
N ASP C 24 -11.31 -29.81 17.33
CA ASP C 24 -12.47 -29.29 16.62
C ASP C 24 -12.57 -29.96 15.25
N LYS C 25 -13.76 -30.43 14.91
CA LYS C 25 -13.99 -31.16 13.67
C LYS C 25 -15.07 -30.47 12.86
N LEU C 26 -14.76 -30.17 11.60
CA LEU C 26 -15.74 -29.67 10.64
C LEU C 26 -15.92 -30.76 9.59
N SER C 27 -17.05 -31.46 9.65
CA SER C 27 -17.30 -32.57 8.73
C SER C 27 -17.83 -32.09 7.39
N SER C 28 -18.71 -31.10 7.39
CA SER C 28 -19.35 -30.65 6.17
C SER C 28 -19.76 -29.20 6.33
N THR C 29 -20.24 -28.61 5.22
CA THR C 29 -20.73 -27.24 5.25
C THR C 29 -22.04 -27.11 6.01
N ASN C 30 -22.79 -28.19 6.17
CA ASN C 30 -24.06 -28.13 6.87
C ASN C 30 -23.90 -27.78 8.35
N GLN C 31 -22.76 -28.11 8.95
CA GLN C 31 -22.54 -27.78 10.35
C GLN C 31 -22.64 -26.27 10.58
N LEU C 32 -22.00 -25.50 9.71
CA LEU C 32 -22.02 -24.04 9.84
C LEU C 32 -23.37 -23.49 9.40
N ARG C 33 -24.00 -22.69 10.26
CA ARG C 33 -25.25 -22.02 9.92
C ARG C 33 -25.33 -20.69 10.64
N SER C 34 -25.93 -19.71 9.97
CA SER C 34 -26.03 -18.35 10.48
C SER C 34 -27.40 -18.13 11.12
N VAL C 35 -27.41 -17.65 12.35
CA VAL C 35 -28.64 -17.49 13.13
C VAL C 35 -28.80 -16.02 13.50
N GLY C 36 -29.93 -15.44 13.08
CA GLY C 36 -30.32 -14.13 13.54
C GLY C 36 -31.11 -14.20 14.84
N LEU C 37 -30.93 -13.18 15.69
CA LEU C 37 -31.62 -13.09 16.96
C LEU C 37 -32.26 -11.71 17.10
N ASN C 38 -33.55 -11.69 17.41
CA ASN C 38 -34.32 -10.46 17.51
C ASN C 38 -34.03 -9.72 18.81
N LEU C 39 -34.19 -8.40 18.76
CA LEU C 39 -33.95 -7.56 19.94
C LEU C 39 -34.97 -7.79 21.05
N GLU C 40 -36.12 -8.39 20.74
CA GLU C 40 -37.12 -8.63 21.78
C GLU C 40 -36.53 -9.45 22.93
N GLY C 41 -35.66 -10.41 22.60
CA GLY C 41 -35.01 -11.22 23.61
C GLY C 41 -34.08 -10.45 24.52
N ASN C 42 -33.63 -9.27 24.08
CA ASN C 42 -32.65 -8.47 24.80
C ASN C 42 -33.29 -7.47 25.74
N GLY C 43 -34.61 -7.52 25.90
CA GLY C 43 -35.27 -6.72 26.92
C GLY C 43 -35.42 -5.26 26.58
N VAL C 44 -35.31 -4.90 25.31
CA VAL C 44 -35.50 -3.52 24.86
C VAL C 44 -36.98 -3.31 24.62
N ALA C 45 -37.41 -2.05 24.74
CA ALA C 45 -38.82 -1.73 24.57
C ALA C 45 -39.23 -1.84 23.10
N THR C 46 -40.32 -2.57 22.86
CA THR C 46 -40.84 -2.81 21.52
C THR C 46 -41.94 -1.82 21.12
N ASP C 47 -42.23 -0.84 21.97
CA ASP C 47 -43.27 0.13 21.68
C ASP C 47 -42.91 0.96 20.44
N VAL C 48 -43.96 1.38 19.73
CA VAL C 48 -43.75 2.18 18.51
C VAL C 48 -42.97 3.47 18.77
N PRO C 49 -43.30 4.28 19.79
CA PRO C 49 -42.56 5.54 19.95
C PRO C 49 -41.06 5.37 20.14
N SER C 50 -40.62 4.32 20.83
CA SER C 50 -39.19 4.11 21.02
C SER C 50 -38.52 3.57 19.76
N ALA C 51 -39.24 2.78 18.96
CA ALA C 51 -38.64 2.20 17.76
C ALA C 51 -38.35 3.27 16.72
N THR C 52 -39.27 4.23 16.53
CA THR C 52 -39.06 5.26 15.52
C THR C 52 -37.94 6.21 15.94
N LYS C 53 -37.69 6.35 17.24
CA LYS C 53 -36.58 7.19 17.68
C LYS C 53 -35.24 6.53 17.41
N ARG C 54 -35.17 5.21 17.49
CA ARG C 54 -33.90 4.52 17.24
C ARG C 54 -33.50 4.60 15.78
N TRP C 55 -34.47 4.61 14.87
CA TRP C 55 -34.18 4.69 13.45
C TRP C 55 -33.94 6.14 13.04
N GLY C 56 -33.04 6.32 12.08
CA GLY C 56 -32.74 7.65 11.57
C GLY C 56 -32.27 7.58 10.14
N PHE C 57 -32.42 8.70 9.44
CA PHE C 57 -32.09 8.78 8.02
C PHE C 57 -30.66 9.30 7.84
N ARG C 58 -29.97 8.72 6.87
CA ARG C 58 -28.59 9.08 6.58
C ARG C 58 -28.33 8.88 5.09
N SER C 59 -27.50 9.74 4.53
CA SER C 59 -27.11 9.66 3.12
C SER C 59 -25.62 9.34 3.02
N GLY C 60 -25.15 9.19 1.78
CA GLY C 60 -23.77 8.90 1.51
C GLY C 60 -23.30 7.50 1.89
N VAL C 61 -24.17 6.67 2.43
CA VAL C 61 -23.82 5.32 2.86
C VAL C 61 -24.59 4.33 1.99
N PRO C 62 -23.91 3.48 1.21
CA PRO C 62 -24.64 2.52 0.39
C PRO C 62 -25.22 1.42 1.24
N PRO C 63 -26.35 0.83 0.83
CA PRO C 63 -26.94 -0.26 1.61
C PRO C 63 -26.18 -1.57 1.41
N LYS C 64 -26.22 -2.39 2.45
CA LYS C 64 -25.56 -3.69 2.44
C LYS C 64 -26.54 -4.76 2.90
N VAL C 65 -26.48 -5.92 2.26
CA VAL C 65 -27.40 -7.03 2.54
C VAL C 65 -26.58 -8.27 2.89
N VAL C 66 -26.96 -8.95 3.97
CA VAL C 66 -26.34 -10.19 4.41
C VAL C 66 -27.42 -11.23 4.67
N ASN C 67 -27.15 -12.48 4.30
CA ASN C 67 -28.12 -13.55 4.43
C ASN C 67 -27.97 -14.30 5.75
N TYR C 68 -29.10 -14.71 6.32
CA TYR C 68 -29.14 -15.52 7.53
C TYR C 68 -30.12 -16.66 7.32
N GLU C 69 -29.68 -17.89 7.63
CA GLU C 69 -30.53 -19.05 7.35
C GLU C 69 -31.59 -19.24 8.42
N ALA C 70 -31.26 -19.02 9.69
CA ALA C 70 -32.17 -19.26 10.79
C ALA C 70 -32.58 -17.95 11.46
N GLY C 71 -33.82 -17.91 11.95
CA GLY C 71 -34.36 -16.72 12.57
C GLY C 71 -35.32 -17.10 13.68
N GLU C 72 -35.76 -16.09 14.42
CA GLU C 72 -36.56 -16.30 15.63
C GLU C 72 -37.93 -15.66 15.47
N TRP C 73 -38.95 -16.32 16.03
CA TRP C 73 -40.30 -15.76 16.03
C TRP C 73 -40.33 -14.43 16.77
N ALA C 74 -40.90 -13.42 16.12
CA ALA C 74 -40.97 -12.08 16.67
C ALA C 74 -42.39 -11.78 17.14
N GLU C 75 -42.52 -11.28 18.37
CA GLU C 75 -43.84 -10.89 18.87
C GLU C 75 -44.29 -9.58 18.23
N ASN C 76 -43.37 -8.64 18.03
CA ASN C 76 -43.69 -7.34 17.46
C ASN C 76 -42.88 -7.13 16.19
N CYS C 77 -43.56 -6.68 15.14
CA CYS C 77 -42.93 -6.38 13.86
C CYS C 77 -43.48 -5.05 13.35
N TYR C 78 -42.69 -4.39 12.51
CA TYR C 78 -43.01 -3.05 12.04
C TYR C 78 -43.07 -3.01 10.52
N ASN C 79 -44.15 -2.42 10.00
CA ASN C 79 -44.29 -2.12 8.59
C ASN C 79 -44.45 -0.62 8.45
N LEU C 80 -43.68 -0.02 7.54
CA LEU C 80 -43.59 1.43 7.43
C LEU C 80 -44.09 1.89 6.08
N GLU C 81 -45.11 2.77 6.10
CA GLU C 81 -45.48 3.60 4.97
C GLU C 81 -45.33 5.05 5.42
N ILE C 82 -44.34 5.75 4.89
CA ILE C 82 -44.00 7.09 5.35
C ILE C 82 -43.81 7.98 4.14
N LYS C 83 -44.52 9.11 4.11
CA LYS C 83 -44.41 10.07 3.04
C LYS C 83 -44.18 11.46 3.63
N LYS C 84 -43.84 12.40 2.77
CA LYS C 84 -43.56 13.78 3.18
C LYS C 84 -44.73 14.68 2.82
N PRO C 85 -44.69 15.98 3.17
CA PRO C 85 -45.79 16.87 2.74
C PRO C 85 -45.90 17.00 1.23
N ASP C 86 -44.82 16.80 0.49
CA ASP C 86 -44.89 16.85 -0.96
C ASP C 86 -45.30 15.52 -1.59
N GLY C 87 -45.51 14.49 -0.77
CA GLY C 87 -45.94 13.19 -1.26
C GLY C 87 -44.82 12.26 -1.67
N SER C 88 -43.55 12.71 -1.63
CA SER C 88 -42.45 11.85 -2.01
C SER C 88 -42.20 10.78 -0.95
N GLU C 89 -41.72 9.63 -1.39
CA GLU C 89 -41.48 8.50 -0.52
C GLU C 89 -40.04 8.55 -0.01
N CYS C 90 -39.87 8.57 1.32
CA CYS C 90 -38.53 8.58 1.89
C CYS C 90 -37.86 7.23 1.71
N LEU C 91 -38.63 6.11 1.87
CA LEU C 91 -38.00 4.80 1.80
C LEU C 91 -38.08 4.23 0.38
N PRO C 92 -37.08 3.47 -0.03
CA PRO C 92 -37.08 2.87 -1.36
C PRO C 92 -37.98 1.66 -1.45
N ALA C 93 -38.37 1.34 -2.68
CA ALA C 93 -39.18 0.15 -2.94
C ALA C 93 -38.36 -1.11 -2.66
N ALA C 94 -39.05 -2.16 -2.25
CA ALA C 94 -38.39 -3.41 -1.92
C ALA C 94 -37.78 -4.04 -3.18
N PRO C 95 -36.51 -4.44 -3.14
CA PRO C 95 -35.90 -5.06 -4.31
C PRO C 95 -36.43 -6.46 -4.55
N ASP C 96 -36.19 -6.96 -5.76
CA ASP C 96 -36.62 -8.30 -6.11
C ASP C 96 -35.93 -9.33 -5.24
N GLY C 97 -36.67 -10.37 -4.85
CA GLY C 97 -36.15 -11.40 -3.99
C GLY C 97 -36.24 -11.14 -2.50
N ILE C 98 -36.69 -9.95 -2.10
CA ILE C 98 -36.80 -9.58 -0.69
C ILE C 98 -38.27 -9.58 -0.29
N ARG C 99 -38.58 -10.23 0.83
CA ARG C 99 -39.94 -10.33 1.32
C ARG C 99 -39.97 -10.01 2.81
N GLY C 100 -41.17 -9.80 3.33
CA GLY C 100 -41.35 -9.47 4.73
C GLY C 100 -40.97 -10.61 5.66
N PHE C 101 -40.96 -10.29 6.95
CA PHE C 101 -40.60 -11.27 7.96
C PHE C 101 -41.64 -12.39 7.98
N PRO C 102 -41.22 -13.65 7.96
CA PRO C 102 -42.21 -14.75 7.86
C PRO C 102 -43.10 -14.90 9.09
N ARG C 103 -42.54 -14.82 10.30
CA ARG C 103 -43.30 -15.10 11.52
C ARG C 103 -43.38 -13.81 12.34
N CYS C 104 -44.57 -13.22 12.40
CA CYS C 104 -44.81 -12.04 13.22
C CYS C 104 -46.17 -12.18 13.89
N ARG C 105 -46.19 -12.01 15.21
CA ARG C 105 -47.46 -12.04 15.94
C ARG C 105 -48.22 -10.73 15.80
N TYR C 106 -47.51 -9.60 15.84
CA TYR C 106 -48.11 -8.28 15.71
C TYR C 106 -47.34 -7.48 14.68
N VAL C 107 -48.05 -6.92 13.70
CA VAL C 107 -47.47 -6.07 12.67
C VAL C 107 -47.99 -4.66 12.88
N HIS C 108 -47.11 -3.76 13.31
CA HIS C 108 -47.48 -2.37 13.54
C HIS C 108 -47.36 -1.59 12.25
N LYS C 109 -48.44 -0.91 11.86
CA LYS C 109 -48.46 -0.08 10.66
C LYS C 109 -48.53 1.38 11.09
N VAL C 110 -47.50 2.16 10.73
CA VAL C 110 -47.40 3.55 11.11
C VAL C 110 -47.30 4.38 9.83
N SER C 111 -48.33 5.19 9.56
CA SER C 111 -48.34 6.08 8.41
C SER C 111 -48.47 7.52 8.90
N GLY C 112 -47.42 8.30 8.69
CA GLY C 112 -47.40 9.70 9.11
C GLY C 112 -46.40 10.46 8.28
N THR C 113 -46.54 11.78 8.28
CA THR C 113 -45.64 12.63 7.54
C THR C 113 -44.49 13.10 8.41
N GLY C 114 -43.27 12.96 7.90
CA GLY C 114 -42.09 13.48 8.57
C GLY C 114 -40.97 13.74 7.59
N PRO C 115 -40.07 14.67 7.95
CA PRO C 115 -38.92 14.94 7.10
C PRO C 115 -37.90 13.81 7.18
N CYS C 116 -37.27 13.51 6.04
CA CYS C 116 -36.16 12.57 6.00
C CYS C 116 -34.90 13.36 5.62
N ALA C 117 -33.91 13.33 6.52
CA ALA C 117 -32.65 14.03 6.31
C ALA C 117 -31.62 13.19 5.57
N GLY C 118 -32.02 12.01 5.10
CA GLY C 118 -31.11 11.12 4.41
C GLY C 118 -31.89 10.34 3.36
N ASP C 119 -31.14 9.71 2.46
CA ASP C 119 -31.77 8.92 1.41
C ASP C 119 -32.26 7.59 1.94
N PHE C 120 -31.49 6.95 2.82
CA PHE C 120 -31.85 5.68 3.41
C PHE C 120 -31.90 5.83 4.92
N ALA C 121 -32.60 4.91 5.57
CA ALA C 121 -32.77 4.92 7.02
C ALA C 121 -31.95 3.80 7.64
N PHE C 122 -31.11 4.16 8.60
CA PHE C 122 -30.23 3.22 9.27
C PHE C 122 -30.56 3.19 10.76
N HIS C 123 -30.14 2.13 11.42
CA HIS C 123 -30.37 2.00 12.85
C HIS C 123 -29.21 2.66 13.60
N LYS C 124 -29.55 3.55 14.53
CA LYS C 124 -28.52 4.28 15.27
C LYS C 124 -27.70 3.33 16.13
N GLU C 125 -28.35 2.38 16.81
CA GLU C 125 -27.63 1.41 17.63
C GLU C 125 -26.84 0.42 16.80
N GLY C 126 -27.11 0.33 15.50
CA GLY C 126 -26.40 -0.57 14.61
C GLY C 126 -27.06 -1.91 14.38
N ALA C 127 -28.26 -2.13 14.90
CA ALA C 127 -28.95 -3.40 14.70
C ALA C 127 -29.42 -3.54 13.26
N PHE C 128 -29.29 -4.75 12.72
CA PHE C 128 -29.75 -5.02 11.36
C PHE C 128 -31.28 -5.10 11.31
N PHE C 129 -31.82 -4.82 10.13
CA PHE C 129 -33.26 -4.93 9.88
C PHE C 129 -33.53 -6.30 9.25
N LEU C 130 -34.29 -7.12 9.96
CA LEU C 130 -34.58 -8.47 9.51
C LEU C 130 -35.57 -8.47 8.34
N TYR C 131 -35.39 -9.44 7.45
CA TYR C 131 -36.22 -9.66 6.27
C TYR C 131 -36.27 -11.17 6.07
N ASP C 132 -36.68 -11.62 4.89
CA ASP C 132 -36.75 -13.05 4.64
C ASP C 132 -35.36 -13.49 4.20
N ARG C 133 -34.63 -14.09 5.15
CA ARG C 133 -33.28 -14.62 4.97
C ARG C 133 -32.33 -13.63 4.29
N LEU C 134 -32.62 -12.33 4.40
CA LEU C 134 -31.73 -11.28 3.91
C LEU C 134 -31.74 -10.17 4.95
N ALA C 135 -30.60 -9.90 5.58
CA ALA C 135 -30.49 -8.81 6.54
C ALA C 135 -29.92 -7.57 5.86
N SER C 136 -30.57 -6.43 6.05
CA SER C 136 -30.19 -5.19 5.42
C SER C 136 -30.06 -4.09 6.47
N THR C 137 -29.15 -3.15 6.20
CA THR C 137 -28.93 -2.01 7.09
C THR C 137 -29.91 -0.88 6.84
N VAL C 138 -30.64 -0.91 5.73
CA VAL C 138 -31.59 0.15 5.37
C VAL C 138 -33.00 -0.42 5.37
N ILE C 139 -33.96 0.44 5.71
CA ILE C 139 -35.37 0.06 5.72
C ILE C 139 -35.92 0.16 4.30
N TYR C 140 -36.87 -0.72 3.99
CA TYR C 140 -37.55 -0.72 2.70
C TYR C 140 -39.04 -0.49 2.89
N ARG C 141 -39.64 0.21 1.94
CA ARG C 141 -41.04 0.61 2.05
C ARG C 141 -41.97 -0.60 1.95
N GLY C 142 -43.01 -0.59 2.79
CA GLY C 142 -44.06 -1.59 2.72
C GLY C 142 -43.61 -3.01 2.93
N THR C 143 -42.56 -3.22 3.72
CA THR C 143 -42.05 -4.57 4.00
C THR C 143 -41.93 -4.75 5.50
N THR C 144 -42.59 -5.77 6.03
CA THR C 144 -42.55 -6.04 7.46
C THR C 144 -41.16 -6.53 7.86
N PHE C 145 -40.62 -5.95 8.93
CA PHE C 145 -39.27 -6.26 9.36
C PHE C 145 -39.22 -6.36 10.88
N ALA C 146 -38.13 -6.93 11.38
CA ALA C 146 -37.86 -7.01 12.80
C ALA C 146 -36.45 -6.52 13.07
N GLU C 147 -36.23 -6.06 14.30
CA GLU C 147 -34.91 -5.58 14.71
C GLU C 147 -34.11 -6.74 15.28
N GLY C 148 -32.95 -7.03 14.67
CA GLY C 148 -32.16 -8.16 15.08
C GLY C 148 -30.71 -8.06 14.66
N VAL C 149 -29.92 -9.01 15.14
CA VAL C 149 -28.49 -9.12 14.86
C VAL C 149 -28.20 -10.58 14.52
N VAL C 150 -27.11 -10.80 13.79
CA VAL C 150 -26.79 -12.09 13.22
C VAL C 150 -25.52 -12.65 13.87
N ALA C 151 -25.50 -13.97 14.08
CA ALA C 151 -24.34 -14.65 14.64
C ALA C 151 -24.02 -15.90 13.81
N PHE C 152 -22.77 -16.35 13.94
CA PHE C 152 -22.28 -17.53 13.23
C PHE C 152 -21.65 -18.48 14.24
N LEU C 153 -22.12 -19.73 14.26
CA LEU C 153 -21.66 -20.73 15.21
C LEU C 153 -21.38 -22.04 14.49
N ILE C 154 -20.58 -22.88 15.15
CA ILE C 154 -20.22 -24.20 14.64
C ILE C 154 -20.95 -25.26 15.45
N LEU C 155 -21.67 -26.16 14.80
CA LEU C 155 -22.38 -27.21 15.52
C LEU C 155 -21.83 -28.61 15.23
N PRO C 156 -21.46 -29.34 16.29
CA PRO C 156 -20.95 -30.71 16.18
C PRO C 156 -22.11 -31.69 16.17
N GLN C 157 -22.85 -31.72 15.07
CA GLN C 157 -24.01 -32.58 14.91
C GLN C 157 -23.82 -34.09 14.92
N ALA C 158 -22.75 -34.58 14.30
CA ALA C 158 -22.57 -36.02 14.20
C ALA C 158 -21.24 -36.42 14.80
N LYS C 159 -21.28 -37.46 15.62
CA LYS C 159 -20.08 -37.98 16.25
C LYS C 159 -20.27 -39.40 16.78
N PRO D 8 -28.68 -7.50 31.86
CA PRO D 8 -29.22 -7.71 30.51
C PRO D 8 -30.31 -8.77 30.48
N LYS D 9 -31.49 -8.40 30.00
CA LYS D 9 -32.61 -9.34 29.93
C LYS D 9 -32.36 -10.39 28.85
N CYS D 10 -32.55 -11.65 29.20
CA CYS D 10 -32.42 -12.77 28.27
C CYS D 10 -33.67 -13.62 28.28
N ASN D 11 -33.97 -14.21 27.13
CA ASN D 11 -35.10 -15.11 26.99
C ASN D 11 -34.59 -16.54 27.01
N PRO D 12 -34.84 -17.32 28.06
CA PRO D 12 -34.31 -18.69 28.10
C PRO D 12 -34.95 -19.61 27.08
N ASN D 13 -36.13 -19.27 26.57
CA ASN D 13 -36.79 -20.07 25.54
C ASN D 13 -36.48 -19.45 24.18
N LEU D 14 -35.94 -20.26 23.28
CA LEU D 14 -35.65 -19.84 21.92
C LEU D 14 -36.57 -20.59 20.96
N HIS D 15 -37.54 -19.89 20.40
CA HIS D 15 -38.40 -20.44 19.36
C HIS D 15 -37.91 -19.91 18.02
N TYR D 16 -37.29 -20.76 17.22
CA TYR D 16 -36.65 -20.34 16.00
C TYR D 16 -37.32 -21.00 14.80
N TRP D 17 -37.56 -20.21 13.77
CA TRP D 17 -37.98 -20.72 12.47
C TRP D 17 -36.80 -20.76 11.53
N THR D 18 -36.66 -21.87 10.81
CA THR D 18 -35.56 -22.03 9.86
C THR D 18 -35.97 -23.06 8.82
N THR D 19 -35.21 -23.10 7.73
CA THR D 19 -35.33 -24.15 6.73
C THR D 19 -34.09 -25.04 6.78
N GLN D 20 -34.28 -26.34 6.65
CA GLN D 20 -33.16 -27.27 6.61
C GLN D 20 -33.27 -28.12 5.35
N ASP D 21 -32.21 -28.11 4.54
CA ASP D 21 -32.18 -28.90 3.32
C ASP D 21 -32.11 -30.39 3.64
N GLU D 22 -31.18 -30.79 4.50
CA GLU D 22 -30.90 -32.20 4.72
C GLU D 22 -31.90 -32.85 5.67
N GLY D 23 -32.50 -32.08 6.58
CA GLY D 23 -33.26 -32.70 7.66
C GLY D 23 -34.54 -33.37 7.21
N ALA D 24 -35.35 -32.66 6.43
CA ALA D 24 -36.61 -33.20 5.92
C ALA D 24 -36.61 -33.18 4.40
N ALA D 25 -36.53 -34.36 3.78
CA ALA D 25 -36.68 -34.47 2.34
C ALA D 25 -37.95 -35.31 2.14
N ILE D 26 -39.05 -34.63 1.85
CA ILE D 26 -40.35 -35.29 1.80
C ILE D 26 -40.65 -35.86 0.42
N GLY D 27 -40.36 -35.12 -0.64
CA GLY D 27 -40.68 -35.57 -1.99
C GLY D 27 -42.02 -35.03 -2.47
N LEU D 28 -42.11 -34.87 -3.80
CA LEU D 28 -43.29 -34.37 -4.50
C LEU D 28 -43.61 -32.92 -4.16
N ALA D 29 -42.90 -32.34 -3.19
CA ALA D 29 -43.07 -30.92 -2.91
C ALA D 29 -42.06 -30.07 -3.67
N TRP D 30 -41.11 -30.71 -4.35
CA TRP D 30 -40.11 -29.99 -5.12
C TRP D 30 -40.66 -29.46 -6.43
N ILE D 31 -41.72 -30.07 -6.94
CA ILE D 31 -42.28 -29.66 -8.23
C ILE D 31 -42.73 -28.21 -8.15
N PRO D 32 -42.34 -27.37 -9.11
CA PRO D 32 -42.60 -25.93 -8.97
C PRO D 32 -44.08 -25.56 -9.03
N TYR D 33 -44.90 -26.31 -9.78
CA TYR D 33 -46.31 -25.96 -9.88
C TYR D 33 -47.05 -26.19 -8.57
N PHE D 34 -46.86 -27.36 -7.96
CA PHE D 34 -47.52 -27.74 -6.72
C PHE D 34 -46.72 -27.42 -5.47
N GLY D 35 -45.59 -26.73 -5.59
CA GLY D 35 -44.76 -26.47 -4.44
C GLY D 35 -45.44 -25.60 -3.41
N PRO D 36 -44.86 -25.56 -2.21
CA PRO D 36 -45.51 -24.85 -1.09
C PRO D 36 -45.45 -23.34 -1.26
N ALA D 37 -46.35 -22.67 -0.52
CA ALA D 37 -46.42 -21.22 -0.54
C ALA D 37 -45.23 -20.62 0.19
N ALA D 38 -44.94 -19.35 -0.14
CA ALA D 38 -43.80 -18.67 0.45
C ALA D 38 -43.92 -18.56 1.97
N GLU D 39 -45.14 -18.40 2.47
CA GLU D 39 -45.33 -18.25 3.92
C GLU D 39 -45.18 -19.57 4.67
N GLY D 40 -45.50 -20.69 4.03
CA GLY D 40 -45.56 -21.97 4.69
C GLY D 40 -44.36 -22.88 4.58
N ILE D 41 -43.31 -22.47 3.87
CA ILE D 41 -42.15 -23.35 3.69
C ILE D 41 -41.39 -23.54 4.99
N TYR D 42 -41.48 -22.58 5.90
CA TYR D 42 -40.66 -22.61 7.10
C TYR D 42 -41.17 -23.65 8.10
N ILE D 43 -40.25 -24.17 8.90
CA ILE D 43 -40.53 -25.16 9.94
C ILE D 43 -40.19 -24.55 11.29
N GLU D 44 -40.83 -25.08 12.33
CA GLU D 44 -40.72 -24.54 13.68
C GLU D 44 -39.87 -25.45 14.55
N GLY D 45 -39.19 -24.83 15.51
CA GLY D 45 -38.39 -25.55 16.49
C GLY D 45 -38.31 -24.76 17.77
N LEU D 46 -38.03 -25.46 18.86
CA LEU D 46 -38.04 -24.88 20.19
C LEU D 46 -36.80 -25.31 20.96
N MET D 47 -36.13 -24.34 21.58
CA MET D 47 -34.98 -24.59 22.45
C MET D 47 -35.31 -24.11 23.85
N HIS D 48 -35.11 -24.99 24.84
CA HIS D 48 -35.54 -24.72 26.20
C HIS D 48 -34.65 -25.49 27.17
N ASN D 49 -34.88 -25.26 28.46
CA ASN D 49 -34.23 -25.99 29.55
C ASN D 49 -32.72 -25.83 29.54
N GLN D 50 -32.22 -24.72 28.98
CA GLN D 50 -30.78 -24.46 28.98
C GLN D 50 -30.52 -23.00 29.32
N ASP D 51 -29.76 -22.77 30.40
CA ASP D 51 -29.43 -21.40 30.79
C ASP D 51 -28.29 -20.84 29.95
N GLY D 52 -27.26 -21.65 29.70
CA GLY D 52 -26.06 -21.18 29.03
C GLY D 52 -26.14 -20.99 27.52
N LEU D 53 -26.66 -21.99 26.82
CA LEU D 53 -26.65 -21.98 25.36
C LEU D 53 -27.58 -20.91 24.80
N ILE D 54 -28.74 -20.72 25.43
CA ILE D 54 -29.74 -19.82 24.85
C ILE D 54 -29.31 -18.37 25.04
N CYS D 55 -28.89 -18.00 26.25
CA CYS D 55 -28.52 -16.62 26.51
C CYS D 55 -27.21 -16.25 25.82
N GLY D 56 -26.26 -17.19 25.78
CA GLY D 56 -25.00 -16.92 25.13
C GLY D 56 -25.11 -16.64 23.64
N LEU D 57 -26.08 -17.27 22.98
CA LEU D 57 -26.27 -17.03 21.55
C LEU D 57 -26.64 -15.58 21.27
N ARG D 58 -27.53 -15.02 22.09
CA ARG D 58 -27.88 -13.61 21.93
C ARG D 58 -26.69 -12.70 22.22
N GLN D 59 -25.77 -13.14 23.06
CA GLN D 59 -24.58 -12.35 23.36
C GLN D 59 -23.63 -12.29 22.17
N LEU D 60 -23.51 -13.38 21.43
CA LEU D 60 -22.58 -13.43 20.30
C LEU D 60 -23.06 -12.55 19.16
N ALA D 61 -24.36 -12.59 18.85
CA ALA D 61 -24.88 -11.86 17.70
C ALA D 61 -24.78 -10.35 17.90
N ASN D 62 -25.01 -9.87 19.13
CA ASN D 62 -24.83 -8.45 19.43
C ASN D 62 -23.39 -8.02 19.18
N GLU D 63 -22.43 -8.87 19.54
CA GLU D 63 -21.02 -8.58 19.30
C GLU D 63 -20.58 -8.86 17.87
N THR D 64 -21.19 -9.86 17.21
CA THR D 64 -20.82 -10.19 15.84
C THR D 64 -21.10 -9.02 14.90
N THR D 65 -22.10 -8.20 15.22
CA THR D 65 -22.44 -7.06 14.37
C THR D 65 -21.25 -6.12 14.19
N GLN D 66 -20.42 -5.98 15.21
CA GLN D 66 -19.25 -5.11 15.12
C GLN D 66 -18.35 -5.50 13.96
N ALA D 67 -17.87 -6.75 13.97
CA ALA D 67 -16.99 -7.21 12.91
C ALA D 67 -17.73 -7.35 11.58
N LEU D 68 -19.01 -7.71 11.62
CA LEU D 68 -19.77 -7.88 10.39
C LEU D 68 -19.98 -6.56 9.68
N GLN D 69 -20.20 -5.48 10.43
CA GLN D 69 -20.42 -4.17 9.81
C GLN D 69 -19.20 -3.73 9.01
N LEU D 70 -18.00 -3.90 9.56
CA LEU D 70 -16.80 -3.53 8.84
C LEU D 70 -16.62 -4.39 7.59
N PHE D 71 -17.06 -5.65 7.64
CA PHE D 71 -16.97 -6.50 6.46
C PHE D 71 -17.97 -6.08 5.39
N LEU D 72 -19.19 -5.74 5.80
CA LEU D 72 -20.20 -5.32 4.83
C LEU D 72 -19.81 -4.01 4.17
N ARG D 73 -19.17 -3.12 4.91
CA ARG D 73 -18.69 -1.86 4.32
C ARG D 73 -17.55 -2.11 3.33
N ALA D 74 -16.70 -3.09 3.63
CA ALA D 74 -15.54 -3.35 2.78
C ALA D 74 -15.95 -3.98 1.45
N THR D 75 -16.92 -4.87 1.46
CA THR D 75 -17.34 -5.54 0.25
C THR D 75 -18.26 -4.64 -0.58
N THR D 76 -18.04 -4.65 -1.89
CA THR D 76 -18.86 -3.86 -2.80
C THR D 76 -20.13 -4.57 -3.25
N GLU D 77 -20.25 -5.86 -2.97
CA GLU D 77 -21.46 -6.60 -3.33
C GLU D 77 -22.65 -6.07 -2.55
N LEU D 78 -23.78 -5.86 -3.24
CA LEU D 78 -25.00 -5.45 -2.55
C LEU D 78 -25.49 -6.55 -1.62
N ARG D 79 -25.32 -7.81 -2.02
CA ARG D 79 -25.76 -8.97 -1.23
C ARG D 79 -24.59 -9.93 -1.13
N THR D 80 -24.15 -10.20 0.11
CA THR D 80 -22.98 -11.06 0.34
C THR D 80 -23.45 -12.38 0.95
N PHE D 81 -23.40 -13.43 0.14
CA PHE D 81 -23.70 -14.80 0.58
C PHE D 81 -22.45 -15.63 0.85
N SER D 82 -21.26 -15.07 0.65
CA SER D 82 -20.02 -15.82 0.73
C SER D 82 -19.39 -15.81 2.12
N ILE D 83 -20.06 -15.22 3.12
CA ILE D 83 -19.49 -15.16 4.46
C ILE D 83 -19.26 -16.56 5.02
N LEU D 84 -20.25 -17.44 4.85
CA LEU D 84 -20.12 -18.79 5.39
C LEU D 84 -19.05 -19.59 4.65
N ASN D 85 -18.99 -19.44 3.33
CA ASN D 85 -17.99 -20.17 2.55
C ASN D 85 -16.57 -19.73 2.87
N ARG D 86 -16.38 -18.44 3.19
CA ARG D 86 -15.05 -17.95 3.51
C ARG D 86 -14.50 -18.57 4.80
N LYS D 87 -15.35 -18.74 5.80
CA LYS D 87 -14.90 -19.32 7.07
C LYS D 87 -14.46 -20.77 6.89
N ALA D 88 -15.17 -21.53 6.05
CA ALA D 88 -14.78 -22.92 5.83
C ALA D 88 -13.41 -23.02 5.18
N ILE D 89 -13.08 -22.06 4.30
CA ILE D 89 -11.77 -22.06 3.68
C ILE D 89 -10.69 -21.72 4.71
N ASP D 90 -10.95 -20.72 5.56
CA ASP D 90 -9.96 -20.33 6.56
C ASP D 90 -9.68 -21.46 7.55
N PHE D 91 -10.72 -22.22 7.91
CA PHE D 91 -10.53 -23.36 8.81
C PHE D 91 -9.54 -24.36 8.22
N LEU D 92 -9.72 -24.69 6.95
CA LEU D 92 -8.83 -25.65 6.29
C LEU D 92 -7.45 -25.05 6.03
N LEU D 93 -7.40 -23.75 5.68
CA LEU D 93 -6.12 -23.12 5.37
C LEU D 93 -5.22 -23.02 6.59
N GLN D 94 -5.79 -22.84 7.78
CA GLN D 94 -4.97 -22.65 8.97
C GLN D 94 -4.20 -23.91 9.34
N ARG D 95 -4.81 -25.09 9.15
CA ARG D 95 -4.17 -26.35 9.51
C ARG D 95 -3.29 -26.87 8.38
N TRP D 96 -3.90 -27.27 7.29
CA TRP D 96 -3.17 -27.89 6.19
C TRP D 96 -2.60 -26.97 5.12
N GLY D 97 -2.78 -25.67 5.27
CA GLY D 97 -2.29 -24.75 4.25
C GLY D 97 -0.80 -24.86 4.01
N GLY D 98 -0.02 -24.91 5.08
CA GLY D 98 1.42 -25.05 4.98
C GLY D 98 1.88 -26.49 5.15
N THR D 99 3.20 -26.66 5.17
CA THR D 99 3.78 -27.97 5.39
C THR D 99 3.40 -28.50 6.76
N CYS D 100 2.85 -29.71 6.79
CA CYS D 100 2.36 -30.32 8.02
C CYS D 100 3.47 -31.20 8.60
N HIS D 101 4.00 -30.80 9.75
CA HIS D 101 5.08 -31.54 10.39
C HIS D 101 4.49 -32.51 11.40
N ILE D 102 4.91 -33.77 11.33
CA ILE D 102 4.37 -34.79 12.22
C ILE D 102 4.70 -34.44 13.67
N LEU D 103 3.70 -34.60 14.55
CA LEU D 103 3.81 -34.28 15.97
C LEU D 103 4.07 -32.79 16.20
N GLY D 104 3.55 -31.94 15.32
CA GLY D 104 3.68 -30.51 15.48
C GLY D 104 2.45 -29.87 16.09
N PRO D 105 2.62 -28.66 16.64
CA PRO D 105 1.46 -27.97 17.23
C PRO D 105 0.42 -27.56 16.21
N ASP D 106 0.84 -27.02 15.07
CA ASP D 106 -0.12 -26.59 14.05
C ASP D 106 -0.66 -27.77 13.27
N CYS D 107 0.18 -28.76 13.02
CA CYS D 107 -0.21 -29.94 12.26
C CYS D 107 -1.05 -30.88 13.14
N CYS D 108 -2.12 -31.39 12.53
CA CYS D 108 -3.05 -32.29 13.19
C CYS D 108 -2.78 -33.74 12.83
N ILE D 109 -1.52 -34.15 12.90
CA ILE D 109 -1.17 -35.52 12.58
C ILE D 109 -0.68 -36.27 13.81
N GLU D 110 -1.29 -37.42 14.07
CA GLU D 110 -0.92 -38.25 15.22
C GLU D 110 -0.68 -39.68 14.75
N PRO D 111 0.53 -40.20 15.01
CA PRO D 111 0.86 -41.57 14.60
C PRO D 111 0.14 -42.62 15.43
N SER E 1 -27.57 -32.58 0.78
CA SER E 1 -26.97 -33.78 0.21
C SER E 1 -27.21 -33.85 -1.29
N ILE E 2 -26.72 -32.85 -2.02
CA ILE E 2 -26.88 -32.81 -3.47
C ILE E 2 -26.07 -33.95 -4.09
N PRO E 3 -26.65 -34.75 -4.99
CA PRO E 3 -25.92 -35.89 -5.54
C PRO E 3 -24.72 -35.45 -6.37
N LEU E 4 -23.63 -36.19 -6.22
CA LEU E 4 -22.39 -35.92 -6.95
C LEU E 4 -21.89 -37.23 -7.53
N GLY E 5 -21.87 -37.31 -8.87
CA GLY E 5 -21.36 -38.49 -9.54
C GLY E 5 -19.86 -38.40 -9.80
N VAL E 6 -19.21 -39.55 -9.77
CA VAL E 6 -17.79 -39.64 -10.08
C VAL E 6 -17.58 -40.69 -11.16
N ILE E 7 -16.62 -40.44 -12.05
CA ILE E 7 -16.24 -41.36 -13.11
C ILE E 7 -14.78 -41.70 -12.90
N HIS E 8 -14.50 -42.94 -12.52
CA HIS E 8 -13.14 -43.40 -12.29
C HIS E 8 -12.70 -44.39 -13.37
N ASN E 9 -13.35 -45.53 -13.45
CA ASN E 9 -13.04 -46.57 -14.43
C ASN E 9 -13.87 -46.45 -15.70
N SER E 10 -14.59 -45.34 -15.89
CA SER E 10 -15.62 -45.19 -16.93
C SER E 10 -16.84 -46.07 -16.64
N THR E 11 -17.13 -46.23 -15.35
CA THR E 11 -18.32 -46.90 -14.86
C THR E 11 -18.76 -46.11 -13.64
N LEU E 12 -20.07 -45.89 -13.54
CA LEU E 12 -20.57 -45.08 -12.44
C LEU E 12 -20.55 -45.86 -11.15
N GLN E 13 -19.92 -45.27 -10.13
CA GLN E 13 -19.96 -45.80 -8.79
C GLN E 13 -20.62 -44.72 -7.95
N VAL E 14 -21.15 -45.10 -6.80
CA VAL E 14 -21.95 -44.18 -6.02
C VAL E 14 -21.16 -43.71 -4.82
N SER E 15 -21.21 -42.41 -4.57
CA SER E 15 -20.55 -41.85 -3.40
C SER E 15 -21.62 -41.56 -2.36
N ASP E 16 -21.62 -42.36 -1.30
CA ASP E 16 -22.50 -42.09 -0.17
C ASP E 16 -21.87 -41.01 0.69
N VAL E 17 -22.72 -40.26 1.40
CA VAL E 17 -22.21 -39.16 2.20
C VAL E 17 -21.32 -39.68 3.33
N ASP E 18 -21.74 -40.77 3.97
CA ASP E 18 -20.95 -41.33 5.06
C ASP E 18 -19.63 -41.93 4.57
N LYS E 19 -19.62 -42.51 3.37
CA LYS E 19 -18.42 -43.17 2.88
C LYS E 19 -17.32 -42.16 2.54
N LEU E 20 -16.07 -42.60 2.69
CA LEU E 20 -14.90 -41.79 2.36
C LEU E 20 -13.94 -42.63 1.54
N VAL E 21 -13.70 -42.23 0.29
CA VAL E 21 -12.79 -42.93 -0.61
C VAL E 21 -11.55 -42.06 -0.78
N CYS E 22 -10.40 -42.58 -0.36
CA CYS E 22 -9.14 -41.88 -0.51
C CYS E 22 -8.56 -41.99 -1.91
N ARG E 23 -8.93 -43.03 -2.67
CA ARG E 23 -8.35 -43.23 -3.99
C ARG E 23 -8.75 -42.14 -4.97
N ASP E 24 -9.97 -41.60 -4.85
CA ASP E 24 -10.37 -40.48 -5.69
C ASP E 24 -9.50 -39.26 -5.40
N LYS E 25 -9.06 -38.60 -6.47
CA LYS E 25 -8.16 -37.47 -6.39
C LYS E 25 -8.83 -36.25 -6.98
N LEU E 26 -8.88 -35.16 -6.22
CA LEU E 26 -9.39 -33.89 -6.70
C LEU E 26 -8.19 -32.95 -6.78
N SER E 27 -7.72 -32.69 -8.00
CA SER E 27 -6.55 -31.86 -8.20
C SER E 27 -6.88 -30.38 -8.22
N SER E 28 -8.00 -30.01 -8.85
CA SER E 28 -8.34 -28.62 -9.04
C SER E 28 -9.85 -28.47 -9.18
N THR E 29 -10.31 -27.23 -9.11
CA THR E 29 -11.74 -26.96 -9.26
C THR E 29 -12.22 -27.19 -10.68
N ASN E 30 -11.33 -27.19 -11.67
CA ASN E 30 -11.74 -27.43 -13.04
C ASN E 30 -12.29 -28.84 -13.22
N GLN E 31 -11.85 -29.77 -12.38
CA GLN E 31 -12.35 -31.15 -12.46
C GLN E 31 -13.86 -31.20 -12.28
N LEU E 32 -14.40 -30.42 -11.34
CA LEU E 32 -15.84 -30.40 -11.12
C LEU E 32 -16.54 -29.67 -12.27
N ARG E 33 -17.66 -30.22 -12.72
CA ARG E 33 -18.36 -29.66 -13.87
C ARG E 33 -19.86 -29.93 -13.71
N SER E 34 -20.67 -29.00 -14.20
CA SER E 34 -22.12 -29.13 -14.18
C SER E 34 -22.61 -29.29 -15.61
N VAL E 35 -23.35 -30.38 -15.87
CA VAL E 35 -23.81 -30.73 -17.21
C VAL E 35 -25.33 -30.80 -17.18
N GLY E 36 -25.98 -29.99 -18.01
CA GLY E 36 -27.41 -30.11 -18.22
C GLY E 36 -27.74 -31.12 -19.31
N LEU E 37 -28.84 -31.82 -19.13
CA LEU E 37 -29.31 -32.81 -20.10
C LEU E 37 -30.77 -32.55 -20.42
N ASN E 38 -31.08 -32.45 -21.71
CA ASN E 38 -32.43 -32.11 -22.17
C ASN E 38 -33.36 -33.31 -22.06
N LEU E 39 -34.66 -33.01 -21.91
CA LEU E 39 -35.66 -34.06 -21.83
C LEU E 39 -35.81 -34.82 -23.13
N GLU E 40 -35.34 -34.26 -24.25
CA GLU E 40 -35.44 -34.94 -25.54
C GLU E 40 -34.77 -36.31 -25.48
N GLY E 41 -33.66 -36.41 -24.74
CA GLY E 41 -32.97 -37.68 -24.59
C GLY E 41 -33.78 -38.74 -23.86
N ASN E 42 -34.78 -38.34 -23.10
CA ASN E 42 -35.58 -39.26 -22.29
C ASN E 42 -36.81 -39.76 -23.02
N GLY E 43 -36.95 -39.45 -24.31
CA GLY E 43 -38.02 -40.02 -25.10
C GLY E 43 -39.36 -39.39 -24.87
N VAL E 44 -39.40 -38.19 -24.30
CA VAL E 44 -40.66 -37.47 -24.12
C VAL E 44 -41.10 -36.88 -25.45
N ALA E 45 -42.39 -36.60 -25.56
CA ALA E 45 -42.90 -36.06 -26.82
C ALA E 45 -42.35 -34.67 -27.06
N THR E 46 -41.79 -34.47 -28.25
CA THR E 46 -41.11 -33.23 -28.63
C THR E 46 -42.02 -32.27 -29.39
N ASP E 47 -43.31 -32.57 -29.47
CA ASP E 47 -44.25 -31.71 -30.18
C ASP E 47 -44.79 -30.64 -29.26
N VAL E 48 -45.12 -29.49 -29.86
CA VAL E 48 -45.58 -28.34 -29.08
C VAL E 48 -46.79 -28.66 -28.22
N PRO E 49 -47.84 -29.34 -28.71
CA PRO E 49 -49.01 -29.57 -27.85
C PRO E 49 -48.69 -30.29 -26.54
N SER E 50 -47.73 -31.21 -26.53
CA SER E 50 -47.40 -31.89 -25.28
C SER E 50 -46.60 -31.00 -24.35
N ALA E 51 -45.76 -30.12 -24.89
CA ALA E 51 -44.96 -29.25 -24.04
C ALA E 51 -45.80 -28.20 -23.32
N THR E 52 -46.77 -27.61 -24.03
CA THR E 52 -47.60 -26.58 -23.40
C THR E 52 -48.51 -27.16 -22.33
N LYS E 53 -48.85 -28.45 -22.42
CA LYS E 53 -49.69 -29.07 -21.40
C LYS E 53 -48.93 -29.30 -20.11
N ARG E 54 -47.62 -29.57 -20.19
CA ARG E 54 -46.83 -29.80 -18.99
C ARG E 54 -46.65 -28.51 -18.18
N TRP E 55 -46.61 -27.36 -18.85
CA TRP E 55 -46.43 -26.10 -18.15
C TRP E 55 -47.75 -25.61 -17.57
N GLY E 56 -47.66 -24.96 -16.41
CA GLY E 56 -48.82 -24.41 -15.74
C GLY E 56 -48.44 -23.22 -14.90
N PHE E 57 -49.43 -22.38 -14.62
CA PHE E 57 -49.20 -21.14 -13.90
C PHE E 57 -49.44 -21.33 -12.41
N ARG E 58 -48.58 -20.70 -11.61
CA ARG E 58 -48.64 -20.82 -10.15
C ARG E 58 -48.14 -19.52 -9.53
N SER E 59 -48.73 -19.15 -8.40
CA SER E 59 -48.33 -17.96 -7.66
C SER E 59 -47.75 -18.37 -6.30
N GLY E 60 -47.31 -17.38 -5.54
CA GLY E 60 -46.77 -17.59 -4.22
C GLY E 60 -45.41 -18.26 -4.15
N VAL E 61 -44.82 -18.62 -5.29
CA VAL E 61 -43.54 -19.30 -5.33
C VAL E 61 -42.53 -18.40 -6.03
N PRO E 62 -41.47 -17.95 -5.33
CA PRO E 62 -40.48 -17.10 -5.99
C PRO E 62 -39.63 -17.89 -6.95
N PRO E 63 -39.15 -17.28 -8.04
CA PRO E 63 -38.30 -17.99 -8.99
C PRO E 63 -36.88 -18.16 -8.48
N LYS E 64 -36.24 -19.24 -8.93
CA LYS E 64 -34.86 -19.56 -8.58
C LYS E 64 -34.07 -19.87 -9.85
N VAL E 65 -32.81 -19.43 -9.87
CA VAL E 65 -31.93 -19.58 -11.03
C VAL E 65 -30.67 -20.30 -10.59
N VAL E 66 -30.25 -21.30 -11.37
CA VAL E 66 -29.04 -22.06 -11.11
C VAL E 66 -28.23 -22.16 -12.40
N ASN E 67 -26.90 -22.05 -12.29
CA ASN E 67 -26.02 -22.05 -13.44
C ASN E 67 -25.52 -23.44 -13.79
N TYR E 68 -25.36 -23.70 -15.09
CA TYR E 68 -24.82 -24.94 -15.62
C TYR E 68 -23.78 -24.63 -16.68
N GLU E 69 -22.60 -25.25 -16.57
CA GLU E 69 -21.51 -24.93 -17.49
C GLU E 69 -21.70 -25.59 -18.86
N ALA E 70 -22.16 -26.83 -18.89
CA ALA E 70 -22.28 -27.60 -20.12
C ALA E 70 -23.74 -27.87 -20.45
N GLY E 71 -24.03 -27.95 -21.75
CA GLY E 71 -25.38 -28.15 -22.22
C GLY E 71 -25.36 -28.97 -23.50
N GLU E 72 -26.54 -29.37 -23.94
CA GLU E 72 -26.68 -30.29 -25.06
C GLU E 72 -27.43 -29.64 -26.21
N TRP E 73 -27.02 -29.97 -27.43
CA TRP E 73 -27.69 -29.49 -28.63
C TRP E 73 -29.14 -29.99 -28.65
N ALA E 74 -30.08 -29.06 -28.83
CA ALA E 74 -31.50 -29.35 -28.79
C ALA E 74 -32.10 -29.33 -30.18
N GLU E 75 -32.88 -30.36 -30.51
CA GLU E 75 -33.59 -30.38 -31.79
C GLU E 75 -34.78 -29.42 -31.77
N ASN E 76 -35.50 -29.36 -30.65
CA ASN E 76 -36.67 -28.51 -30.52
C ASN E 76 -36.49 -27.55 -29.34
N CYS E 77 -36.83 -26.28 -29.58
CA CYS E 77 -36.80 -25.25 -28.56
C CYS E 77 -38.09 -24.45 -28.66
N TYR E 78 -38.47 -23.83 -27.54
CA TYR E 78 -39.77 -23.17 -27.44
C TYR E 78 -39.58 -21.71 -27.05
N ASN E 79 -40.24 -20.82 -27.78
CA ASN E 79 -40.31 -19.41 -27.45
C ASN E 79 -41.78 -19.04 -27.24
N LEU E 80 -42.06 -18.34 -26.14
CA LEU E 80 -43.44 -18.06 -25.74
C LEU E 80 -43.70 -16.56 -25.75
N GLU E 81 -44.69 -16.15 -26.53
CA GLU E 81 -45.31 -14.83 -26.40
C GLU E 81 -46.78 -15.10 -26.06
N ILE E 82 -47.16 -14.84 -24.82
CA ILE E 82 -48.49 -15.19 -24.33
C ILE E 82 -49.06 -14.00 -23.58
N LYS E 83 -50.28 -13.59 -23.95
CA LYS E 83 -50.96 -12.49 -23.30
C LYS E 83 -52.35 -12.95 -22.86
N LYS E 84 -53.05 -12.06 -22.16
CA LYS E 84 -54.37 -12.37 -21.63
C LYS E 84 -55.43 -11.72 -22.53
N PRO E 85 -56.73 -11.93 -22.27
CA PRO E 85 -57.73 -11.23 -23.08
C PRO E 85 -57.67 -9.72 -22.99
N ASP E 86 -57.15 -9.17 -21.90
CA ASP E 86 -57.01 -7.72 -21.74
C ASP E 86 -55.72 -7.18 -22.34
N GLY E 87 -54.89 -8.04 -22.92
CA GLY E 87 -53.64 -7.61 -23.51
C GLY E 87 -52.46 -7.58 -22.55
N SER E 88 -52.68 -7.88 -21.27
CA SER E 88 -51.59 -7.91 -20.31
C SER E 88 -50.68 -9.10 -20.58
N GLU E 89 -49.41 -8.95 -20.18
CA GLU E 89 -48.40 -9.97 -20.47
C GLU E 89 -48.43 -11.05 -19.41
N CYS E 90 -48.57 -12.30 -19.85
CA CYS E 90 -48.64 -13.44 -18.93
C CYS E 90 -47.31 -13.69 -18.24
N LEU E 91 -46.21 -13.62 -19.00
CA LEU E 91 -44.90 -13.95 -18.45
C LEU E 91 -44.05 -12.69 -18.27
N PRO E 92 -43.15 -12.69 -17.29
CA PRO E 92 -42.27 -11.52 -17.10
C PRO E 92 -41.15 -11.47 -18.12
N ALA E 93 -40.60 -10.26 -18.28
CA ALA E 93 -39.48 -10.05 -19.19
C ALA E 93 -38.21 -10.74 -18.66
N ALA E 94 -37.36 -11.15 -19.59
CA ALA E 94 -36.12 -11.84 -19.24
C ALA E 94 -35.18 -10.90 -18.49
N PRO E 95 -34.63 -11.32 -17.36
CA PRO E 95 -33.72 -10.45 -16.61
C PRO E 95 -32.39 -10.26 -17.32
N ASP E 96 -31.65 -9.24 -16.87
CA ASP E 96 -30.35 -8.94 -17.43
C ASP E 96 -29.37 -10.08 -17.18
N GLY E 97 -28.51 -10.33 -18.17
CA GLY E 97 -27.56 -11.41 -18.10
C GLY E 97 -28.09 -12.75 -18.59
N ILE E 98 -29.36 -12.84 -18.92
CA ILE E 98 -29.98 -14.07 -19.41
C ILE E 98 -30.24 -13.92 -20.90
N ARG E 99 -29.84 -14.93 -21.66
CA ARG E 99 -29.97 -14.94 -23.11
C ARG E 99 -30.61 -16.24 -23.56
N GLY E 100 -31.03 -16.28 -24.81
CA GLY E 100 -31.65 -17.47 -25.35
C GLY E 100 -30.67 -18.62 -25.48
N PHE E 101 -31.22 -19.79 -25.76
CA PHE E 101 -30.39 -20.99 -25.88
C PHE E 101 -29.51 -20.87 -27.12
N PRO E 102 -28.20 -21.15 -27.01
CA PRO E 102 -27.32 -20.96 -28.16
C PRO E 102 -27.60 -21.93 -29.31
N ARG E 103 -27.84 -23.21 -29.02
CA ARG E 103 -27.98 -24.22 -30.04
C ARG E 103 -29.42 -24.74 -30.06
N CYS E 104 -30.16 -24.37 -31.09
CA CYS E 104 -31.53 -24.87 -31.29
C CYS E 104 -31.72 -25.18 -32.78
N ARG E 105 -32.10 -26.42 -33.07
CA ARG E 105 -32.36 -26.80 -34.45
C ARG E 105 -33.71 -26.28 -34.93
N TYR E 106 -34.74 -26.36 -34.08
CA TYR E 106 -36.07 -25.84 -34.37
C TYR E 106 -36.54 -25.03 -33.17
N VAL E 107 -36.99 -23.80 -33.44
CA VAL E 107 -37.52 -22.91 -32.41
C VAL E 107 -39.01 -22.75 -32.67
N HIS E 108 -39.83 -23.31 -31.78
CA HIS E 108 -41.27 -23.22 -31.90
C HIS E 108 -41.76 -21.95 -31.20
N LYS E 109 -42.46 -21.10 -31.94
CA LYS E 109 -43.00 -19.86 -31.41
C LYS E 109 -44.51 -19.99 -31.28
N VAL E 110 -45.01 -19.81 -30.06
CA VAL E 110 -46.44 -19.89 -29.77
C VAL E 110 -46.89 -18.52 -29.28
N SER E 111 -47.74 -17.87 -30.07
CA SER E 111 -48.33 -16.59 -29.69
C SER E 111 -49.83 -16.80 -29.64
N GLY E 112 -50.39 -16.76 -28.43
CA GLY E 112 -51.81 -17.03 -28.25
C GLY E 112 -52.33 -16.48 -26.95
N THR E 113 -53.65 -16.46 -26.86
CA THR E 113 -54.36 -16.03 -25.66
C THR E 113 -54.56 -17.23 -24.74
N GLY E 114 -54.37 -17.01 -23.44
CA GLY E 114 -54.47 -18.05 -22.45
C GLY E 114 -54.99 -17.54 -21.13
N PRO E 115 -55.43 -18.46 -20.26
CA PRO E 115 -56.01 -18.02 -18.99
C PRO E 115 -55.02 -17.31 -18.08
N CYS E 116 -53.79 -17.83 -17.96
CA CYS E 116 -52.72 -17.19 -17.21
C CYS E 116 -53.14 -16.74 -15.82
N ALA E 117 -53.72 -17.66 -15.05
CA ALA E 117 -54.07 -17.32 -13.67
C ALA E 117 -52.88 -17.73 -12.82
N GLY E 118 -52.04 -16.76 -12.52
CA GLY E 118 -50.85 -16.96 -11.72
C GLY E 118 -49.85 -15.87 -12.00
N ASP E 119 -48.85 -15.77 -11.11
CA ASP E 119 -47.79 -14.79 -11.34
C ASP E 119 -46.75 -15.32 -12.31
N PHE E 120 -46.31 -16.56 -12.12
CA PHE E 120 -45.28 -17.19 -12.93
C PHE E 120 -45.79 -18.52 -13.47
N ALA E 121 -45.11 -19.02 -14.50
CA ALA E 121 -45.44 -20.29 -15.13
C ALA E 121 -44.40 -21.33 -14.75
N PHE E 122 -44.84 -22.46 -14.22
CA PHE E 122 -43.96 -23.51 -13.73
C PHE E 122 -44.23 -24.82 -14.46
N HIS E 123 -43.26 -25.73 -14.40
CA HIS E 123 -43.35 -27.04 -15.02
C HIS E 123 -43.94 -28.06 -14.05
N LYS E 124 -44.95 -28.80 -14.50
CA LYS E 124 -45.61 -29.78 -13.65
C LYS E 124 -44.67 -30.94 -13.29
N GLU E 125 -43.94 -31.47 -14.27
CA GLU E 125 -43.02 -32.57 -13.99
C GLU E 125 -41.81 -32.13 -13.19
N GLY E 126 -41.54 -30.83 -13.12
CA GLY E 126 -40.41 -30.33 -12.37
C GLY E 126 -39.15 -30.10 -13.16
N ALA E 127 -39.19 -30.26 -14.48
CA ALA E 127 -38.00 -30.06 -15.30
C ALA E 127 -37.65 -28.57 -15.38
N PHE E 128 -36.36 -28.27 -15.30
CA PHE E 128 -35.90 -26.89 -15.40
C PHE E 128 -35.99 -26.40 -16.84
N PHE E 129 -36.10 -25.07 -16.97
CA PHE E 129 -36.12 -24.41 -18.27
C PHE E 129 -34.71 -23.95 -18.61
N LEU E 130 -34.15 -24.50 -19.68
CA LEU E 130 -32.78 -24.16 -20.05
C LEU E 130 -32.70 -22.76 -20.65
N TYR E 131 -31.60 -22.10 -20.25
CA TYR E 131 -31.24 -20.71 -20.58
C TYR E 131 -29.72 -20.66 -20.76
N ASP E 132 -29.19 -19.57 -21.30
CA ASP E 132 -27.75 -19.55 -21.60
C ASP E 132 -27.05 -19.65 -20.26
N ARG E 133 -26.54 -20.85 -19.97
CA ARG E 133 -25.77 -21.18 -18.77
C ARG E 133 -26.50 -20.76 -17.48
N LEU E 134 -27.82 -20.62 -17.53
CA LEU E 134 -28.64 -20.32 -16.37
C LEU E 134 -29.92 -21.13 -16.46
N ALA E 135 -30.17 -22.01 -15.49
CA ALA E 135 -31.41 -22.77 -15.43
C ALA E 135 -32.39 -22.07 -14.48
N SER E 136 -33.62 -21.87 -14.95
CA SER E 136 -34.64 -21.16 -14.19
C SER E 136 -35.91 -22.00 -14.13
N THR E 137 -36.63 -21.86 -13.01
CA THR E 137 -37.87 -22.60 -12.81
C THR E 137 -39.08 -21.93 -13.45
N VAL E 138 -38.96 -20.66 -13.84
CA VAL E 138 -40.07 -19.93 -14.43
C VAL E 138 -39.71 -19.57 -15.87
N ILE E 139 -40.73 -19.48 -16.71
CA ILE E 139 -40.55 -19.11 -18.11
C ILE E 139 -40.42 -17.60 -18.23
N TYR E 140 -39.63 -17.16 -19.22
CA TYR E 140 -39.44 -15.75 -19.49
C TYR E 140 -39.95 -15.43 -20.90
N ARG E 141 -40.53 -14.25 -21.06
CA ARG E 141 -41.14 -13.88 -22.33
C ARG E 141 -40.10 -13.67 -23.41
N GLY E 142 -40.41 -14.16 -24.61
CA GLY E 142 -39.56 -13.92 -25.76
C GLY E 142 -38.15 -14.44 -25.63
N THR E 143 -37.97 -15.55 -24.90
CA THR E 143 -36.65 -16.13 -24.71
C THR E 143 -36.70 -17.60 -25.07
N THR E 144 -35.85 -18.01 -26.00
CA THR E 144 -35.79 -19.40 -26.42
C THR E 144 -35.23 -20.26 -25.31
N PHE E 145 -35.90 -21.37 -25.01
CA PHE E 145 -35.51 -22.23 -23.90
C PHE E 145 -35.69 -23.69 -24.29
N ALA E 146 -35.08 -24.57 -23.49
CA ALA E 146 -35.22 -26.00 -23.64
C ALA E 146 -35.55 -26.62 -22.29
N GLU E 147 -36.20 -27.77 -22.33
CA GLU E 147 -36.55 -28.52 -21.12
C GLU E 147 -35.43 -29.49 -20.79
N GLY E 148 -34.86 -29.35 -19.59
CA GLY E 148 -33.72 -30.17 -19.23
C GLY E 148 -33.54 -30.27 -17.73
N VAL E 149 -32.57 -31.11 -17.35
CA VAL E 149 -32.22 -31.36 -15.95
C VAL E 149 -30.71 -31.25 -15.80
N VAL E 150 -30.27 -30.95 -14.58
CA VAL E 150 -28.88 -30.61 -14.29
C VAL E 150 -28.27 -31.68 -13.41
N ALA E 151 -26.99 -31.99 -13.66
CA ALA E 151 -26.23 -32.95 -12.86
C ALA E 151 -24.86 -32.35 -12.54
N PHE E 152 -24.23 -32.89 -11.49
CA PHE E 152 -22.91 -32.48 -11.06
C PHE E 152 -21.99 -33.69 -11.03
N LEU E 153 -20.85 -33.59 -11.71
CA LEU E 153 -19.94 -34.72 -11.86
C LEU E 153 -18.51 -34.28 -11.57
N ILE E 154 -17.67 -35.26 -11.25
CA ILE E 154 -16.25 -35.07 -11.01
C ILE E 154 -15.50 -35.68 -12.20
N LEU E 155 -14.63 -34.88 -12.82
CA LEU E 155 -13.91 -35.36 -13.99
C LEU E 155 -12.47 -35.68 -13.60
N PRO E 156 -11.98 -36.90 -13.89
CA PRO E 156 -10.60 -37.28 -13.58
C PRO E 156 -9.60 -36.75 -14.60
N LYS F 9 -35.13 -46.00 -24.49
CA LYS F 9 -35.43 -44.65 -24.94
C LYS F 9 -34.22 -43.74 -24.79
N CYS F 10 -33.15 -44.26 -24.20
CA CYS F 10 -31.95 -43.47 -23.98
C CYS F 10 -31.26 -43.14 -25.31
N ASN F 11 -30.65 -41.96 -25.36
CA ASN F 11 -29.92 -41.53 -26.54
C ASN F 11 -28.43 -41.71 -26.29
N PRO F 12 -27.76 -42.65 -26.95
CA PRO F 12 -26.33 -42.85 -26.70
C PRO F 12 -25.45 -41.70 -27.16
N ASN F 13 -25.97 -40.82 -28.01
CA ASN F 13 -25.20 -39.71 -28.55
C ASN F 13 -25.35 -38.48 -27.67
N LEU F 14 -24.21 -37.94 -27.22
CA LEU F 14 -24.17 -36.70 -26.45
C LEU F 14 -23.47 -35.68 -27.33
N HIS F 15 -24.24 -34.75 -27.89
CA HIS F 15 -23.69 -33.65 -28.68
C HIS F 15 -23.77 -32.41 -27.80
N TYR F 16 -22.63 -31.95 -27.31
CA TYR F 16 -22.60 -30.92 -26.27
C TYR F 16 -21.95 -29.65 -26.75
N TRP F 17 -22.56 -28.52 -26.40
CA TRP F 17 -21.95 -27.20 -26.51
C TRP F 17 -21.47 -26.81 -25.12
N THR F 18 -20.27 -26.25 -25.05
CA THR F 18 -19.69 -25.92 -23.76
C THR F 18 -18.71 -24.77 -23.92
N THR F 19 -18.18 -24.31 -22.79
CA THR F 19 -17.14 -23.29 -22.77
C THR F 19 -15.80 -23.96 -22.47
N GLN F 20 -14.76 -23.50 -23.16
CA GLN F 20 -13.43 -24.06 -23.06
C GLN F 20 -12.56 -23.15 -22.20
N ASP F 21 -11.98 -23.70 -21.14
CA ASP F 21 -11.25 -22.88 -20.19
C ASP F 21 -9.82 -22.62 -20.66
N GLU F 22 -8.95 -23.64 -20.54
CA GLU F 22 -7.55 -23.52 -20.94
C GLU F 22 -7.25 -24.15 -22.30
N GLY F 23 -8.27 -24.64 -23.03
CA GLY F 23 -8.00 -25.51 -24.17
C GLY F 23 -7.11 -24.87 -25.23
N ALA F 24 -7.38 -23.62 -25.59
CA ALA F 24 -6.59 -22.97 -26.63
C ALA F 24 -5.82 -21.75 -26.12
N ALA F 25 -6.54 -20.63 -25.94
CA ALA F 25 -5.96 -19.39 -25.40
C ALA F 25 -4.74 -18.95 -26.20
N ILE F 26 -4.87 -18.99 -27.54
CA ILE F 26 -3.74 -18.61 -28.38
C ILE F 26 -3.48 -17.11 -28.31
N GLY F 27 -4.50 -16.32 -28.02
CA GLY F 27 -4.30 -14.94 -27.61
C GLY F 27 -4.71 -13.93 -28.67
N LEU F 28 -4.80 -12.68 -28.20
CA LEU F 28 -5.20 -11.50 -28.96
C LEU F 28 -6.66 -11.55 -29.37
N ALA F 29 -7.31 -12.69 -29.15
CA ALA F 29 -8.74 -12.84 -29.35
C ALA F 29 -9.52 -12.67 -28.06
N TRP F 30 -8.83 -12.51 -26.93
CA TRP F 30 -9.50 -12.41 -25.64
C TRP F 30 -10.14 -11.04 -25.43
N ILE F 31 -9.62 -10.01 -26.09
CA ILE F 31 -10.19 -8.67 -25.96
C ILE F 31 -11.60 -8.67 -26.50
N PRO F 32 -12.59 -8.12 -25.79
CA PRO F 32 -13.98 -8.23 -26.26
C PRO F 32 -14.25 -7.47 -27.54
N TYR F 33 -13.51 -6.40 -27.81
CA TYR F 33 -13.78 -5.60 -29.00
C TYR F 33 -13.50 -6.40 -30.27
N PHE F 34 -12.33 -7.05 -30.33
CA PHE F 34 -12.00 -7.91 -31.46
C PHE F 34 -12.38 -9.37 -31.20
N GLY F 35 -12.98 -9.67 -30.05
CA GLY F 35 -13.35 -11.02 -29.69
C GLY F 35 -14.52 -11.54 -30.51
N PRO F 36 -14.74 -12.84 -30.45
CA PRO F 36 -15.83 -13.44 -31.22
C PRO F 36 -17.20 -13.11 -30.64
N ALA F 37 -18.22 -13.28 -31.47
CA ALA F 37 -19.59 -13.04 -31.06
C ALA F 37 -20.06 -14.12 -30.10
N ALA F 38 -21.14 -13.81 -29.37
CA ALA F 38 -21.66 -14.74 -28.37
C ALA F 38 -22.01 -16.09 -28.98
N GLU F 39 -22.40 -16.12 -30.25
CA GLU F 39 -22.78 -17.39 -30.88
C GLU F 39 -21.57 -18.27 -31.14
N GLY F 40 -20.40 -17.67 -31.38
CA GLY F 40 -19.22 -18.42 -31.75
C GLY F 40 -18.24 -18.73 -30.65
N ILE F 41 -18.48 -18.26 -29.43
CA ILE F 41 -17.52 -18.50 -28.36
C ILE F 41 -17.53 -19.97 -27.93
N TYR F 42 -18.66 -20.65 -28.08
CA TYR F 42 -18.79 -22.01 -27.60
C TYR F 42 -18.04 -22.99 -28.49
N ILE F 43 -17.62 -24.10 -27.90
CA ILE F 43 -16.92 -25.16 -28.62
C ILE F 43 -17.81 -26.39 -28.60
N GLU F 44 -17.74 -27.18 -29.67
CA GLU F 44 -18.59 -28.35 -29.84
C GLU F 44 -17.79 -29.64 -29.77
N GLY F 45 -18.43 -30.67 -29.22
CA GLY F 45 -17.85 -32.00 -29.17
C GLY F 45 -18.93 -33.04 -29.09
N LEU F 46 -18.60 -34.26 -29.51
CA LEU F 46 -19.59 -35.33 -29.54
C LEU F 46 -18.98 -36.60 -28.98
N MET F 47 -19.65 -37.18 -27.98
CA MET F 47 -19.29 -38.48 -27.44
C MET F 47 -20.49 -39.41 -27.58
N HIS F 48 -20.28 -40.58 -28.17
CA HIS F 48 -21.39 -41.47 -28.50
C HIS F 48 -20.88 -42.90 -28.51
N ASN F 49 -21.81 -43.83 -28.80
CA ASN F 49 -21.53 -45.25 -28.95
C ASN F 49 -21.07 -45.88 -27.64
N GLN F 50 -21.51 -45.33 -26.50
CA GLN F 50 -21.26 -45.90 -25.19
C GLN F 50 -22.58 -45.89 -24.42
N ASP F 51 -23.05 -47.08 -24.05
CA ASP F 51 -24.32 -47.19 -23.35
C ASP F 51 -24.20 -46.89 -21.85
N GLY F 52 -23.11 -47.34 -21.22
CA GLY F 52 -23.03 -47.22 -19.78
C GLY F 52 -22.80 -45.79 -19.32
N LEU F 53 -21.82 -45.11 -19.92
CA LEU F 53 -21.48 -43.77 -19.47
C LEU F 53 -22.56 -42.76 -19.83
N ILE F 54 -23.13 -42.87 -21.03
CA ILE F 54 -24.08 -41.86 -21.51
C ILE F 54 -25.45 -42.03 -20.88
N CYS F 55 -25.97 -43.26 -20.87
CA CYS F 55 -27.33 -43.48 -20.36
C CYS F 55 -27.40 -43.30 -18.85
N GLY F 56 -26.37 -43.74 -18.13
CA GLY F 56 -26.38 -43.59 -16.68
C GLY F 56 -26.38 -42.14 -16.22
N LEU F 57 -25.74 -41.26 -17.00
CA LEU F 57 -25.72 -39.84 -16.64
C LEU F 57 -27.11 -39.22 -16.69
N ARG F 58 -27.89 -39.54 -17.73
CA ARG F 58 -29.24 -38.98 -17.83
C ARG F 58 -30.13 -39.43 -16.68
N GLN F 59 -29.88 -40.62 -16.13
CA GLN F 59 -30.67 -41.07 -14.98
C GLN F 59 -30.32 -40.26 -13.74
N LEU F 60 -29.04 -39.89 -13.59
CA LEU F 60 -28.61 -39.16 -12.40
C LEU F 60 -29.19 -37.76 -12.37
N ALA F 61 -29.21 -37.07 -13.51
CA ALA F 61 -29.70 -35.70 -13.54
C ALA F 61 -31.19 -35.64 -13.23
N ASN F 62 -31.94 -36.64 -13.70
CA ASN F 62 -33.36 -36.72 -13.35
C ASN F 62 -33.54 -36.88 -11.85
N GLU F 63 -32.67 -37.66 -11.20
CA GLU F 63 -32.74 -37.81 -9.75
C GLU F 63 -32.14 -36.64 -9.01
N THR F 64 -31.11 -36.00 -9.57
CA THR F 64 -30.51 -34.84 -8.93
C THR F 64 -31.49 -33.67 -8.84
N THR F 65 -32.45 -33.61 -9.77
CA THR F 65 -33.39 -32.50 -9.81
C THR F 65 -34.16 -32.36 -8.49
N GLN F 66 -34.48 -33.49 -7.85
CA GLN F 66 -35.20 -33.44 -6.58
C GLN F 66 -34.40 -32.70 -5.52
N ALA F 67 -33.17 -33.15 -5.27
CA ALA F 67 -32.35 -32.50 -4.24
C ALA F 67 -31.95 -31.09 -4.65
N LEU F 68 -31.76 -30.85 -5.94
CA LEU F 68 -31.39 -29.51 -6.40
C LEU F 68 -32.53 -28.53 -6.18
N GLN F 69 -33.77 -28.97 -6.39
CA GLN F 69 -34.93 -28.11 -6.18
C GLN F 69 -35.05 -27.68 -4.73
N LEU F 70 -34.84 -28.62 -3.80
CA LEU F 70 -34.92 -28.29 -2.37
C LEU F 70 -33.84 -27.31 -1.95
N PHE F 71 -32.68 -27.36 -2.60
CA PHE F 71 -31.61 -26.41 -2.27
C PHE F 71 -32.00 -25.00 -2.71
N LEU F 72 -32.61 -24.87 -3.88
CA LEU F 72 -33.00 -23.55 -4.38
C LEU F 72 -34.03 -22.89 -3.48
N ARG F 73 -34.91 -23.68 -2.86
CA ARG F 73 -35.90 -23.11 -1.95
C ARG F 73 -35.23 -22.55 -0.70
N ALA F 74 -34.17 -23.20 -0.22
CA ALA F 74 -33.54 -22.77 1.01
C ALA F 74 -32.78 -21.45 0.83
N THR F 75 -32.09 -21.30 -0.31
CA THR F 75 -31.33 -20.08 -0.56
C THR F 75 -32.24 -18.99 -1.12
N THR F 76 -32.06 -17.77 -0.60
CA THR F 76 -32.82 -16.62 -1.07
C THR F 76 -32.16 -15.91 -2.25
N GLU F 77 -30.92 -16.25 -2.59
CA GLU F 77 -30.26 -15.64 -3.73
C GLU F 77 -31.02 -15.99 -5.01
N LEU F 78 -31.26 -14.98 -5.85
CA LEU F 78 -31.94 -15.22 -7.11
C LEU F 78 -31.12 -16.11 -8.03
N ARG F 79 -29.81 -15.95 -8.02
CA ARG F 79 -28.91 -16.75 -8.86
C ARG F 79 -27.79 -17.29 -7.99
N THR F 80 -27.68 -18.62 -7.88
CA THR F 80 -26.68 -19.26 -7.04
C THR F 80 -25.62 -19.91 -7.93
N PHE F 81 -24.43 -19.30 -7.96
CA PHE F 81 -23.28 -19.84 -8.67
C PHE F 81 -22.30 -20.57 -7.76
N SER F 82 -22.55 -20.60 -6.46
CA SER F 82 -21.61 -21.17 -5.51
C SER F 82 -21.90 -22.64 -5.21
N ILE F 83 -22.87 -23.24 -5.89
CA ILE F 83 -23.21 -24.64 -5.65
C ILE F 83 -22.01 -25.54 -5.96
N LEU F 84 -21.37 -25.31 -7.11
CA LEU F 84 -20.26 -26.16 -7.50
C LEU F 84 -19.04 -25.95 -6.60
N ASN F 85 -18.76 -24.69 -6.25
CA ASN F 85 -17.62 -24.41 -5.39
C ASN F 85 -17.80 -24.98 -3.99
N ARG F 86 -19.05 -25.05 -3.51
CA ARG F 86 -19.31 -25.59 -2.19
C ARG F 86 -18.94 -27.07 -2.12
N LYS F 87 -19.15 -27.81 -3.20
CA LYS F 87 -18.86 -29.23 -3.20
C LYS F 87 -17.38 -29.50 -2.94
N ALA F 88 -16.51 -28.66 -3.50
CA ALA F 88 -15.09 -28.81 -3.25
C ALA F 88 -14.75 -28.58 -1.78
N ILE F 89 -15.49 -27.69 -1.12
CA ILE F 89 -15.25 -27.43 0.29
C ILE F 89 -15.61 -28.66 1.12
N ASP F 90 -16.74 -29.28 0.82
CA ASP F 90 -17.15 -30.49 1.55
C ASP F 90 -16.14 -31.61 1.35
N PHE F 91 -15.56 -31.71 0.14
CA PHE F 91 -14.56 -32.73 -0.13
C PHE F 91 -13.36 -32.60 0.82
N LEU F 92 -12.85 -31.39 0.98
CA LEU F 92 -11.68 -31.19 1.84
C LEU F 92 -12.05 -31.34 3.31
N LEU F 93 -13.23 -30.87 3.70
CA LEU F 93 -13.65 -30.95 5.10
C LEU F 93 -13.87 -32.39 5.54
N GLN F 94 -14.30 -33.26 4.61
CA GLN F 94 -14.61 -34.64 4.98
C GLN F 94 -13.37 -35.41 5.41
N ARG F 95 -12.24 -35.17 4.72
CA ARG F 95 -11.00 -35.87 5.04
C ARG F 95 -10.20 -35.14 6.12
N TRP F 96 -9.75 -33.93 5.82
CA TRP F 96 -8.82 -33.20 6.67
C TRP F 96 -9.50 -32.24 7.63
N GLY F 97 -10.83 -32.22 7.67
CA GLY F 97 -11.51 -31.31 8.57
C GLY F 97 -11.19 -31.57 10.02
N GLY F 98 -11.29 -32.83 10.43
CA GLY F 98 -11.03 -33.19 11.81
C GLY F 98 -9.60 -33.59 12.10
N THR F 99 -9.38 -34.13 13.29
CA THR F 99 -8.05 -34.58 13.69
C THR F 99 -7.64 -35.71 12.77
N CYS F 100 -6.37 -35.73 12.38
CA CYS F 100 -5.93 -36.80 11.50
C CYS F 100 -5.05 -37.81 12.21
N HIS F 101 -5.41 -39.07 12.03
CA HIS F 101 -4.68 -40.17 12.64
C HIS F 101 -4.11 -41.08 11.57
N ILE F 102 -2.80 -41.24 11.60
CA ILE F 102 -2.07 -42.11 10.67
C ILE F 102 -2.63 -43.52 10.74
N LEU F 103 -2.82 -44.13 9.57
CA LEU F 103 -3.40 -45.47 9.43
C LEU F 103 -4.83 -45.53 9.97
N GLY F 104 -5.57 -44.42 9.83
CA GLY F 104 -6.96 -44.38 10.23
C GLY F 104 -7.89 -44.58 9.05
N PRO F 105 -9.14 -44.96 9.31
CA PRO F 105 -10.09 -45.17 8.22
C PRO F 105 -10.45 -43.92 7.45
N ASP F 106 -10.73 -42.83 8.17
CA ASP F 106 -11.10 -41.59 7.50
C ASP F 106 -9.88 -40.85 6.96
N CYS F 107 -8.78 -40.88 7.71
CA CYS F 107 -7.60 -40.21 7.23
C CYS F 107 -7.04 -40.95 6.02
N CYS F 108 -6.49 -40.18 5.11
CA CYS F 108 -5.89 -40.74 3.90
C CYS F 108 -4.37 -40.75 3.93
N ILE F 109 -3.77 -40.35 5.05
CA ILE F 109 -2.33 -40.35 5.17
C ILE F 109 -1.77 -41.77 5.14
N GLU F 110 -0.78 -41.99 4.28
CA GLU F 110 -0.10 -43.27 4.22
C GLU F 110 1.40 -43.08 4.41
N PRO F 111 2.05 -43.93 5.23
CA PRO F 111 3.49 -43.86 5.45
C PRO F 111 4.28 -44.58 4.35
N VAL G 2 19.97 -8.86 -28.11
CA VAL G 2 19.44 -8.54 -29.44
C VAL G 2 19.71 -9.76 -30.35
N GLN G 3 20.27 -10.80 -29.75
CA GLN G 3 20.58 -12.04 -30.46
C GLN G 3 20.25 -13.23 -29.57
N LEU G 4 19.68 -14.27 -30.17
CA LEU G 4 19.31 -15.48 -29.48
C LEU G 4 20.19 -16.63 -29.96
N VAL G 5 20.73 -17.40 -29.02
CA VAL G 5 21.65 -18.49 -29.31
C VAL G 5 21.04 -19.79 -28.82
N GLN G 6 20.80 -20.72 -29.74
CA GLN G 6 20.28 -22.03 -29.40
C GLN G 6 21.42 -23.04 -29.25
N SER G 7 21.06 -24.28 -28.93
CA SER G 7 22.03 -25.36 -28.88
C SER G 7 22.33 -25.83 -30.30
N GLY G 8 23.59 -26.21 -30.54
CA GLY G 8 24.02 -26.56 -31.87
C GLY G 8 23.41 -27.81 -32.47
N VAL G 9 23.59 -28.95 -31.80
CA VAL G 9 23.18 -30.24 -32.34
C VAL G 9 22.79 -31.16 -31.20
N THR G 10 21.86 -32.07 -31.48
CA THR G 10 21.38 -33.06 -30.52
C THR G 10 20.93 -34.30 -31.29
N LEU G 11 20.94 -35.44 -30.58
CA LEU G 11 20.50 -36.69 -31.18
C LEU G 11 19.80 -37.54 -30.14
N VAL G 12 18.71 -38.20 -30.56
CA VAL G 12 17.87 -38.99 -29.66
C VAL G 12 17.38 -40.24 -30.37
N GLN G 13 16.48 -40.96 -29.70
CA GLN G 13 15.86 -42.19 -30.19
C GLN G 13 14.36 -42.05 -29.98
N PRO G 14 13.51 -42.98 -30.41
CA PRO G 14 12.07 -42.81 -30.19
C PRO G 14 11.71 -42.90 -28.71
N GLY G 15 10.86 -41.97 -28.28
CA GLY G 15 10.50 -41.85 -26.88
C GLY G 15 11.58 -41.29 -25.98
N GLY G 16 12.69 -40.84 -26.53
CA GLY G 16 13.76 -40.28 -25.73
C GLY G 16 13.43 -38.89 -25.20
N SER G 17 14.24 -38.45 -24.25
CA SER G 17 14.09 -37.15 -23.63
C SER G 17 15.24 -36.23 -24.04
N LEU G 18 14.92 -34.98 -24.32
CA LEU G 18 15.91 -34.03 -24.81
C LEU G 18 15.58 -32.62 -24.33
N ARG G 19 16.62 -31.84 -24.03
CA ARG G 19 16.48 -30.46 -23.61
C ARG G 19 17.17 -29.55 -24.61
N VAL G 20 16.48 -28.49 -25.03
CA VAL G 20 17.02 -27.49 -25.94
C VAL G 20 17.11 -26.17 -25.19
N SER G 21 18.27 -25.53 -25.27
CA SER G 21 18.54 -24.29 -24.56
C SER G 21 18.66 -23.14 -25.55
N CYS G 22 17.84 -22.10 -25.35
CA CYS G 22 17.86 -20.89 -26.17
C CYS G 22 18.43 -19.77 -25.30
N ALA G 23 19.65 -19.36 -25.60
CA ALA G 23 20.33 -18.33 -24.83
C ALA G 23 20.00 -16.94 -25.38
N ALA G 24 19.86 -15.97 -24.48
CA ALA G 24 19.52 -14.61 -24.85
C ALA G 24 20.38 -13.65 -24.05
N SER G 25 20.96 -12.65 -24.73
CA SER G 25 21.82 -11.69 -24.06
C SER G 25 21.94 -10.37 -24.83
N GLY G 26 22.36 -9.33 -24.11
CA GLY G 26 22.54 -8.00 -24.67
C GLY G 26 21.29 -7.15 -24.70
N PHE G 27 20.18 -7.72 -24.21
CA PHE G 27 18.91 -7.02 -24.16
C PHE G 27 18.05 -7.64 -23.07
N THR G 28 17.05 -6.90 -22.60
CA THR G 28 16.17 -7.42 -21.56
C THR G 28 15.42 -8.63 -22.12
N PHE G 29 15.27 -9.66 -21.30
CA PHE G 29 14.56 -10.86 -21.74
C PHE G 29 13.19 -10.98 -21.07
N SER G 30 13.17 -10.91 -19.75
CA SER G 30 11.93 -11.01 -18.99
C SER G 30 10.86 -10.05 -19.49
N SER G 31 11.25 -8.97 -20.15
CA SER G 31 10.28 -7.98 -20.60
C SER G 31 9.34 -8.55 -21.66
N TYR G 32 9.87 -9.43 -22.51
CA TYR G 32 9.06 -10.00 -23.58
C TYR G 32 8.79 -11.49 -23.41
N ALA G 33 7.81 -11.98 -24.16
CA ALA G 33 7.43 -13.38 -24.12
C ALA G 33 7.86 -14.06 -25.41
N MET G 34 8.53 -15.20 -25.28
CA MET G 34 9.05 -15.94 -26.41
C MET G 34 8.11 -17.09 -26.78
N SER G 35 8.44 -17.80 -27.86
CA SER G 35 7.72 -18.98 -28.27
C SER G 35 8.63 -19.81 -29.17
N TRP G 36 8.28 -21.09 -29.32
CA TRP G 36 9.06 -22.01 -30.14
C TRP G 36 8.31 -22.32 -31.44
N VAL G 37 9.07 -22.37 -32.53
CA VAL G 37 8.54 -22.71 -33.85
C VAL G 37 9.50 -23.71 -34.49
N ARG G 38 8.97 -24.83 -34.97
CA ARG G 38 9.77 -25.86 -35.60
C ARG G 38 9.48 -25.91 -37.09
N GLN G 39 10.51 -26.27 -37.86
CA GLN G 39 10.41 -26.39 -39.31
C GLN G 39 10.94 -27.75 -39.73
N ALA G 40 10.05 -28.59 -40.24
CA ALA G 40 10.46 -29.89 -40.77
C ALA G 40 11.07 -29.71 -42.16
N PRO G 41 11.99 -30.59 -42.54
CA PRO G 41 12.59 -30.49 -43.89
C PRO G 41 11.52 -30.58 -44.97
N GLY G 42 11.54 -29.63 -45.89
CA GLY G 42 10.53 -29.59 -46.94
C GLY G 42 9.13 -29.30 -46.46
N LYS G 43 8.98 -28.72 -45.27
CA LYS G 43 7.68 -28.42 -44.69
C LYS G 43 7.66 -27.00 -44.16
N GLY G 44 6.46 -26.46 -44.03
CA GLY G 44 6.29 -25.12 -43.51
C GLY G 44 6.56 -25.04 -42.02
N LEU G 45 6.69 -23.81 -41.53
CA LEU G 45 6.91 -23.58 -40.11
C LEU G 45 5.69 -24.02 -39.32
N GLU G 46 5.93 -24.55 -38.12
CA GLU G 46 4.86 -25.01 -37.24
C GLU G 46 5.11 -24.53 -35.83
N TRP G 47 4.08 -23.94 -35.21
CA TRP G 47 4.21 -23.40 -33.87
C TRP G 47 4.24 -24.53 -32.84
N VAL G 48 5.21 -24.48 -31.94
CA VAL G 48 5.41 -25.54 -30.94
C VAL G 48 4.76 -25.12 -29.62
N SER G 49 5.39 -24.17 -28.92
CA SER G 49 4.92 -23.78 -27.60
C SER G 49 5.21 -22.30 -27.39
N ALA G 50 4.55 -21.73 -26.40
CA ALA G 50 4.72 -20.32 -26.05
C ALA G 50 4.63 -20.16 -24.53
N ILE G 51 5.38 -19.18 -24.02
CA ILE G 51 5.40 -18.90 -22.59
C ILE G 51 5.29 -17.39 -22.40
N SER G 52 4.59 -16.98 -21.35
CA SER G 52 4.37 -15.56 -21.08
C SER G 52 5.65 -14.91 -20.56
N GLY G 53 5.68 -13.58 -20.66
CA GLY G 53 6.88 -12.84 -20.25
C GLY G 53 7.28 -13.09 -18.81
N LEU G 54 6.30 -13.20 -17.91
CA LEU G 54 6.64 -13.51 -16.52
C LEU G 54 6.97 -14.98 -16.35
N GLY G 55 6.31 -15.85 -17.13
CA GLY G 55 6.48 -17.28 -17.03
C GLY G 55 5.38 -18.02 -16.30
N GLY G 56 4.39 -17.30 -15.74
CA GLY G 56 3.30 -17.97 -15.06
C GLY G 56 2.36 -18.68 -16.01
N SER G 57 2.14 -18.11 -17.19
CA SER G 57 1.24 -18.68 -18.19
C SER G 57 2.05 -19.33 -19.31
N THR G 58 1.72 -20.59 -19.60
CA THR G 58 2.37 -21.34 -20.67
C THR G 58 1.30 -21.80 -21.68
N TYR G 59 1.70 -21.87 -22.94
CA TYR G 59 0.79 -22.22 -24.03
C TYR G 59 1.40 -23.32 -24.87
N TYR G 60 0.59 -24.31 -25.24
CA TYR G 60 1.05 -25.45 -26.01
C TYR G 60 0.07 -25.75 -27.13
N ALA G 61 0.57 -26.36 -28.20
CA ALA G 61 -0.26 -26.81 -29.31
C ALA G 61 -0.96 -28.11 -28.97
N ASP G 62 -2.08 -28.36 -29.66
CA ASP G 62 -2.88 -29.55 -29.39
C ASP G 62 -2.08 -30.82 -29.57
N SER G 63 -1.26 -30.87 -30.61
CA SER G 63 -0.45 -32.06 -30.90
C SER G 63 0.82 -32.18 -30.06
N VAL G 64 1.28 -31.07 -29.50
CA VAL G 64 2.51 -31.07 -28.70
C VAL G 64 2.26 -30.98 -27.21
N LYS G 65 1.01 -30.81 -26.76
CA LYS G 65 0.75 -30.49 -25.36
C LYS G 65 1.19 -31.62 -24.44
N GLY G 66 1.09 -32.86 -24.90
CA GLY G 66 1.46 -33.99 -24.07
C GLY G 66 2.94 -34.25 -23.88
N ARG G 67 3.69 -34.23 -24.98
CA ARG G 67 5.12 -34.51 -24.94
C ARG G 67 6.07 -33.32 -24.68
N PHE G 68 5.53 -32.11 -24.60
CA PHE G 68 6.37 -30.93 -24.39
C PHE G 68 6.18 -30.15 -23.10
N THR G 69 7.27 -29.57 -22.62
CA THR G 69 7.22 -28.70 -21.45
C THR G 69 8.16 -27.52 -21.69
N ILE G 70 7.67 -26.31 -21.51
CA ILE G 70 8.43 -25.09 -21.74
C ILE G 70 8.64 -24.36 -20.42
N SER G 71 9.85 -23.81 -20.23
CA SER G 71 10.18 -23.08 -19.02
C SER G 71 11.26 -22.05 -19.35
N ARG G 72 11.23 -20.94 -18.62
CA ARG G 72 12.22 -19.89 -18.81
C ARG G 72 12.63 -19.32 -17.46
N ASP G 73 13.90 -18.91 -17.38
CA ASP G 73 14.44 -18.29 -16.17
C ASP G 73 14.85 -16.86 -16.53
N ASN G 74 14.19 -15.89 -15.88
CA ASN G 74 14.50 -14.48 -16.15
C ASN G 74 15.89 -14.10 -15.65
N SER G 75 16.34 -14.72 -14.55
CA SER G 75 17.64 -14.38 -13.99
C SER G 75 18.78 -14.79 -14.92
N LYS G 76 18.68 -15.96 -15.54
CA LYS G 76 19.70 -16.43 -16.46
C LYS G 76 19.40 -16.10 -17.91
N ASN G 77 18.24 -15.48 -18.19
CA ASN G 77 17.89 -15.01 -19.54
C ASN G 77 17.94 -16.15 -20.56
N THR G 78 17.47 -17.33 -20.16
CA THR G 78 17.51 -18.51 -21.00
C THR G 78 16.13 -19.16 -21.07
N LEU G 79 15.77 -19.67 -22.23
CA LEU G 79 14.49 -20.34 -22.46
C LEU G 79 14.75 -21.82 -22.68
N TYR G 80 14.16 -22.66 -21.84
CA TYR G 80 14.37 -24.10 -21.89
C TYR G 80 13.09 -24.80 -22.34
N LEU G 81 13.20 -25.63 -23.36
CA LEU G 81 12.12 -26.50 -23.81
C LEU G 81 12.55 -27.94 -23.53
N GLN G 82 11.94 -28.56 -22.52
CA GLN G 82 12.24 -29.93 -22.17
C GLN G 82 11.31 -30.86 -22.95
N MET G 83 11.89 -31.68 -23.82
CA MET G 83 11.13 -32.53 -24.71
C MET G 83 11.27 -33.98 -24.23
N ASN G 84 10.14 -34.62 -23.96
CA ASN G 84 10.11 -36.01 -23.52
C ASN G 84 9.26 -36.83 -24.48
N SER G 85 9.55 -38.13 -24.55
CA SER G 85 8.83 -39.05 -25.43
C SER G 85 8.74 -38.50 -26.85
N LEU G 86 9.90 -38.29 -27.46
CA LEU G 86 10.01 -37.75 -28.81
C LEU G 86 9.61 -38.80 -29.85
N ARG G 87 9.12 -38.33 -31.00
CA ARG G 87 8.72 -39.22 -32.08
C ARG G 87 9.48 -38.92 -33.34
N ALA G 88 9.41 -39.82 -34.31
CA ALA G 88 10.09 -39.64 -35.59
C ALA G 88 9.47 -38.52 -36.41
N GLU G 89 8.15 -38.36 -36.33
CA GLU G 89 7.47 -37.28 -37.06
C GLU G 89 7.85 -35.91 -36.53
N ASP G 90 8.36 -35.85 -35.31
CA ASP G 90 8.71 -34.60 -34.62
C ASP G 90 10.11 -34.11 -34.98
N THR G 91 10.80 -34.75 -35.92
CA THR G 91 12.16 -34.34 -36.28
C THR G 91 12.09 -33.07 -37.11
N ALA G 92 12.62 -31.98 -36.58
CA ALA G 92 12.57 -30.67 -37.21
C ALA G 92 13.61 -29.77 -36.58
N VAL G 93 13.92 -28.67 -37.26
CA VAL G 93 14.77 -27.64 -36.71
C VAL G 93 13.92 -26.67 -35.89
N TYR G 94 14.28 -26.50 -34.62
CA TYR G 94 13.51 -25.68 -33.69
C TYR G 94 14.11 -24.27 -33.62
N TYR G 95 13.24 -23.26 -33.69
CA TYR G 95 13.64 -21.86 -33.65
C TYR G 95 13.03 -21.18 -32.45
N CYS G 96 13.79 -20.28 -31.82
CA CYS G 96 13.30 -19.45 -30.73
C CYS G 96 13.43 -17.98 -31.11
N ALA G 97 12.37 -17.21 -30.84
CA ALA G 97 12.30 -15.83 -31.27
C ALA G 97 11.71 -14.98 -30.15
N LYS G 98 11.75 -13.66 -30.35
CA LYS G 98 11.22 -12.73 -29.37
C LYS G 98 10.15 -11.87 -30.04
N ASP G 99 9.49 -11.04 -29.25
CA ASP G 99 8.45 -10.16 -29.77
C ASP G 99 9.01 -8.91 -30.44
N HIS G 100 8.38 -8.52 -31.55
CA HIS G 100 8.79 -7.35 -32.32
C HIS G 100 8.36 -6.05 -31.65
N ARG G 101 7.07 -5.93 -31.32
CA ARG G 101 6.51 -4.67 -30.84
C ARG G 101 5.81 -4.83 -29.50
N VAL G 102 4.78 -5.67 -29.42
CA VAL G 102 3.97 -5.87 -28.22
C VAL G 102 4.87 -6.19 -27.03
N TRP G 103 4.47 -5.74 -25.84
CA TRP G 103 5.23 -6.01 -24.63
C TRP G 103 4.49 -7.12 -23.88
N ALA G 104 5.00 -8.34 -24.04
CA ALA G 104 4.51 -9.56 -23.40
C ALA G 104 3.01 -9.77 -23.60
N ALA G 105 2.41 -9.03 -24.53
CA ALA G 105 0.99 -9.19 -24.84
C ALA G 105 0.71 -9.92 -26.15
N GLY G 106 1.72 -10.18 -26.98
CA GLY G 106 1.45 -10.72 -28.30
C GLY G 106 2.54 -11.61 -28.82
N TYR G 107 2.22 -12.27 -29.94
CA TYR G 107 3.04 -13.33 -30.51
C TYR G 107 3.89 -12.90 -31.70
N HIS G 108 3.94 -11.60 -32.02
CA HIS G 108 4.79 -11.15 -33.12
C HIS G 108 6.24 -11.56 -32.90
N PHE G 109 6.95 -11.85 -34.00
CA PHE G 109 8.38 -12.18 -33.92
C PHE G 109 9.13 -11.43 -35.01
N ASP G 110 9.99 -10.49 -34.60
CA ASP G 110 10.93 -9.88 -35.53
C ASP G 110 12.22 -10.68 -35.72
N TYR G 111 12.78 -11.20 -34.62
CA TYR G 111 14.14 -11.75 -34.59
C TYR G 111 14.08 -13.21 -34.17
N TRP G 112 14.63 -14.08 -35.01
CA TRP G 112 14.63 -15.52 -34.79
C TRP G 112 16.05 -16.02 -34.56
N GLY G 113 16.16 -17.11 -33.80
CA GLY G 113 17.44 -17.74 -33.61
C GLY G 113 17.86 -18.55 -34.82
N GLN G 114 19.12 -18.98 -34.80
CA GLN G 114 19.67 -19.75 -35.91
C GLN G 114 19.04 -21.13 -36.02
N GLY G 115 18.52 -21.67 -34.93
CA GLY G 115 17.85 -22.95 -34.97
C GLY G 115 18.69 -24.06 -34.37
N ALA G 116 18.00 -25.07 -33.85
CA ALA G 116 18.62 -26.24 -33.25
C ALA G 116 18.12 -27.49 -33.95
N LEU G 117 19.03 -28.38 -34.32
CA LEU G 117 18.68 -29.58 -35.08
C LEU G 117 18.38 -30.72 -34.12
N VAL G 118 17.21 -31.31 -34.25
CA VAL G 118 16.78 -32.44 -33.45
C VAL G 118 16.24 -33.51 -34.39
N THR G 119 16.85 -34.69 -34.35
CA THR G 119 16.44 -35.80 -35.22
C THR G 119 16.10 -36.99 -34.34
N VAL G 120 14.82 -37.37 -34.34
CA VAL G 120 14.38 -38.48 -33.50
C VAL G 120 14.27 -39.80 -34.27
N SER G 121 14.52 -39.79 -35.58
CA SER G 121 14.44 -41.03 -36.34
C SER G 121 15.37 -42.05 -35.69
N SER G 122 14.93 -43.31 -35.64
CA SER G 122 15.72 -44.35 -34.99
C SER G 122 16.62 -45.00 -36.02
N ALA G 123 17.88 -44.59 -36.05
CA ALA G 123 18.88 -45.24 -36.89
C ALA G 123 20.22 -45.26 -36.17
N SER G 124 20.89 -46.41 -36.21
CA SER G 124 22.22 -46.53 -35.64
C SER G 124 23.21 -45.70 -36.46
N THR G 125 24.11 -44.99 -35.78
CA THR G 125 25.05 -44.16 -36.51
C THR G 125 26.14 -45.06 -37.09
N LYS G 126 26.27 -45.06 -38.42
CA LYS G 126 27.23 -45.89 -39.11
C LYS G 126 27.68 -45.18 -40.38
N GLY G 127 28.91 -45.46 -40.80
CA GLY G 127 29.47 -44.81 -41.96
C GLY G 127 28.79 -45.17 -43.27
N PRO G 128 28.62 -44.17 -44.14
CA PRO G 128 28.05 -44.42 -45.45
C PRO G 128 29.03 -45.07 -46.41
N SER G 129 28.50 -45.91 -47.30
CA SER G 129 29.28 -46.51 -48.37
C SER G 129 29.15 -45.66 -49.63
N VAL G 130 30.29 -45.26 -50.19
CA VAL G 130 30.32 -44.37 -51.35
C VAL G 130 30.42 -45.22 -52.61
N PHE G 131 29.44 -45.06 -53.50
CA PHE G 131 29.39 -45.78 -54.76
C PHE G 131 29.50 -44.80 -55.92
N PRO G 132 30.48 -44.93 -56.81
CA PRO G 132 30.60 -44.01 -57.93
C PRO G 132 29.59 -44.33 -59.03
N LEU G 133 29.23 -43.28 -59.77
CA LEU G 133 28.34 -43.39 -60.92
C LEU G 133 29.21 -43.32 -62.17
N ALA G 134 29.28 -44.41 -62.91
CA ALA G 134 30.16 -44.47 -64.08
C ALA G 134 29.69 -43.49 -65.15
N PRO G 135 30.59 -42.71 -65.75
CA PRO G 135 30.30 -41.76 -66.84
C PRO G 135 29.89 -42.46 -68.14
N THR G 144 29.55 -33.72 -73.76
CA THR G 144 29.45 -33.57 -72.31
C THR G 144 29.18 -34.92 -71.65
N ALA G 145 30.00 -35.25 -70.65
CA ALA G 145 29.85 -36.47 -69.87
C ALA G 145 29.46 -36.16 -68.44
N ALA G 146 28.55 -36.96 -67.88
CA ALA G 146 28.07 -36.78 -66.52
C ALA G 146 28.56 -37.93 -65.65
N LEU G 147 29.08 -37.59 -64.46
CA LEU G 147 29.52 -38.58 -63.49
C LEU G 147 29.18 -38.08 -62.10
N GLY G 148 29.02 -39.02 -61.16
CA GLY G 148 28.64 -38.64 -59.82
C GLY G 148 29.01 -39.70 -58.80
N CYS G 149 28.76 -39.37 -57.54
CA CYS G 149 28.98 -40.27 -56.42
C CYS G 149 27.70 -40.38 -55.60
N LEU G 150 27.39 -41.58 -55.13
CA LEU G 150 26.16 -41.84 -54.39
C LEU G 150 26.49 -42.19 -52.95
N VAL G 151 25.93 -41.41 -52.02
CA VAL G 151 26.07 -41.65 -50.59
C VAL G 151 24.82 -42.38 -50.12
N LYS G 152 25.01 -43.50 -49.41
CA LYS G 152 23.90 -44.36 -49.02
C LYS G 152 24.02 -44.75 -47.56
N ASP G 153 22.88 -44.89 -46.90
CA ASP G 153 22.79 -45.42 -45.54
C ASP G 153 23.63 -44.61 -44.55
N TYR G 154 23.46 -43.29 -44.60
CA TYR G 154 24.14 -42.42 -43.65
C TYR G 154 23.13 -41.85 -42.67
N PHE G 155 23.56 -41.70 -41.42
CA PHE G 155 22.73 -41.13 -40.38
C PHE G 155 23.60 -40.82 -39.16
N PRO G 156 23.37 -39.68 -38.53
CA PRO G 156 22.51 -38.62 -39.07
C PRO G 156 23.30 -37.64 -39.95
N GLU G 157 22.64 -36.57 -40.39
CA GLU G 157 23.29 -35.49 -41.13
C GLU G 157 24.38 -34.85 -40.26
N PRO G 158 25.33 -34.11 -40.87
CA PRO G 158 25.42 -33.72 -42.29
C PRO G 158 26.19 -34.64 -43.21
N VAL G 159 26.19 -34.27 -44.49
CA VAL G 159 27.06 -34.86 -45.51
C VAL G 159 27.58 -33.73 -46.38
N THR G 160 28.90 -33.60 -46.46
CA THR G 160 29.54 -32.59 -47.31
C THR G 160 30.20 -33.30 -48.48
N VAL G 161 29.99 -32.76 -49.69
CA VAL G 161 30.56 -33.31 -50.91
C VAL G 161 31.38 -32.24 -51.58
N SER G 162 32.64 -32.55 -51.88
CA SER G 162 33.54 -31.65 -52.59
C SER G 162 34.32 -32.45 -53.62
N TRP G 163 34.65 -31.80 -54.73
CA TRP G 163 35.35 -32.44 -55.84
C TRP G 163 36.78 -31.91 -55.90
N ASN G 164 37.75 -32.83 -55.80
CA ASN G 164 39.17 -32.50 -55.87
C ASN G 164 39.55 -31.45 -54.82
N SER G 165 39.03 -31.63 -53.60
CA SER G 165 39.29 -30.72 -52.48
C SER G 165 38.89 -29.28 -52.83
N GLY G 166 37.77 -29.14 -53.53
CA GLY G 166 37.27 -27.83 -53.92
C GLY G 166 37.86 -27.28 -55.21
N ALA G 167 38.67 -28.05 -55.92
CA ALA G 167 39.26 -27.55 -57.16
C ALA G 167 38.20 -27.30 -58.22
N LEU G 168 37.18 -28.14 -58.28
CA LEU G 168 36.07 -27.96 -59.23
C LEU G 168 34.88 -27.38 -58.48
N THR G 169 34.67 -26.07 -58.63
CA THR G 169 33.48 -25.42 -58.11
C THR G 169 32.33 -25.40 -59.11
N SER G 170 32.61 -25.49 -60.39
CA SER G 170 31.62 -25.34 -61.44
C SER G 170 30.93 -26.66 -61.76
N GLY G 171 29.72 -26.54 -62.31
CA GLY G 171 28.97 -27.70 -62.76
C GLY G 171 28.69 -28.75 -61.71
N VAL G 172 28.54 -28.34 -60.45
CA VAL G 172 28.29 -29.27 -59.35
C VAL G 172 26.89 -29.04 -58.81
N HIS G 173 26.10 -30.11 -58.74
CA HIS G 173 24.74 -30.07 -58.20
C HIS G 173 24.67 -31.10 -57.08
N THR G 174 24.47 -30.63 -55.85
CA THR G 174 24.36 -31.51 -54.68
C THR G 174 22.88 -31.65 -54.32
N PHE G 175 22.34 -32.86 -54.51
CA PHE G 175 20.92 -33.09 -54.32
C PHE G 175 20.58 -33.25 -52.84
N PRO G 176 19.38 -32.81 -52.44
CA PRO G 176 18.97 -32.93 -51.04
C PRO G 176 18.84 -34.38 -50.61
N ALA G 177 18.90 -34.58 -49.30
CA ALA G 177 18.76 -35.91 -48.72
C ALA G 177 17.35 -36.45 -48.95
N VAL G 178 17.24 -37.77 -49.01
CA VAL G 178 15.97 -38.45 -49.23
C VAL G 178 15.68 -39.36 -48.04
N LEU G 179 14.42 -39.39 -47.63
CA LEU G 179 13.99 -40.29 -46.56
C LEU G 179 13.77 -41.68 -47.12
N GLN G 180 14.25 -42.69 -46.39
CA GLN G 180 14.16 -44.07 -46.83
C GLN G 180 13.34 -44.88 -45.83
N SER G 181 12.98 -46.09 -46.25
CA SER G 181 12.22 -46.99 -45.38
C SER G 181 13.07 -47.48 -44.21
N SER G 182 14.36 -47.71 -44.44
CA SER G 182 15.25 -48.18 -43.38
C SER G 182 15.59 -47.10 -42.37
N GLY G 183 15.17 -45.85 -42.60
CA GLY G 183 15.50 -44.76 -41.71
C GLY G 183 16.87 -44.18 -41.92
N LEU G 184 17.54 -44.52 -43.01
CA LEU G 184 18.88 -44.06 -43.31
C LEU G 184 18.84 -43.12 -44.52
N TYR G 185 19.40 -41.93 -44.36
CA TYR G 185 19.39 -40.95 -45.43
C TYR G 185 20.37 -41.33 -46.54
N SER G 186 20.13 -40.80 -47.73
CA SER G 186 20.99 -41.00 -48.88
C SER G 186 21.07 -39.71 -49.67
N LEU G 187 22.29 -39.39 -50.12
CA LEU G 187 22.53 -38.16 -50.86
C LEU G 187 23.29 -38.48 -52.14
N SER G 188 23.01 -37.70 -53.19
CA SER G 188 23.64 -37.88 -54.48
C SER G 188 24.23 -36.57 -54.97
N SER G 189 25.44 -36.63 -55.52
CA SER G 189 26.12 -35.47 -56.07
C SER G 189 26.63 -35.83 -57.46
N VAL G 190 26.42 -34.94 -58.42
CA VAL G 190 26.79 -35.17 -59.82
C VAL G 190 27.60 -34.00 -60.32
N VAL G 191 28.30 -34.24 -61.44
CA VAL G 191 29.08 -33.21 -62.10
C VAL G 191 29.07 -33.49 -63.60
N THR G 192 29.13 -32.42 -64.39
CA THR G 192 29.11 -32.51 -65.85
C THR G 192 30.43 -31.98 -66.38
N VAL G 193 31.15 -32.81 -67.13
CA VAL G 193 32.45 -32.45 -67.69
C VAL G 193 32.52 -32.92 -69.13
N PRO G 194 33.37 -32.29 -69.94
CA PRO G 194 33.52 -32.72 -71.35
C PRO G 194 34.02 -34.15 -71.43
N SER G 195 33.68 -34.80 -72.55
CA SER G 195 34.09 -36.18 -72.76
C SER G 195 35.60 -36.29 -72.95
N SER G 196 36.20 -35.29 -73.61
CA SER G 196 37.64 -35.29 -73.81
C SER G 196 38.40 -35.11 -72.50
N SER G 197 37.84 -34.35 -71.56
CA SER G 197 38.47 -34.12 -70.27
C SER G 197 38.55 -35.35 -69.39
N LEU G 198 37.83 -36.43 -69.75
CA LEU G 198 37.88 -37.64 -68.93
C LEU G 198 39.27 -38.26 -68.92
N GLY G 199 39.94 -38.27 -70.07
CA GLY G 199 41.25 -38.91 -70.14
C GLY G 199 42.34 -38.13 -69.43
N THR G 200 42.34 -36.80 -69.57
CA THR G 200 43.41 -35.98 -69.02
C THR G 200 43.18 -35.57 -67.58
N GLN G 201 41.98 -35.74 -67.04
CA GLN G 201 41.66 -35.32 -65.69
C GLN G 201 41.16 -36.51 -64.87
N THR G 202 41.41 -36.45 -63.57
CA THR G 202 40.94 -37.45 -62.62
C THR G 202 39.98 -36.79 -61.65
N TYR G 203 38.85 -37.43 -61.39
CA TYR G 203 37.81 -36.88 -60.54
C TYR G 203 37.66 -37.74 -59.30
N ILE G 204 37.89 -37.13 -58.13
CA ILE G 204 37.75 -37.81 -56.85
C ILE G 204 36.75 -37.01 -56.03
N CYS G 205 35.69 -37.68 -55.58
CA CYS G 205 34.68 -37.04 -54.75
C CYS G 205 35.01 -37.28 -53.27
N ASN G 206 34.95 -36.20 -52.49
CA ASN G 206 35.27 -36.26 -51.07
C ASN G 206 33.97 -36.21 -50.28
N VAL G 207 33.75 -37.23 -49.45
CA VAL G 207 32.58 -37.30 -48.59
C VAL G 207 33.09 -37.23 -47.17
N ASN G 208 32.78 -36.14 -46.48
CA ASN G 208 33.25 -35.89 -45.12
C ASN G 208 32.04 -35.94 -44.20
N HIS G 209 31.95 -36.99 -43.39
CA HIS G 209 30.88 -37.16 -42.42
C HIS G 209 31.52 -37.16 -41.04
N LYS G 210 31.34 -36.06 -40.30
CA LYS G 210 31.98 -35.94 -38.98
C LYS G 210 31.37 -36.88 -37.94
N PRO G 211 30.05 -36.92 -37.73
CA PRO G 211 29.51 -37.75 -36.64
C PRO G 211 29.89 -39.23 -36.75
N SER G 212 29.78 -39.80 -37.94
CA SER G 212 30.14 -41.20 -38.16
C SER G 212 31.64 -41.38 -38.34
N ASN G 213 32.41 -40.30 -38.37
CA ASN G 213 33.86 -40.34 -38.55
C ASN G 213 34.23 -41.07 -39.84
N THR G 214 33.48 -40.80 -40.91
CA THR G 214 33.70 -41.43 -42.20
C THR G 214 34.16 -40.37 -43.20
N LYS G 215 35.43 -40.42 -43.57
CA LYS G 215 35.97 -39.58 -44.63
C LYS G 215 36.63 -40.50 -45.63
N VAL G 216 36.05 -40.61 -46.82
CA VAL G 216 36.52 -41.52 -47.86
C VAL G 216 36.56 -40.78 -49.18
N ASP G 217 37.64 -40.98 -49.93
CA ASP G 217 37.79 -40.39 -51.26
C ASP G 217 37.71 -41.53 -52.28
N LYS G 218 36.64 -41.53 -53.06
CA LYS G 218 36.38 -42.57 -54.06
C LYS G 218 36.57 -41.98 -55.45
N LYS G 219 37.60 -42.45 -56.16
CA LYS G 219 37.85 -41.97 -57.51
C LYS G 219 36.83 -42.54 -58.49
N VAL G 220 36.49 -41.74 -59.50
CA VAL G 220 35.49 -42.09 -60.49
C VAL G 220 36.21 -42.48 -61.78
N GLU G 221 35.90 -43.67 -62.29
CA GLU G 221 36.51 -44.23 -63.49
C GLU G 221 35.44 -44.62 -64.49
N PRO G 222 35.72 -44.52 -65.80
CA PRO G 222 34.76 -44.91 -66.83
C PRO G 222 34.71 -46.41 -67.06
N ASP H 1 -9.65 -25.79 -35.38
CA ASP H 1 -8.62 -24.76 -35.59
C ASP H 1 -8.83 -24.04 -36.92
N ILE H 2 -8.09 -22.95 -37.11
CA ILE H 2 -8.11 -22.18 -38.37
C ILE H 2 -6.72 -22.23 -38.98
N VAL H 3 -6.65 -22.66 -40.23
CA VAL H 3 -5.40 -22.69 -40.99
C VAL H 3 -5.66 -21.99 -42.32
N LEU H 4 -4.94 -20.90 -42.55
CA LEU H 4 -5.06 -20.13 -43.78
C LEU H 4 -4.29 -20.81 -44.91
N THR H 5 -4.72 -20.53 -46.14
CA THR H 5 -4.08 -21.11 -47.31
C THR H 5 -3.73 -20.00 -48.30
N GLN H 6 -2.65 -20.22 -49.03
CA GLN H 6 -2.18 -19.31 -50.07
C GLN H 6 -2.27 -20.04 -51.39
N SER H 7 -2.90 -19.40 -52.38
CA SER H 7 -3.13 -20.08 -53.66
C SER H 7 -1.84 -20.44 -54.39
N PRO H 8 -0.96 -19.50 -54.78
CA PRO H 8 0.30 -19.92 -55.40
C PRO H 8 1.31 -20.37 -54.36
N SER H 9 1.98 -21.49 -54.64
CA SER H 9 3.18 -21.85 -53.90
C SER H 9 4.42 -21.22 -54.52
N THR H 10 4.56 -21.35 -55.84
CA THR H 10 5.69 -20.82 -56.59
C THR H 10 5.17 -19.87 -57.65
N LEU H 11 5.58 -18.60 -57.56
CA LEU H 11 5.15 -17.55 -58.47
C LEU H 11 6.35 -17.08 -59.28
N SER H 12 6.21 -17.10 -60.61
CA SER H 12 7.29 -16.66 -61.48
C SER H 12 7.33 -15.13 -61.54
N ALA H 13 8.53 -14.58 -61.41
CA ALA H 13 8.70 -13.13 -61.40
C ALA H 13 10.12 -12.80 -61.84
N SER H 14 10.33 -11.52 -62.14
CA SER H 14 11.63 -11.02 -62.58
C SER H 14 11.91 -9.70 -61.87
N VAL H 15 13.15 -9.22 -62.01
CA VAL H 15 13.54 -7.96 -61.38
C VAL H 15 12.69 -6.83 -61.93
N GLY H 16 12.18 -5.99 -61.04
CA GLY H 16 11.36 -4.86 -61.43
C GLY H 16 9.94 -5.21 -61.84
N ASP H 17 9.43 -6.36 -61.41
CA ASP H 17 8.09 -6.80 -61.73
C ASP H 17 7.22 -6.77 -60.47
N ARG H 18 5.97 -6.34 -60.62
CA ARG H 18 5.06 -6.26 -59.49
C ARG H 18 4.63 -7.65 -59.05
N VAL H 19 4.76 -7.94 -57.76
CA VAL H 19 4.45 -9.24 -57.18
C VAL H 19 3.41 -9.05 -56.10
N THR H 20 2.34 -9.85 -56.16
CA THR H 20 1.25 -9.80 -55.19
C THR H 20 0.96 -11.20 -54.67
N ILE H 21 0.98 -11.37 -53.36
CA ILE H 21 0.68 -12.63 -52.70
C ILE H 21 -0.62 -12.47 -51.93
N THR H 22 -1.53 -13.44 -52.08
CA THR H 22 -2.85 -13.40 -51.47
C THR H 22 -2.92 -14.47 -50.39
N CYS H 23 -3.15 -14.03 -49.16
CA CYS H 23 -3.26 -14.91 -48.01
C CYS H 23 -4.65 -14.73 -47.40
N ARG H 24 -5.49 -15.76 -47.50
CA ARG H 24 -6.89 -15.68 -47.08
C ARG H 24 -7.16 -16.62 -45.90
N ALA H 25 -7.56 -16.05 -44.77
CA ALA H 25 -7.95 -16.83 -43.60
C ALA H 25 -9.41 -17.22 -43.68
N SER H 26 -9.73 -18.42 -43.18
CA SER H 26 -11.11 -18.91 -43.23
C SER H 26 -12.02 -18.09 -42.32
N GLN H 27 -11.61 -17.88 -41.07
CA GLN H 27 -12.40 -17.11 -40.13
C GLN H 27 -11.99 -15.64 -40.19
N SER H 28 -12.62 -14.81 -39.34
CA SER H 28 -12.36 -13.37 -39.36
C SER H 28 -11.24 -13.08 -38.35
N ILE H 29 -10.07 -12.73 -38.86
CA ILE H 29 -8.94 -12.35 -38.03
C ILE H 29 -8.78 -10.84 -37.91
N SER H 30 -9.68 -10.07 -38.51
CA SER H 30 -9.67 -8.61 -38.47
C SER H 30 -8.35 -8.13 -39.09
N SER H 31 -7.65 -7.19 -38.46
CA SER H 31 -6.43 -6.61 -39.01
C SER H 31 -5.17 -7.28 -38.50
N TRP H 32 -5.29 -8.36 -37.72
CA TRP H 32 -4.15 -9.00 -37.09
C TRP H 32 -3.59 -10.10 -37.98
N LEU H 33 -2.45 -9.83 -38.61
CA LEU H 33 -1.73 -10.81 -39.42
C LEU H 33 -0.31 -10.27 -39.62
N ALA H 34 0.62 -11.15 -39.93
CA ALA H 34 2.00 -10.76 -40.21
C ALA H 34 2.56 -11.64 -41.31
N TRP H 35 3.60 -11.13 -41.99
CA TRP H 35 4.28 -11.84 -43.06
C TRP H 35 5.75 -12.01 -42.71
N TYR H 36 6.31 -13.14 -43.11
CA TYR H 36 7.70 -13.49 -42.83
C TYR H 36 8.45 -13.76 -44.14
N GLN H 37 9.77 -13.73 -44.05
CA GLN H 37 10.64 -14.00 -45.18
C GLN H 37 11.75 -14.94 -44.72
N GLN H 38 11.85 -16.10 -45.35
CA GLN H 38 12.86 -17.10 -45.00
C GLN H 38 13.57 -17.57 -46.26
N LYS H 39 14.88 -17.38 -46.30
CA LYS H 39 15.71 -17.89 -47.38
C LYS H 39 16.12 -19.32 -47.08
N PRO H 40 16.52 -20.09 -48.10
CA PRO H 40 16.95 -21.47 -47.86
C PRO H 40 18.10 -21.53 -46.86
N GLY H 41 17.94 -22.38 -45.85
CA GLY H 41 18.95 -22.56 -44.82
C GLY H 41 19.15 -21.39 -43.88
N GLU H 42 18.36 -20.33 -44.00
CA GLU H 42 18.52 -19.13 -43.18
C GLU H 42 17.34 -18.97 -42.24
N ALA H 43 17.57 -18.34 -41.10
CA ALA H 43 16.52 -18.13 -40.12
C ALA H 43 15.44 -17.21 -40.70
N PRO H 44 14.18 -17.42 -40.32
CA PRO H 44 13.10 -16.57 -40.83
C PRO H 44 13.27 -15.12 -40.42
N LYS H 45 12.96 -14.22 -41.35
CA LYS H 45 13.06 -12.78 -41.14
C LYS H 45 11.68 -12.16 -41.26
N LEU H 46 11.33 -11.30 -40.31
CA LEU H 46 10.01 -10.69 -40.30
C LEU H 46 9.93 -9.63 -41.39
N LEU H 47 8.98 -9.80 -42.32
CA LEU H 47 8.78 -8.81 -43.37
C LEU H 47 7.92 -7.65 -42.87
N ILE H 48 6.77 -7.95 -42.28
CA ILE H 48 5.79 -6.94 -41.91
C ILE H 48 5.06 -7.44 -40.66
N SER H 49 4.52 -6.49 -39.89
CA SER H 49 3.80 -6.79 -38.67
C SER H 49 2.49 -6.02 -38.67
N ASP H 50 1.41 -6.67 -38.22
CA ASP H 50 0.06 -6.13 -38.17
C ASP H 50 -0.50 -5.89 -39.57
N ALA H 51 0.29 -6.15 -40.61
CA ALA H 51 -0.02 -6.06 -42.04
C ALA H 51 -0.14 -4.61 -42.53
N SER H 52 -0.27 -3.65 -41.63
CA SER H 52 -0.13 -2.24 -42.01
C SER H 52 1.22 -1.63 -41.64
N SER H 53 1.89 -2.15 -40.62
CA SER H 53 3.09 -1.52 -40.07
C SER H 53 4.33 -2.24 -40.57
N LEU H 54 5.33 -1.46 -40.97
CA LEU H 54 6.57 -2.00 -41.51
C LEU H 54 7.63 -2.11 -40.43
N GLU H 55 8.32 -3.25 -40.40
CA GLU H 55 9.44 -3.45 -39.49
C GLU H 55 10.61 -2.56 -39.85
N SER H 56 11.36 -2.13 -38.83
CA SER H 56 12.54 -1.31 -39.06
C SER H 56 13.59 -2.10 -39.81
N GLY H 57 14.26 -1.43 -40.76
CA GLY H 57 15.23 -2.08 -41.61
C GLY H 57 14.65 -2.81 -42.81
N VAL H 58 13.33 -2.80 -42.98
CA VAL H 58 12.68 -3.44 -44.13
C VAL H 58 12.52 -2.41 -45.25
N PRO H 59 12.82 -2.78 -46.49
CA PRO H 59 12.66 -1.83 -47.60
C PRO H 59 11.25 -1.28 -47.68
N SER H 60 11.15 -0.03 -48.14
CA SER H 60 9.86 0.66 -48.23
C SER H 60 8.98 0.09 -49.33
N ARG H 61 9.54 -0.66 -50.27
CA ARG H 61 8.76 -1.20 -51.37
C ARG H 61 7.69 -2.18 -50.88
N PHE H 62 7.98 -2.93 -49.82
CA PHE H 62 7.04 -3.90 -49.29
C PHE H 62 5.84 -3.19 -48.67
N SER H 63 4.64 -3.68 -49.00
CA SER H 63 3.41 -3.11 -48.45
C SER H 63 2.35 -4.21 -48.41
N GLY H 64 1.33 -3.96 -47.60
CA GLY H 64 0.23 -4.90 -47.47
C GLY H 64 -1.05 -4.18 -47.14
N SER H 65 -2.16 -4.85 -47.44
CA SER H 65 -3.48 -4.25 -47.30
C SER H 65 -4.48 -5.35 -47.00
N GLY H 66 -5.76 -5.00 -47.03
CA GLY H 66 -6.81 -5.97 -46.75
C GLY H 66 -7.24 -5.94 -45.30
N SER H 67 -8.51 -6.27 -45.09
CA SER H 67 -9.09 -6.32 -43.75
C SER H 67 -9.92 -7.59 -43.62
N GLY H 68 -10.11 -8.02 -42.37
CA GLY H 68 -10.89 -9.23 -42.13
C GLY H 68 -10.20 -10.46 -42.66
N THR H 69 -10.90 -11.21 -43.51
CA THR H 69 -10.37 -12.46 -44.03
C THR H 69 -9.36 -12.24 -45.16
N GLU H 70 -9.53 -11.20 -45.96
CA GLU H 70 -8.72 -11.00 -47.15
C GLU H 70 -7.47 -10.18 -46.83
N PHE H 71 -6.33 -10.64 -47.36
CA PHE H 71 -5.05 -9.97 -47.18
C PHE H 71 -4.20 -10.14 -48.42
N THR H 72 -3.45 -9.10 -48.78
CA THR H 72 -2.57 -9.11 -49.93
C THR H 72 -1.26 -8.42 -49.59
N LEU H 73 -0.15 -9.11 -49.81
CA LEU H 73 1.19 -8.53 -49.69
C LEU H 73 1.65 -8.09 -51.08
N THR H 74 1.96 -6.81 -51.23
CA THR H 74 2.30 -6.23 -52.52
C THR H 74 3.71 -5.67 -52.47
N ILE H 75 4.53 -6.04 -53.46
CA ILE H 75 5.89 -5.54 -53.62
C ILE H 75 5.94 -4.76 -54.92
N SER H 76 6.21 -3.45 -54.83
CA SER H 76 6.21 -2.61 -56.02
C SER H 76 7.33 -2.99 -56.97
N SER H 77 8.52 -3.30 -56.45
CA SER H 77 9.66 -3.69 -57.27
C SER H 77 10.35 -4.88 -56.65
N LEU H 78 10.61 -5.91 -57.44
CA LEU H 78 11.28 -7.11 -56.96
C LEU H 78 12.78 -7.01 -57.24
N GLN H 79 13.57 -7.53 -56.30
CA GLN H 79 15.02 -7.42 -56.33
C GLN H 79 15.64 -8.80 -56.16
N PRO H 80 16.91 -8.97 -56.56
CA PRO H 80 17.54 -10.30 -56.41
C PRO H 80 17.60 -10.78 -54.97
N ASP H 81 17.80 -9.89 -54.01
CA ASP H 81 17.79 -10.29 -52.61
C ASP H 81 16.41 -10.74 -52.15
N ASP H 82 15.35 -10.34 -52.86
CA ASP H 82 13.98 -10.55 -52.45
C ASP H 82 13.46 -11.96 -52.75
N PHE H 83 14.28 -12.85 -53.30
CA PHE H 83 13.81 -14.19 -53.65
C PHE H 83 13.99 -15.07 -52.43
N ALA H 84 12.88 -15.41 -51.80
CA ALA H 84 12.85 -16.21 -50.58
C ALA H 84 11.43 -16.73 -50.40
N THR H 85 11.27 -17.68 -49.48
CA THR H 85 9.94 -18.16 -49.14
C THR H 85 9.26 -17.17 -48.21
N TYR H 86 7.97 -16.93 -48.45
CA TYR H 86 7.17 -15.99 -47.67
C TYR H 86 6.00 -16.71 -47.03
N TYR H 87 5.86 -16.53 -45.72
CA TYR H 87 4.74 -17.07 -44.95
C TYR H 87 3.92 -15.94 -44.35
N CYS H 88 2.64 -16.20 -44.16
CA CYS H 88 1.73 -15.27 -43.50
C CYS H 88 1.24 -15.92 -42.21
N GLN H 89 1.46 -15.24 -41.08
CA GLN H 89 1.16 -15.77 -39.76
C GLN H 89 -0.03 -15.04 -39.15
N GLN H 90 -1.00 -15.82 -38.68
CA GLN H 90 -2.12 -15.31 -37.90
C GLN H 90 -2.04 -15.87 -36.49
N TYR H 91 -2.07 -14.98 -35.50
CA TYR H 91 -1.94 -15.34 -34.09
C TYR H 91 -3.28 -15.43 -33.36
N TYR H 92 -4.41 -15.30 -34.05
CA TYR H 92 -5.72 -15.40 -33.42
C TYR H 92 -5.89 -16.72 -32.67
N SER H 93 -5.99 -17.83 -33.40
CA SER H 93 -6.11 -19.14 -32.80
C SER H 93 -5.37 -20.16 -33.63
N SER H 94 -4.66 -21.07 -32.96
CA SER H 94 -3.84 -22.10 -33.60
C SER H 94 -2.94 -21.48 -34.66
N PRO H 95 -1.87 -20.80 -34.27
CA PRO H 95 -1.06 -20.06 -35.26
C PRO H 95 -0.48 -21.00 -36.30
N THR H 96 -0.68 -20.65 -37.56
CA THR H 96 -0.24 -21.44 -38.70
C THR H 96 0.37 -20.51 -39.72
N PHE H 97 1.59 -20.83 -40.17
CA PHE H 97 2.31 -19.98 -41.10
C PHE H 97 1.90 -20.19 -42.54
N GLY H 98 1.05 -21.19 -42.82
CA GLY H 98 0.59 -21.45 -44.17
C GLY H 98 1.52 -22.37 -44.94
N GLY H 99 1.07 -22.71 -46.15
CA GLY H 99 1.89 -23.53 -47.03
C GLY H 99 3.17 -22.84 -47.48
N GLY H 100 3.17 -21.53 -47.53
CA GLY H 100 4.33 -20.77 -47.93
C GLY H 100 4.27 -20.38 -49.41
N THR H 101 4.85 -19.22 -49.72
CA THR H 101 4.91 -18.71 -51.08
C THR H 101 6.37 -18.52 -51.47
N LYS H 102 6.84 -19.34 -52.41
CA LYS H 102 8.20 -19.26 -52.93
C LYS H 102 8.23 -18.44 -54.21
N VAL H 103 9.25 -17.59 -54.34
CA VAL H 103 9.40 -16.72 -55.50
C VAL H 103 10.57 -17.24 -56.32
N GLU H 104 10.35 -17.40 -57.62
CA GLU H 104 11.33 -17.97 -58.54
C GLU H 104 11.35 -17.14 -59.82
N ILE H 105 12.18 -17.59 -60.78
CA ILE H 105 12.32 -16.90 -62.05
C ILE H 105 11.60 -17.68 -63.14
N THR H 108 12.41 -17.84 -70.49
CA THR H 108 13.61 -18.67 -70.63
C THR H 108 13.27 -20.14 -70.38
N VAL H 109 13.15 -20.92 -71.45
CA VAL H 109 12.86 -22.34 -71.38
C VAL H 109 14.09 -23.11 -71.83
N ALA H 110 14.47 -24.13 -71.06
CA ALA H 110 15.64 -24.95 -71.36
C ALA H 110 15.23 -26.42 -71.39
N ALA H 111 16.01 -27.22 -72.12
CA ALA H 111 15.70 -28.64 -72.30
C ALA H 111 16.48 -29.47 -71.27
N PRO H 112 15.81 -30.37 -70.55
CA PRO H 112 16.52 -31.21 -69.58
C PRO H 112 17.42 -32.23 -70.28
N SER H 113 18.64 -32.36 -69.78
CA SER H 113 19.54 -33.43 -70.19
C SER H 113 19.27 -34.66 -69.35
N VAL H 114 19.19 -35.81 -69.99
CA VAL H 114 18.82 -37.08 -69.34
C VAL H 114 20.07 -37.95 -69.25
N PHE H 115 20.38 -38.40 -68.04
CA PHE H 115 21.53 -39.26 -67.80
C PHE H 115 21.09 -40.40 -66.88
N ILE H 116 21.36 -41.63 -67.31
CA ILE H 116 21.00 -42.83 -66.54
C ILE H 116 22.28 -43.56 -66.17
N PHE H 117 22.43 -43.87 -64.88
CA PHE H 117 23.63 -44.51 -64.37
C PHE H 117 23.32 -45.92 -63.87
N PRO H 118 24.04 -46.93 -64.35
CA PRO H 118 23.81 -48.30 -63.88
C PRO H 118 24.36 -48.50 -62.48
N PRO H 119 23.92 -49.54 -61.77
CA PRO H 119 24.48 -49.81 -60.44
C PRO H 119 25.97 -50.13 -60.52
N SER H 120 26.71 -49.62 -59.54
CA SER H 120 28.15 -49.84 -59.49
C SER H 120 28.47 -51.28 -59.10
N ASP H 121 29.68 -51.70 -59.46
CA ASP H 121 30.12 -53.07 -59.15
C ASP H 121 30.33 -53.25 -57.65
N GLU H 122 30.87 -52.24 -56.97
CA GLU H 122 31.08 -52.33 -55.54
C GLU H 122 29.75 -52.47 -54.78
N GLN H 123 28.68 -51.86 -55.31
CA GLN H 123 27.38 -51.98 -54.67
C GLN H 123 26.82 -53.40 -54.77
N LEU H 124 27.20 -54.14 -55.81
CA LEU H 124 26.70 -55.50 -55.99
C LEU H 124 27.18 -56.44 -54.89
N LYS H 125 28.37 -56.18 -54.32
CA LYS H 125 28.89 -57.05 -53.27
C LYS H 125 28.03 -57.00 -52.02
N SER H 126 27.42 -55.85 -51.73
CA SER H 126 26.58 -55.71 -50.55
C SER H 126 25.21 -56.36 -50.72
N GLY H 127 24.74 -56.54 -51.96
CA GLY H 127 23.44 -57.12 -52.20
C GLY H 127 22.33 -56.13 -52.52
N THR H 128 22.66 -54.86 -52.75
CA THR H 128 21.69 -53.82 -53.06
C THR H 128 22.06 -53.16 -54.38
N ALA H 129 21.05 -52.88 -55.21
CA ALA H 129 21.23 -52.23 -56.50
C ALA H 129 20.44 -50.95 -56.54
N SER H 130 21.10 -49.84 -56.89
CA SER H 130 20.46 -48.53 -56.98
C SER H 130 20.73 -47.93 -58.35
N VAL H 131 19.68 -47.55 -59.06
CA VAL H 131 19.76 -46.90 -60.37
C VAL H 131 19.41 -45.43 -60.20
N VAL H 132 20.22 -44.56 -60.78
CA VAL H 132 20.07 -43.11 -60.65
C VAL H 132 19.81 -42.50 -62.02
N CYS H 133 18.75 -41.71 -62.13
CA CYS H 133 18.42 -40.97 -63.34
C CYS H 133 18.56 -39.48 -63.06
N LEU H 134 19.38 -38.80 -63.86
CA LEU H 134 19.79 -37.42 -63.61
C LEU H 134 19.17 -36.47 -64.63
N LEU H 135 18.54 -35.40 -64.15
CA LEU H 135 18.03 -34.31 -64.97
C LEU H 135 18.72 -33.01 -64.58
N ASN H 136 19.30 -32.32 -65.56
CA ASN H 136 20.08 -31.12 -65.29
C ASN H 136 19.73 -30.02 -66.29
N ASN H 137 19.85 -28.76 -65.84
CA ASN H 137 19.73 -27.57 -66.69
C ASN H 137 18.38 -27.51 -67.42
N PHE H 138 17.30 -27.53 -66.63
CA PHE H 138 15.95 -27.47 -67.17
C PHE H 138 15.16 -26.33 -66.54
N TYR H 139 14.61 -25.47 -67.41
CA TYR H 139 13.55 -24.52 -67.04
C TYR H 139 12.20 -25.03 -67.55
N PRO H 140 11.16 -25.02 -66.70
CA PRO H 140 10.93 -24.65 -65.30
C PRO H 140 11.31 -25.78 -64.34
N ARG H 141 11.21 -25.53 -63.03
CA ARG H 141 11.53 -26.57 -62.05
C ARG H 141 10.62 -27.78 -62.24
N GLU H 142 9.40 -27.56 -62.72
CA GLU H 142 8.42 -28.62 -62.92
C GLU H 142 8.96 -29.70 -63.86
N ALA H 143 8.74 -30.95 -63.48
CA ALA H 143 9.20 -32.09 -64.27
C ALA H 143 8.56 -33.36 -63.72
N LYS H 144 8.60 -34.42 -64.54
CA LYS H 144 8.02 -35.71 -64.21
C LYS H 144 8.97 -36.82 -64.64
N VAL H 145 9.29 -37.72 -63.72
CA VAL H 145 10.20 -38.83 -63.98
C VAL H 145 9.46 -40.13 -63.70
N GLN H 146 9.36 -40.99 -64.70
CA GLN H 146 8.75 -42.31 -64.56
C GLN H 146 9.80 -43.39 -64.75
N TRP H 147 9.65 -44.48 -64.00
CA TRP H 147 10.54 -45.63 -64.07
C TRP H 147 9.84 -46.78 -64.77
N LYS H 148 10.49 -47.37 -65.76
CA LYS H 148 9.95 -48.50 -66.51
C LYS H 148 10.98 -49.61 -66.55
N VAL H 149 10.66 -50.75 -65.95
CA VAL H 149 11.54 -51.91 -65.93
C VAL H 149 10.87 -52.99 -66.75
N ASP H 150 11.49 -53.35 -67.88
CA ASP H 150 10.92 -54.30 -68.84
C ASP H 150 9.55 -53.84 -69.31
N ASN H 151 9.43 -52.54 -69.61
CA ASN H 151 8.19 -51.92 -70.05
C ASN H 151 7.07 -52.13 -69.03
N ALA H 152 7.42 -52.03 -67.75
CA ALA H 152 6.47 -52.17 -66.66
C ALA H 152 6.66 -51.01 -65.69
N LEU H 153 5.58 -50.32 -65.35
CA LEU H 153 5.65 -49.19 -64.45
C LEU H 153 6.04 -49.63 -63.04
N GLN H 154 6.84 -48.81 -62.37
CA GLN H 154 7.29 -49.06 -61.00
C GLN H 154 6.86 -47.89 -60.14
N SER H 155 6.06 -48.16 -59.11
CA SER H 155 5.53 -47.14 -58.22
C SER H 155 5.92 -47.46 -56.78
N GLY H 156 6.37 -46.44 -56.06
CA GLY H 156 6.72 -46.56 -54.66
C GLY H 156 8.17 -46.88 -54.39
N ASN H 157 8.90 -47.42 -55.37
CA ASN H 157 10.30 -47.77 -55.19
C ASN H 157 11.25 -46.67 -55.66
N SER H 158 10.72 -45.54 -56.13
CA SER H 158 11.53 -44.44 -56.63
C SER H 158 11.44 -43.24 -55.69
N GLN H 159 12.58 -42.61 -55.46
CA GLN H 159 12.70 -41.42 -54.61
C GLN H 159 13.40 -40.34 -55.42
N GLU H 160 12.95 -39.09 -55.28
CA GLU H 160 13.53 -37.99 -56.04
C GLU H 160 13.79 -36.79 -55.13
N SER H 161 14.74 -35.96 -55.56
CA SER H 161 15.10 -34.73 -54.86
C SER H 161 15.51 -33.68 -55.88
N VAL H 162 15.18 -32.42 -55.60
CA VAL H 162 15.44 -31.30 -56.49
C VAL H 162 16.29 -30.28 -55.75
N THR H 163 17.37 -29.82 -56.40
CA THR H 163 18.26 -28.85 -55.79
C THR H 163 17.66 -27.44 -55.85
N GLU H 164 18.37 -26.50 -55.23
CA GLU H 164 18.05 -25.08 -55.26
C GLU H 164 18.53 -24.42 -56.55
N GLN H 165 17.93 -23.28 -56.85
CA GLN H 165 18.31 -22.50 -58.04
C GLN H 165 19.79 -22.14 -57.99
N ASP H 166 20.49 -22.37 -59.10
CA ASP H 166 21.87 -21.96 -59.24
C ASP H 166 21.95 -20.49 -59.63
N SER H 167 22.87 -19.76 -59.02
CA SER H 167 22.98 -18.33 -59.29
C SER H 167 23.42 -18.05 -60.72
N LYS H 168 24.29 -18.89 -61.28
CA LYS H 168 24.89 -18.60 -62.57
C LYS H 168 23.89 -18.80 -63.72
N ASP H 169 23.45 -20.04 -63.92
CA ASP H 169 22.56 -20.35 -65.04
C ASP H 169 21.07 -20.31 -64.67
N SER H 170 20.75 -20.22 -63.38
CA SER H 170 19.35 -20.19 -62.91
C SER H 170 18.57 -21.41 -63.41
N THR H 171 19.18 -22.58 -63.34
CA THR H 171 18.58 -23.82 -63.83
C THR H 171 18.46 -24.81 -62.69
N TYR H 172 17.28 -25.42 -62.55
CA TYR H 172 17.00 -26.43 -61.56
C TYR H 172 17.62 -27.78 -61.97
N SER H 173 17.81 -28.64 -60.97
CA SER H 173 18.34 -29.98 -61.20
C SER H 173 17.55 -30.99 -60.37
N LEU H 174 17.30 -32.16 -60.95
CA LEU H 174 16.52 -33.21 -60.31
C LEU H 174 17.23 -34.55 -60.46
N SER H 175 17.19 -35.36 -59.39
CA SER H 175 17.77 -36.70 -59.38
C SER H 175 16.72 -37.70 -58.91
N SER H 176 16.60 -38.82 -59.63
CA SER H 176 15.68 -39.89 -59.27
C SER H 176 16.46 -41.18 -59.03
N THR H 177 16.18 -41.84 -57.90
CA THR H 177 16.89 -43.04 -57.50
C THR H 177 15.92 -44.21 -57.38
N LEU H 178 16.26 -45.32 -58.03
CA LEU H 178 15.49 -46.56 -57.96
C LEU H 178 16.32 -47.60 -57.20
N THR H 179 15.80 -48.05 -56.06
CA THR H 179 16.50 -49.00 -55.20
C THR H 179 15.77 -50.33 -55.20
N LEU H 180 16.50 -51.41 -55.50
CA LEU H 180 15.96 -52.75 -55.52
C LEU H 180 16.99 -53.73 -54.97
N SER H 181 16.51 -54.92 -54.59
CA SER H 181 17.38 -55.96 -54.07
C SER H 181 18.20 -56.59 -55.18
N LYS H 182 19.30 -57.26 -54.77
CA LYS H 182 20.17 -57.92 -55.74
C LYS H 182 19.44 -58.99 -56.53
N ALA H 183 18.60 -59.78 -55.87
CA ALA H 183 17.88 -60.85 -56.55
C ALA H 183 16.89 -60.30 -57.57
N ASP H 184 16.13 -59.28 -57.17
CA ASP H 184 15.17 -58.67 -58.09
C ASP H 184 15.86 -57.96 -59.24
N TYR H 185 17.07 -57.42 -59.00
CA TYR H 185 17.77 -56.70 -60.06
C TYR H 185 18.25 -57.64 -61.16
N GLU H 186 18.71 -58.84 -60.80
CA GLU H 186 19.25 -59.75 -61.80
C GLU H 186 18.15 -60.36 -62.66
N LYS H 187 16.94 -60.49 -62.11
CA LYS H 187 15.84 -61.08 -62.88
C LYS H 187 15.40 -60.18 -64.03
N HIS H 188 15.37 -58.87 -63.80
CA HIS H 188 14.89 -57.92 -64.80
C HIS H 188 16.03 -57.47 -65.70
N LYS H 189 15.83 -57.64 -67.01
CA LYS H 189 16.90 -57.38 -67.98
C LYS H 189 17.02 -55.89 -68.33
N VAL H 190 15.91 -55.20 -68.54
CA VAL H 190 15.92 -53.85 -69.11
C VAL H 190 15.39 -52.87 -68.08
N TYR H 191 16.13 -51.77 -67.88
CA TYR H 191 15.72 -50.68 -67.00
C TYR H 191 15.70 -49.39 -67.79
N ALA H 192 14.63 -48.61 -67.63
CA ALA H 192 14.43 -47.38 -68.40
C ALA H 192 13.99 -46.24 -67.49
N CYS H 193 14.29 -45.01 -67.92
CA CYS H 193 13.91 -43.80 -67.22
C CYS H 193 13.20 -42.87 -68.21
N GLU H 194 11.99 -42.44 -67.87
CA GLU H 194 11.18 -41.57 -68.71
C GLU H 194 11.12 -40.19 -68.09
N VAL H 195 11.39 -39.16 -68.90
CA VAL H 195 11.45 -37.78 -68.46
C VAL H 195 10.38 -36.98 -69.20
N THR H 196 9.56 -36.26 -68.45
CA THR H 196 8.52 -35.39 -69.01
C THR H 196 8.79 -33.96 -68.59
N HIS H 197 8.85 -33.06 -69.57
CA HIS H 197 9.21 -31.67 -69.29
C HIS H 197 8.47 -30.77 -70.27
N GLN H 198 8.32 -29.49 -69.88
CA GLN H 198 7.62 -28.54 -70.73
C GLN H 198 8.42 -28.20 -71.98
N GLY H 199 9.75 -28.07 -71.84
CA GLY H 199 10.58 -27.68 -72.97
C GLY H 199 10.58 -28.70 -74.09
N LEU H 200 10.56 -29.99 -73.74
CA LEU H 200 10.62 -31.06 -74.72
C LEU H 200 9.19 -31.48 -75.10
N SER H 201 8.89 -31.44 -76.40
CA SER H 201 7.58 -31.87 -76.87
C SER H 201 7.38 -33.37 -76.70
N SER H 202 8.40 -34.16 -77.06
CA SER H 202 8.35 -35.61 -76.92
C SER H 202 9.21 -36.05 -75.74
N PRO H 203 8.65 -36.79 -74.79
CA PRO H 203 9.46 -37.26 -73.65
C PRO H 203 10.60 -38.15 -74.10
N VAL H 204 11.80 -37.84 -73.63
CA VAL H 204 13.01 -38.58 -73.99
C VAL H 204 13.24 -39.66 -72.95
N THR H 205 13.60 -40.85 -73.42
CA THR H 205 13.84 -42.00 -72.56
C THR H 205 15.24 -42.53 -72.80
N LYS H 206 16.02 -42.65 -71.72
CA LYS H 206 17.36 -43.21 -71.76
C LYS H 206 17.35 -44.52 -70.97
N SER H 207 17.77 -45.60 -71.61
CA SER H 207 17.71 -46.92 -71.00
C SER H 207 19.02 -47.65 -71.26
N PHE H 208 19.34 -48.59 -70.37
CA PHE H 208 20.52 -49.43 -70.50
C PHE H 208 20.13 -50.88 -70.25
N ASN H 209 20.91 -51.79 -70.80
CA ASN H 209 20.69 -53.22 -70.62
C ASN H 209 21.61 -53.74 -69.52
N ARG H 210 21.09 -54.66 -68.71
CA ARG H 210 21.87 -55.21 -67.60
C ARG H 210 23.03 -56.04 -68.12
N GLY H 211 24.19 -55.90 -67.48
CA GLY H 211 25.36 -56.66 -67.85
C GLY H 211 25.88 -56.41 -69.25
N GLU H 212 25.86 -55.15 -69.69
CA GLU H 212 26.35 -54.81 -71.02
C GLU H 212 27.49 -53.80 -70.93
N VAL I 2 -17.29 -4.81 42.51
CA VAL I 2 -16.97 -4.00 41.34
C VAL I 2 -15.62 -3.32 41.56
N GLN I 3 -14.57 -4.13 41.65
CA GLN I 3 -13.22 -3.65 41.83
C GLN I 3 -12.26 -4.49 41.00
N LEU I 4 -11.29 -3.84 40.37
CA LEU I 4 -10.29 -4.49 39.53
C LEU I 4 -8.92 -4.38 40.19
N VAL I 5 -8.19 -5.49 40.19
CA VAL I 5 -6.91 -5.60 40.88
C VAL I 5 -5.82 -5.91 39.86
N GLN I 6 -4.82 -5.03 39.78
CA GLN I 6 -3.68 -5.22 38.92
C GLN I 6 -2.54 -5.90 39.68
N SER I 7 -1.44 -6.16 38.99
CA SER I 7 -0.24 -6.70 39.62
C SER I 7 0.52 -5.57 40.33
N GLY I 8 1.12 -5.91 41.47
CA GLY I 8 1.77 -4.90 42.28
C GLY I 8 3.00 -4.26 41.65
N VAL I 9 4.00 -5.06 41.33
CA VAL I 9 5.28 -4.56 40.82
C VAL I 9 5.89 -5.59 39.89
N THR I 10 6.63 -5.10 38.90
CA THR I 10 7.31 -5.95 37.93
C THR I 10 8.54 -5.23 37.42
N LEU I 11 9.53 -6.01 36.95
CA LEU I 11 10.75 -5.47 36.38
C LEU I 11 11.21 -6.39 35.26
N VAL I 12 11.74 -5.81 34.18
CA VAL I 12 12.09 -6.58 33.00
C VAL I 12 13.40 -6.12 32.38
N GLN I 13 13.72 -6.67 31.20
CA GLN I 13 14.95 -6.39 30.47
C GLN I 13 14.58 -6.05 29.03
N PRO I 14 15.52 -5.66 28.15
CA PRO I 14 15.12 -5.32 26.79
C PRO I 14 14.68 -6.56 26.02
N GLY I 15 13.56 -6.45 25.32
CA GLY I 15 13.02 -7.59 24.62
C GLY I 15 12.49 -8.69 25.51
N GLY I 16 12.43 -8.46 26.82
CA GLY I 16 11.96 -9.47 27.74
C GLY I 16 10.47 -9.68 27.66
N SER I 17 10.02 -10.77 28.26
CA SER I 17 8.61 -11.13 28.29
C SER I 17 8.06 -10.99 29.70
N LEU I 18 6.84 -10.45 29.80
CA LEU I 18 6.21 -10.19 31.08
C LEU I 18 4.70 -10.35 30.93
N ARG I 19 4.05 -10.88 31.97
CA ARG I 19 2.61 -11.06 31.99
C ARG I 19 2.01 -10.21 33.10
N VAL I 20 0.93 -9.50 32.77
CA VAL I 20 0.20 -8.69 33.74
C VAL I 20 -1.18 -9.31 33.90
N SER I 21 -1.58 -9.53 35.15
CA SER I 21 -2.85 -10.17 35.47
C SER I 21 -3.78 -9.14 36.11
N CYS I 22 -4.96 -8.97 35.52
CA CYS I 22 -5.98 -8.04 36.02
C CYS I 22 -7.12 -8.88 36.59
N ALA I 23 -7.25 -8.86 37.92
CA ALA I 23 -8.28 -9.62 38.61
C ALA I 23 -9.56 -8.81 38.69
N ALA I 24 -10.70 -9.51 38.55
CA ALA I 24 -12.00 -8.85 38.57
C ALA I 24 -12.96 -9.64 39.44
N SER I 25 -13.72 -8.92 40.27
CA SER I 25 -14.67 -9.55 41.17
C SER I 25 -15.76 -8.53 41.53
N GLY I 26 -16.87 -9.05 42.04
CA GLY I 26 -17.98 -8.23 42.47
C GLY I 26 -19.03 -7.97 41.41
N PHE I 27 -18.79 -8.32 40.16
CA PHE I 27 -19.78 -8.13 39.10
C PHE I 27 -19.49 -9.09 37.97
N THR I 28 -20.50 -9.27 37.11
CA THR I 28 -20.37 -10.18 35.98
C THR I 28 -19.28 -9.71 35.03
N PHE I 29 -18.31 -10.58 34.76
CA PHE I 29 -17.18 -10.25 33.92
C PHE I 29 -17.50 -10.43 32.43
N SER I 30 -17.90 -11.63 32.03
CA SER I 30 -18.13 -11.95 30.62
C SER I 30 -19.13 -11.00 29.95
N SER I 31 -20.00 -10.36 30.73
CA SER I 31 -21.00 -9.46 30.14
C SER I 31 -20.35 -8.25 29.48
N TYR I 32 -19.21 -7.79 30.00
CA TYR I 32 -18.58 -6.57 29.55
C TYR I 32 -17.23 -6.87 28.90
N ALA I 33 -16.75 -5.90 28.12
CA ALA I 33 -15.48 -6.01 27.41
C ALA I 33 -14.45 -5.12 28.08
N MET I 34 -13.26 -5.66 28.33
CA MET I 34 -12.21 -4.93 29.02
C MET I 34 -11.25 -4.30 28.01
N SER I 35 -10.31 -3.52 28.52
CA SER I 35 -9.25 -2.95 27.69
C SER I 35 -8.10 -2.53 28.59
N TRP I 36 -6.92 -2.38 27.98
CA TRP I 36 -5.72 -1.95 28.67
C TRP I 36 -5.38 -0.51 28.28
N VAL I 37 -5.00 0.29 29.27
CA VAL I 37 -4.57 1.67 29.05
C VAL I 37 -3.30 1.91 29.87
N ARG I 38 -2.27 2.42 29.23
CA ARG I 38 -1.00 2.71 29.89
C ARG I 38 -0.78 4.21 30.01
N GLN I 39 -0.09 4.60 31.08
CA GLN I 39 0.22 5.99 31.35
C GLN I 39 1.72 6.09 31.59
N ALA I 40 2.43 6.77 30.69
CA ALA I 40 3.85 6.99 30.88
C ALA I 40 4.07 8.11 31.89
N PRO I 41 5.18 8.07 32.62
CA PRO I 41 5.45 9.13 33.60
C PRO I 41 5.49 10.50 32.93
N GLY I 42 4.74 11.44 33.48
CA GLY I 42 4.65 12.76 32.90
C GLY I 42 4.01 12.84 31.53
N LYS I 43 3.24 11.82 31.14
CA LYS I 43 2.59 11.78 29.85
C LYS I 43 1.14 11.37 30.01
N GLY I 44 0.34 11.69 28.99
CA GLY I 44 -1.07 11.36 29.00
C GLY I 44 -1.31 9.87 28.83
N LEU I 45 -2.55 9.48 29.10
CA LEU I 45 -2.94 8.08 28.95
C LEU I 45 -2.86 7.65 27.50
N GLU I 46 -2.49 6.40 27.28
CA GLU I 46 -2.40 5.83 25.94
C GLU I 46 -3.03 4.45 25.94
N TRP I 47 -3.92 4.20 24.97
CA TRP I 47 -4.61 2.92 24.89
C TRP I 47 -3.67 1.84 24.38
N VAL I 48 -3.64 0.71 25.07
CA VAL I 48 -2.75 -0.40 24.71
C VAL I 48 -3.50 -1.41 23.86
N SER I 49 -4.42 -2.16 24.48
CA SER I 49 -5.13 -3.21 23.78
C SER I 49 -6.53 -3.34 24.38
N ALA I 50 -7.41 -4.00 23.62
CA ALA I 50 -8.78 -4.22 24.05
C ALA I 50 -9.25 -5.58 23.55
N ILE I 51 -10.11 -6.22 24.34
CA ILE I 51 -10.67 -7.52 23.99
C ILE I 51 -12.16 -7.48 24.29
N SER I 52 -12.95 -8.14 23.43
CA SER I 52 -14.38 -8.15 23.60
C SER I 52 -14.78 -9.04 24.77
N GLY I 53 -16.00 -8.81 25.27
CA GLY I 53 -16.49 -9.57 26.41
C GLY I 53 -16.52 -11.07 26.15
N LEU I 54 -16.83 -11.46 24.91
CA LEU I 54 -16.85 -12.87 24.57
C LEU I 54 -15.45 -13.46 24.43
N GLY I 55 -14.51 -12.66 23.93
CA GLY I 55 -13.14 -13.11 23.73
C GLY I 55 -12.82 -13.53 22.31
N GLY I 56 -13.80 -13.57 21.42
CA GLY I 56 -13.53 -13.93 20.04
C GLY I 56 -12.77 -12.86 19.28
N SER I 57 -13.04 -11.60 19.58
CA SER I 57 -12.40 -10.48 18.91
C SER I 57 -11.34 -9.87 19.82
N THR I 58 -10.14 -9.69 19.29
CA THR I 58 -9.05 -9.06 20.01
C THR I 58 -8.63 -7.82 19.23
N TYR I 59 -8.25 -6.77 19.96
CA TYR I 59 -7.93 -5.49 19.35
C TYR I 59 -6.62 -4.94 19.90
N TYR I 60 -5.78 -4.44 19.01
CA TYR I 60 -4.47 -3.92 19.37
C TYR I 60 -4.21 -2.61 18.66
N ALA I 61 -3.36 -1.78 19.25
CA ALA I 61 -2.93 -0.53 18.64
C ALA I 61 -1.87 -0.79 17.57
N ASP I 62 -1.74 0.16 16.64
CA ASP I 62 -0.79 0.01 15.54
C ASP I 62 0.62 -0.22 16.07
N SER I 63 1.02 0.54 17.09
CA SER I 63 2.33 0.33 17.68
C SER I 63 2.37 -0.94 18.52
N VAL I 64 1.23 -1.29 19.12
CA VAL I 64 1.18 -2.41 20.06
C VAL I 64 0.82 -3.73 19.41
N LYS I 65 0.38 -3.71 18.15
CA LYS I 65 -0.16 -4.94 17.55
C LYS I 65 0.91 -6.02 17.40
N GLY I 66 2.14 -5.61 17.11
CA GLY I 66 3.19 -6.59 16.86
C GLY I 66 3.60 -7.34 18.12
N ARG I 67 3.98 -6.60 19.16
CA ARG I 67 4.67 -7.16 20.31
C ARG I 67 3.77 -7.48 21.50
N PHE I 68 2.48 -7.18 21.44
CA PHE I 68 1.59 -7.42 22.57
C PHE I 68 0.51 -8.46 22.22
N THR I 69 0.09 -9.19 23.25
CA THR I 69 -0.96 -10.20 23.11
C THR I 69 -1.87 -10.12 24.33
N ILE I 70 -3.18 -10.06 24.09
CA ILE I 70 -4.18 -9.94 25.15
C ILE I 70 -5.04 -11.19 25.18
N SER I 71 -5.38 -11.65 26.38
CA SER I 71 -6.23 -12.82 26.55
C SER I 71 -6.97 -12.71 27.88
N ARG I 72 -8.18 -13.25 27.91
CA ARG I 72 -9.01 -13.26 29.09
C ARG I 72 -9.71 -14.60 29.26
N ASP I 73 -9.90 -15.00 30.52
CA ASP I 73 -10.61 -16.23 30.85
C ASP I 73 -11.85 -15.88 31.66
N ASN I 74 -13.03 -16.20 31.12
CA ASN I 74 -14.27 -15.89 31.82
C ASN I 74 -14.42 -16.70 33.10
N SER I 75 -13.91 -17.93 33.13
CA SER I 75 -14.07 -18.78 34.30
C SER I 75 -13.31 -18.23 35.50
N LYS I 76 -12.08 -17.77 35.30
CA LYS I 76 -11.27 -17.22 36.37
C LYS I 76 -11.49 -15.73 36.59
N ASN I 77 -12.21 -15.07 35.69
CA ASN I 77 -12.48 -13.62 35.79
C ASN I 77 -11.19 -12.82 35.87
N THR I 78 -10.20 -13.22 35.08
CA THR I 78 -8.89 -12.58 35.08
C THR I 78 -8.50 -12.24 33.65
N LEU I 79 -7.85 -11.08 33.49
CA LEU I 79 -7.40 -10.60 32.19
C LEU I 79 -5.88 -10.65 32.15
N TYR I 80 -5.33 -11.37 31.18
CA TYR I 80 -3.89 -11.55 31.05
C TYR I 80 -3.40 -10.81 29.82
N LEU I 81 -2.42 -9.94 30.00
CA LEU I 81 -1.75 -9.26 28.90
C LEU I 81 -0.32 -9.77 28.85
N GLN I 82 0.00 -10.57 27.84
CA GLN I 82 1.34 -11.12 27.67
C GLN I 82 2.16 -10.15 26.82
N MET I 83 3.25 -9.63 27.39
CA MET I 83 4.06 -8.61 26.75
C MET I 83 5.35 -9.23 26.25
N ASN I 84 5.62 -9.09 24.95
CA ASN I 84 6.83 -9.59 24.31
C ASN I 84 7.57 -8.45 23.67
N SER I 85 8.88 -8.62 23.51
CA SER I 85 9.74 -7.66 22.81
C SER I 85 9.58 -6.26 23.38
N LEU I 86 9.79 -6.15 24.69
CA LEU I 86 9.58 -4.87 25.38
C LEU I 86 10.62 -3.84 24.98
N ARG I 87 10.21 -2.57 25.01
CA ARG I 87 11.05 -1.43 24.69
C ARG I 87 10.99 -0.41 25.81
N ALA I 88 11.94 0.54 25.78
CA ALA I 88 11.96 1.59 26.79
C ALA I 88 10.72 2.48 26.70
N GLU I 89 10.20 2.70 25.49
CA GLU I 89 8.99 3.50 25.33
C GLU I 89 7.78 2.83 25.97
N ASP I 90 7.83 1.53 26.18
CA ASP I 90 6.71 0.79 26.77
C ASP I 90 6.72 0.82 28.29
N THR I 91 7.65 1.54 28.91
CA THR I 91 7.68 1.61 30.36
C THR I 91 6.58 2.58 30.78
N ALA I 92 5.56 2.04 31.45
CA ALA I 92 4.40 2.83 31.84
C ALA I 92 3.64 2.05 32.92
N VAL I 93 2.76 2.76 33.61
CA VAL I 93 1.82 2.13 34.53
C VAL I 93 0.62 1.69 33.70
N TYR I 94 0.31 0.40 33.73
CA TYR I 94 -0.76 -0.17 32.93
C TYR I 94 -2.04 -0.27 33.77
N TYR I 95 -3.15 0.18 33.20
CA TYR I 95 -4.44 0.17 33.87
C TYR I 95 -5.42 -0.71 33.12
N CYS I 96 -6.25 -1.43 33.88
CA CYS I 96 -7.35 -2.22 33.33
C CYS I 96 -8.67 -1.72 33.92
N ALA I 97 -9.68 -1.59 33.06
CA ALA I 97 -10.94 -0.98 33.44
C ALA I 97 -12.09 -1.80 32.88
N LYS I 98 -13.32 -1.39 33.22
CA LYS I 98 -14.54 -2.08 32.82
C LYS I 98 -15.48 -1.09 32.16
N ASP I 99 -16.44 -1.61 31.41
CA ASP I 99 -17.33 -0.76 30.62
C ASP I 99 -18.24 0.05 31.53
N HIS I 100 -18.41 1.33 31.17
CA HIS I 100 -19.22 2.23 31.97
C HIS I 100 -20.71 2.00 31.79
N ARG I 101 -21.16 1.95 30.53
CA ARG I 101 -22.59 1.87 30.24
C ARG I 101 -22.89 0.74 29.26
N VAL I 102 -22.34 0.84 28.06
CA VAL I 102 -22.62 -0.12 27.01
C VAL I 102 -22.27 -1.54 27.45
N TRP I 103 -23.05 -2.51 26.96
CA TRP I 103 -22.85 -3.92 27.25
C TRP I 103 -22.17 -4.59 26.06
N ALA I 104 -20.88 -4.87 26.21
CA ALA I 104 -20.06 -5.57 25.22
C ALA I 104 -20.09 -4.92 23.85
N ALA I 105 -20.50 -3.65 23.77
CA ALA I 105 -20.50 -2.91 22.51
C ALA I 105 -19.38 -1.89 22.46
N GLY I 106 -19.37 -0.92 23.36
CA GLY I 106 -18.44 0.19 23.33
C GLY I 106 -17.42 0.12 24.45
N TYR I 107 -16.44 1.01 24.35
CA TYR I 107 -15.23 0.98 25.18
C TYR I 107 -15.25 1.96 26.35
N HIS I 108 -16.38 2.59 26.65
CA HIS I 108 -16.45 3.50 27.80
C HIS I 108 -15.94 2.81 29.06
N PHE I 109 -15.36 3.60 29.97
CA PHE I 109 -14.80 3.06 31.21
C PHE I 109 -15.30 3.88 32.40
N ASP I 110 -16.11 3.27 33.27
CA ASP I 110 -16.47 3.89 34.54
C ASP I 110 -15.44 3.63 35.64
N TYR I 111 -14.96 2.40 35.76
CA TYR I 111 -14.22 1.95 36.94
C TYR I 111 -12.86 1.43 36.49
N TRP I 112 -11.79 1.99 37.04
CA TRP I 112 -10.43 1.65 36.67
C TRP I 112 -9.70 0.95 37.81
N GLY I 113 -8.74 0.09 37.44
CA GLY I 113 -7.87 -0.53 38.41
C GLY I 113 -6.77 0.40 38.88
N GLN I 114 -6.08 -0.01 39.94
CA GLN I 114 -5.05 0.84 40.52
C GLN I 114 -3.83 0.99 39.61
N GLY I 115 -3.59 0.02 38.75
CA GLY I 115 -2.48 0.11 37.80
C GLY I 115 -1.31 -0.76 38.21
N ALA I 116 -0.54 -1.19 37.21
CA ALA I 116 0.65 -2.02 37.40
C ALA I 116 1.85 -1.34 36.78
N LEU I 117 2.94 -1.27 37.52
CA LEU I 117 4.15 -0.59 37.08
C LEU I 117 5.09 -1.57 36.39
N VAL I 118 5.52 -1.22 35.18
CA VAL I 118 6.44 -2.03 34.38
C VAL I 118 7.57 -1.12 33.91
N THR I 119 8.81 -1.49 34.24
CA THR I 119 9.98 -0.69 33.90
C THR I 119 10.93 -1.51 33.05
N VAL I 120 11.11 -1.08 31.79
CA VAL I 120 11.96 -1.76 30.81
C VAL I 120 13.35 -1.13 30.70
N SER I 121 13.66 -0.12 31.52
CA SER I 121 14.91 0.61 31.39
C SER I 121 16.13 -0.30 31.29
N SER I 122 16.12 -1.44 31.98
CA SER I 122 17.22 -2.40 31.92
C SER I 122 18.57 -1.79 32.26
N ALA I 123 18.83 -1.60 33.54
CA ALA I 123 20.12 -1.11 34.01
C ALA I 123 20.50 -1.92 35.24
N SER I 124 21.79 -2.25 35.34
CA SER I 124 22.25 -3.02 36.48
C SER I 124 21.97 -2.28 37.78
N THR I 125 21.46 -3.02 38.76
CA THR I 125 21.10 -2.41 40.04
C THR I 125 22.36 -2.05 40.81
N LYS I 126 22.48 -0.79 41.19
CA LYS I 126 23.67 -0.30 41.87
C LYS I 126 23.29 0.71 42.93
N GLY I 127 24.11 0.77 43.98
CA GLY I 127 23.91 1.66 45.09
C GLY I 127 24.04 3.12 44.71
N PRO I 128 23.21 3.97 45.30
CA PRO I 128 23.32 5.41 45.04
C PRO I 128 24.52 6.03 45.73
N SER I 129 25.11 7.01 45.08
CA SER I 129 26.18 7.81 45.66
C SER I 129 25.58 9.07 46.28
N VAL I 130 25.82 9.26 47.57
CA VAL I 130 25.25 10.38 48.31
C VAL I 130 26.28 11.50 48.38
N PHE I 131 25.93 12.66 47.86
CA PHE I 131 26.80 13.83 47.90
C PHE I 131 26.11 14.93 48.70
N PRO I 132 26.68 15.42 49.80
CA PRO I 132 26.03 16.48 50.56
C PRO I 132 26.24 17.85 49.92
N LEU I 133 25.26 18.74 50.11
CA LEU I 133 25.34 20.12 49.64
C LEU I 133 25.59 21.04 50.82
N ALA I 134 26.78 21.63 50.88
CA ALA I 134 27.12 22.50 52.00
C ALA I 134 26.30 23.78 51.98
N PRO I 135 25.82 24.25 53.13
CA PRO I 135 25.08 25.52 53.15
C PRO I 135 25.95 26.72 52.82
N SER I 136 25.38 27.92 52.84
CA SER I 136 26.09 29.14 52.48
C SER I 136 25.95 30.16 53.61
N SER I 137 26.51 31.34 53.36
CA SER I 137 26.50 32.46 54.31
C SER I 137 27.07 32.07 55.67
N THR I 144 18.32 32.15 58.22
CA THR I 144 17.85 31.19 57.22
C THR I 144 19.02 30.63 56.42
N ALA I 145 19.08 29.31 56.31
CA ALA I 145 20.12 28.64 55.53
C ALA I 145 19.53 27.37 54.91
N ALA I 146 19.94 27.09 53.68
CA ALA I 146 19.45 25.93 52.93
C ALA I 146 20.57 24.91 52.78
N LEU I 147 20.26 23.64 53.03
CA LEU I 147 21.20 22.56 52.85
C LEU I 147 20.45 21.34 52.29
N GLY I 148 21.18 20.47 51.61
CA GLY I 148 20.55 19.32 51.01
C GLY I 148 21.51 18.18 50.75
N CYS I 149 20.95 17.08 50.26
CA CYS I 149 21.70 15.88 49.91
C CYS I 149 21.33 15.48 48.48
N LEU I 150 22.33 15.04 47.72
CA LEU I 150 22.16 14.68 46.31
C LEU I 150 22.35 13.18 46.14
N VAL I 151 21.32 12.52 45.61
CA VAL I 151 21.36 11.10 45.29
C VAL I 151 21.65 10.94 43.81
N LYS I 152 22.65 10.15 43.47
CA LYS I 152 23.11 10.04 42.09
C LYS I 152 23.35 8.58 41.71
N ASP I 153 23.09 8.26 40.44
CA ASP I 153 23.42 6.97 39.85
C ASP I 153 22.80 5.80 40.61
N TYR I 154 21.50 5.92 40.88
CA TYR I 154 20.76 4.86 41.55
C TYR I 154 19.76 4.22 40.59
N PHE I 155 19.62 2.90 40.70
CA PHE I 155 18.64 2.15 39.92
C PHE I 155 18.24 0.89 40.67
N PRO I 156 16.97 0.48 40.58
CA PRO I 156 15.81 1.23 40.07
C PRO I 156 15.10 2.01 41.17
N GLU I 157 13.97 2.62 40.85
CA GLU I 157 13.13 3.25 41.86
C GLU I 157 12.66 2.19 42.86
N PRO I 158 12.28 2.60 44.08
CA PRO I 158 12.20 3.95 44.64
C PRO I 158 13.46 4.40 45.39
N VAL I 159 13.42 5.64 45.88
CA VAL I 159 14.41 6.16 46.83
C VAL I 159 13.68 6.98 47.87
N THR I 160 13.88 6.65 49.14
CA THR I 160 13.25 7.34 50.25
C THR I 160 14.27 8.21 50.97
N VAL I 161 13.86 9.44 51.29
CA VAL I 161 14.73 10.40 51.97
C VAL I 161 14.06 10.81 53.28
N SER I 162 14.78 10.68 54.38
CA SER I 162 14.32 11.10 55.68
C SER I 162 15.46 11.77 56.43
N TRP I 163 15.11 12.75 57.27
CA TRP I 163 16.08 13.54 58.01
C TRP I 163 16.03 13.15 59.49
N ASN I 164 17.16 12.72 60.04
CA ASN I 164 17.28 12.34 61.45
C ASN I 164 16.27 11.25 61.81
N SER I 165 16.13 10.26 60.94
CA SER I 165 15.18 9.15 61.12
C SER I 165 13.76 9.68 61.31
N GLY I 166 13.42 10.72 60.54
CA GLY I 166 12.10 11.32 60.61
C GLY I 166 11.95 12.39 61.67
N ALA I 167 13.02 12.75 62.38
CA ALA I 167 12.89 13.77 63.42
C ALA I 167 12.56 15.12 62.82
N LEU I 168 13.12 15.44 61.65
CA LEU I 168 12.76 16.67 60.94
C LEU I 168 11.87 16.27 59.77
N THR I 169 10.56 16.42 59.96
CA THR I 169 9.59 16.26 58.89
C THR I 169 9.20 17.57 58.21
N SER I 170 9.44 18.70 58.87
CA SER I 170 8.94 19.99 58.43
C SER I 170 9.98 20.68 57.55
N GLY I 171 9.49 21.51 56.63
CA GLY I 171 10.36 22.26 55.74
C GLY I 171 11.27 21.38 54.92
N VAL I 172 10.82 20.18 54.59
CA VAL I 172 11.60 19.21 53.82
C VAL I 172 10.91 19.02 52.48
N HIS I 173 11.68 19.16 51.40
CA HIS I 173 11.17 19.00 50.04
C HIS I 173 11.98 17.90 49.36
N THR I 174 11.31 16.80 49.02
CA THR I 174 11.93 15.71 48.29
C THR I 174 11.49 15.82 46.84
N PHE I 175 12.44 16.16 45.97
CA PHE I 175 12.11 16.43 44.58
C PHE I 175 11.92 15.12 43.82
N PRO I 176 11.04 15.11 42.81
CA PRO I 176 10.81 13.89 42.04
C PRO I 176 12.08 13.44 41.35
N ALA I 177 12.13 12.14 41.06
CA ALA I 177 13.29 11.57 40.40
C ALA I 177 13.40 12.07 38.97
N VAL I 178 14.63 12.18 38.49
CA VAL I 178 14.90 12.60 37.12
C VAL I 178 15.72 11.51 36.44
N LEU I 179 15.33 11.19 35.21
CA LEU I 179 16.08 10.23 34.40
C LEU I 179 17.25 10.95 33.73
N GLN I 180 18.39 10.28 33.66
CA GLN I 180 19.58 10.85 33.05
C GLN I 180 19.85 10.19 31.70
N SER I 181 20.85 10.71 31.00
CA SER I 181 21.20 10.15 29.70
C SER I 181 21.74 8.73 29.83
N SER I 182 22.48 8.45 30.91
CA SER I 182 23.02 7.12 31.15
C SER I 182 21.96 6.12 31.55
N GLY I 183 20.72 6.55 31.75
CA GLY I 183 19.68 5.65 32.21
C GLY I 183 19.65 5.43 33.71
N LEU I 184 20.37 6.24 34.47
CA LEU I 184 20.44 6.10 35.92
C LEU I 184 19.73 7.29 36.55
N TYR I 185 18.78 7.00 37.44
CA TYR I 185 18.00 8.07 38.04
C TYR I 185 18.81 8.83 39.08
N SER I 186 18.39 10.06 39.35
CA SER I 186 19.01 10.92 40.35
C SER I 186 17.96 11.72 41.08
N LEU I 187 18.11 11.85 42.39
CA LEU I 187 17.15 12.56 43.22
C LEU I 187 17.88 13.55 44.12
N SER I 188 17.23 14.67 44.39
CA SER I 188 17.77 15.71 45.24
C SER I 188 16.76 16.07 46.31
N SER I 189 17.22 16.22 47.55
CA SER I 189 16.37 16.60 48.67
C SER I 189 17.04 17.74 49.43
N VAL I 190 16.26 18.77 49.78
CA VAL I 190 16.78 19.95 50.45
C VAL I 190 15.93 20.24 51.68
N VAL I 191 16.48 21.05 52.58
CA VAL I 191 15.78 21.48 53.78
C VAL I 191 16.25 22.88 54.13
N THR I 192 15.35 23.68 54.71
CA THR I 192 15.66 25.05 55.10
C THR I 192 15.56 25.18 56.61
N VAL I 193 16.64 25.62 57.23
CA VAL I 193 16.72 25.76 58.68
C VAL I 193 17.38 27.08 59.02
N PRO I 194 17.14 27.61 60.22
CA PRO I 194 17.76 28.88 60.61
C PRO I 194 19.29 28.79 60.61
N SER I 195 19.92 29.93 60.37
CA SER I 195 21.38 29.95 60.30
C SER I 195 22.03 29.68 61.65
N SER I 196 21.44 30.18 62.73
CA SER I 196 22.00 29.95 64.06
C SER I 196 21.88 28.48 64.46
N SER I 197 20.78 27.83 64.09
CA SER I 197 20.60 26.43 64.43
C SER I 197 21.51 25.51 63.63
N LEU I 198 22.10 26.01 62.55
CA LEU I 198 22.98 25.18 61.73
C LEU I 198 24.24 24.78 62.51
N GLY I 199 24.82 25.72 63.26
CA GLY I 199 26.05 25.42 63.97
C GLY I 199 25.85 24.49 65.15
N THR I 200 24.77 24.69 65.91
CA THR I 200 24.54 23.95 67.14
C THR I 200 23.85 22.60 66.93
N GLN I 201 23.30 22.37 65.75
CA GLN I 201 22.56 21.14 65.46
C GLN I 201 23.20 20.42 64.28
N THR I 202 23.03 19.11 64.24
CA THR I 202 23.58 18.28 63.18
C THR I 202 22.44 17.67 62.36
N TYR I 203 22.58 17.72 61.03
CA TYR I 203 21.56 17.26 60.10
C TYR I 203 22.11 16.08 59.31
N ILE I 204 21.44 14.94 59.40
CA ILE I 204 21.86 13.73 58.70
C ILE I 204 20.70 13.26 57.84
N CYS I 205 20.94 13.11 56.54
CA CYS I 205 19.93 12.64 55.60
C CYS I 205 20.06 11.12 55.44
N ASN I 206 18.92 10.43 55.53
CA ASN I 206 18.87 8.98 55.44
C ASN I 206 18.29 8.57 54.09
N VAL I 207 19.04 7.75 53.35
CA VAL I 207 18.61 7.23 52.05
C VAL I 207 18.47 5.72 52.19
N ASN I 208 17.24 5.22 52.06
CA ASN I 208 16.94 3.80 52.20
C ASN I 208 16.54 3.26 50.83
N HIS I 209 17.41 2.43 50.25
CA HIS I 209 17.18 1.83 48.93
C HIS I 209 17.07 0.32 49.11
N LYS I 210 15.86 -0.21 48.93
CA LYS I 210 15.66 -1.65 49.16
C LYS I 210 16.33 -2.52 48.10
N PRO I 211 16.14 -2.31 46.78
CA PRO I 211 16.72 -3.26 45.81
C PRO I 211 18.23 -3.37 45.91
N SER I 212 18.94 -2.24 46.00
CA SER I 212 20.40 -2.28 46.13
C SER I 212 20.86 -2.49 47.56
N ASN I 213 19.94 -2.49 48.53
CA ASN I 213 20.27 -2.68 49.95
C ASN I 213 21.32 -1.68 50.40
N THR I 214 21.17 -0.43 49.98
CA THR I 214 22.11 0.64 50.29
C THR I 214 21.42 1.63 51.21
N LYS I 215 21.84 1.66 52.48
CA LYS I 215 21.37 2.63 53.46
C LYS I 215 22.58 3.37 54.01
N VAL I 216 22.68 4.66 53.68
CA VAL I 216 23.82 5.48 54.07
C VAL I 216 23.31 6.78 54.67
N ASP I 217 23.91 7.18 55.79
CA ASP I 217 23.59 8.42 56.50
C ASP I 217 24.78 9.36 56.35
N LYS I 218 24.59 10.44 55.58
CA LYS I 218 25.65 11.40 55.28
C LYS I 218 25.36 12.73 55.98
N LYS I 219 26.19 13.08 56.96
CA LYS I 219 26.06 14.34 57.66
C LYS I 219 26.57 15.50 56.80
N VAL I 220 25.93 16.65 56.91
CA VAL I 220 26.31 17.82 56.12
C VAL I 220 26.94 18.92 56.96
N GLU I 221 28.25 19.07 56.83
CA GLU I 221 28.99 20.10 57.55
C GLU I 221 29.61 21.11 56.59
N PRO I 222 29.44 22.41 56.87
CA PRO I 222 29.98 23.49 56.06
C PRO I 222 31.29 24.02 56.62
N LYS I 223 32.36 23.93 55.84
CA LYS I 223 33.67 24.41 56.29
C LYS I 223 34.36 25.25 55.21
N SER I 224 35.25 26.14 55.63
CA SER I 224 35.97 26.99 54.70
C SER I 224 37.46 26.70 54.72
N ASP J 1 -4.28 8.95 12.55
CA ASP J 1 -5.72 8.88 12.77
C ASP J 1 -6.27 10.22 13.26
N ILE J 2 -7.06 10.18 14.33
CA ILE J 2 -7.73 11.37 14.87
C ILE J 2 -7.22 11.61 16.28
N VAL J 3 -6.76 12.83 16.53
CA VAL J 3 -6.22 13.21 17.84
C VAL J 3 -6.83 14.55 18.24
N LEU J 4 -7.56 14.56 19.36
CA LEU J 4 -8.13 15.77 19.88
C LEU J 4 -7.10 16.59 20.66
N THR J 5 -7.35 17.89 20.74
CA THR J 5 -6.47 18.84 21.42
C THR J 5 -7.25 19.61 22.48
N GLN J 6 -6.56 19.99 23.54
CA GLN J 6 -7.15 20.72 24.65
C GLN J 6 -6.56 22.12 24.71
N SER J 7 -7.44 23.15 24.73
CA SER J 7 -6.95 24.52 24.76
C SER J 7 -6.22 24.82 26.07
N PRO J 8 -6.85 24.74 27.25
CA PRO J 8 -6.09 24.93 28.48
C PRO J 8 -5.34 23.67 28.87
N SER J 9 -4.07 23.85 29.26
CA SER J 9 -3.32 22.81 29.95
C SER J 9 -3.39 22.98 31.47
N THR J 10 -2.97 24.13 31.97
CA THR J 10 -2.97 24.44 33.39
C THR J 10 -3.84 25.66 33.61
N LEU J 11 -4.92 25.50 34.37
CA LEU J 11 -5.88 26.56 34.61
C LEU J 11 -5.88 26.91 36.09
N SER J 12 -5.65 28.19 36.39
CA SER J 12 -5.72 28.69 37.75
C SER J 12 -7.16 28.95 38.14
N ALA J 13 -7.54 28.54 39.36
CA ALA J 13 -8.91 28.67 39.81
C ALA J 13 -8.93 28.74 41.33
N SER J 14 -10.12 29.02 41.87
CA SER J 14 -10.32 29.12 43.31
C SER J 14 -11.61 28.40 43.69
N VAL J 15 -11.79 28.22 45.00
CA VAL J 15 -12.97 27.52 45.49
C VAL J 15 -14.23 28.29 45.12
N GLY J 16 -15.23 27.57 44.60
CA GLY J 16 -16.48 28.20 44.24
C GLY J 16 -16.45 29.00 42.96
N ASP J 17 -15.50 28.74 42.07
CA ASP J 17 -15.36 29.47 40.82
C ASP J 17 -15.75 28.58 39.64
N ARG J 18 -16.45 29.18 38.67
CA ARG J 18 -16.86 28.44 37.50
C ARG J 18 -15.66 28.13 36.61
N VAL J 19 -15.52 26.86 36.24
CA VAL J 19 -14.38 26.38 35.46
C VAL J 19 -14.91 25.74 34.19
N THR J 20 -14.34 26.13 33.05
CA THR J 20 -14.74 25.60 31.74
C THR J 20 -13.50 25.14 31.00
N ILE J 21 -13.50 23.88 30.56
CA ILE J 21 -12.43 23.30 29.78
C ILE J 21 -12.98 22.97 28.39
N THR J 22 -12.22 23.33 27.35
CA THR J 22 -12.65 23.13 25.97
C THR J 22 -11.81 22.05 25.32
N CYS J 23 -12.47 20.97 24.89
CA CYS J 23 -11.83 19.85 24.20
C CYS J 23 -12.44 19.75 22.81
N ARG J 24 -11.62 20.03 21.79
CA ARG J 24 -12.09 20.06 20.40
C ARG J 24 -11.39 18.95 19.62
N ALA J 25 -12.19 18.04 19.07
CA ALA J 25 -11.68 16.97 18.23
C ALA J 25 -11.45 17.45 16.80
N SER J 26 -10.44 16.88 16.15
CA SER J 26 -10.09 17.30 14.80
C SER J 26 -11.20 16.98 13.81
N GLN J 27 -11.66 15.73 13.79
CA GLN J 27 -12.77 15.35 12.93
C GLN J 27 -14.08 15.47 13.69
N SER J 28 -15.18 15.12 13.03
CA SER J 28 -16.50 15.17 13.67
C SER J 28 -16.77 13.79 14.24
N ILE J 29 -16.72 13.69 15.57
CA ILE J 29 -17.01 12.45 16.28
C ILE J 29 -18.44 12.41 16.80
N SER J 30 -19.24 13.42 16.46
CA SER J 30 -20.65 13.54 16.85
C SER J 30 -20.71 13.61 18.38
N SER J 31 -21.60 12.85 19.02
CA SER J 31 -21.86 12.98 20.45
C SER J 31 -21.06 12.02 21.32
N TRP J 32 -20.14 11.23 20.76
CA TRP J 32 -19.46 10.20 21.54
C TRP J 32 -18.20 10.81 22.12
N LEU J 33 -18.22 11.08 23.42
CA LEU J 33 -17.08 11.68 24.09
C LEU J 33 -17.21 11.41 25.58
N ALA J 34 -16.08 11.46 26.28
CA ALA J 34 -16.09 11.28 27.72
C ALA J 34 -15.01 12.13 28.35
N TRP J 35 -15.18 12.41 29.64
CA TRP J 35 -14.20 13.16 30.42
C TRP J 35 -13.76 12.31 31.59
N TYR J 36 -12.47 12.40 31.94
CA TYR J 36 -11.92 11.61 33.02
C TYR J 36 -11.27 12.53 34.05
N GLN J 37 -11.06 11.98 35.24
CA GLN J 37 -10.44 12.72 36.34
C GLN J 37 -9.39 11.84 36.99
N GLN J 38 -8.15 12.32 37.06
CA GLN J 38 -7.05 11.57 37.66
C GLN J 38 -6.32 12.45 38.66
N LYS J 39 -6.32 12.03 39.91
CA LYS J 39 -5.58 12.67 40.99
C LYS J 39 -4.16 12.11 41.03
N PRO J 40 -3.22 12.83 41.65
CA PRO J 40 -1.84 12.32 41.73
C PRO J 40 -1.79 10.95 42.42
N GLY J 41 -1.14 10.00 41.75
CA GLY J 41 -1.01 8.67 42.27
C GLY J 41 -2.28 7.84 42.28
N GLU J 42 -3.39 8.37 41.78
CA GLU J 42 -4.67 7.69 41.83
C GLU J 42 -5.13 7.32 40.43
N ALA J 43 -5.89 6.22 40.35
CA ALA J 43 -6.42 5.75 39.08
C ALA J 43 -7.42 6.76 38.50
N PRO J 44 -7.51 6.85 37.17
CA PRO J 44 -8.47 7.78 36.56
C PRO J 44 -9.90 7.40 36.93
N LYS J 45 -10.71 8.41 37.20
CA LYS J 45 -12.11 8.24 37.59
C LYS J 45 -13.00 8.89 36.54
N LEU J 46 -14.05 8.18 36.14
CA LEU J 46 -14.93 8.68 35.08
C LEU J 46 -15.79 9.83 35.60
N LEU J 47 -15.66 10.99 34.95
CA LEU J 47 -16.49 12.14 35.30
C LEU J 47 -17.84 12.06 34.58
N ILE J 48 -17.80 12.01 33.25
CA ILE J 48 -19.01 12.07 32.44
C ILE J 48 -18.77 11.24 31.17
N SER J 49 -19.86 10.75 30.60
CA SER J 49 -19.83 9.91 29.40
C SER J 49 -20.89 10.40 28.42
N ASP J 50 -20.58 10.32 27.13
CA ASP J 50 -21.45 10.75 26.04
C ASP J 50 -21.64 12.26 26.01
N ALA J 51 -21.04 12.99 26.95
CA ALA J 51 -21.09 14.45 27.06
C ALA J 51 -22.43 14.95 27.56
N SER J 52 -23.43 14.06 27.61
CA SER J 52 -24.73 14.38 28.18
C SER J 52 -24.94 13.79 29.57
N SER J 53 -24.82 12.48 29.73
CA SER J 53 -25.27 11.80 30.94
C SER J 53 -24.12 11.63 31.94
N LEU J 54 -24.44 11.87 33.21
CA LEU J 54 -23.49 11.79 34.31
C LEU J 54 -23.53 10.43 34.98
N GLU J 55 -22.35 9.91 35.29
CA GLU J 55 -22.25 8.63 36.00
C GLU J 55 -22.81 8.74 37.42
N SER J 56 -23.38 7.62 37.88
CA SER J 56 -23.91 7.54 39.23
C SER J 56 -22.80 7.66 40.24
N GLY J 57 -23.07 8.38 41.33
CA GLY J 57 -22.07 8.66 42.34
C GLY J 57 -21.16 9.82 42.03
N VAL J 58 -21.32 10.48 40.89
CA VAL J 58 -20.54 11.65 40.51
C VAL J 58 -21.31 12.88 40.96
N PRO J 59 -20.66 13.88 41.56
CA PRO J 59 -21.37 15.07 42.00
C PRO J 59 -22.16 15.73 40.87
N SER J 60 -23.31 16.31 41.24
CA SER J 60 -24.20 16.90 40.26
C SER J 60 -23.69 18.21 39.68
N ARG J 61 -22.73 18.86 40.35
CA ARG J 61 -22.24 20.15 39.86
C ARG J 61 -21.58 20.01 38.49
N PHE J 62 -20.91 18.89 38.25
CA PHE J 62 -20.24 18.67 36.98
C PHE J 62 -21.25 18.51 35.85
N SER J 63 -20.98 19.19 34.74
CA SER J 63 -21.87 19.12 33.58
C SER J 63 -21.07 19.34 32.32
N GLY J 64 -21.63 18.91 31.20
CA GLY J 64 -20.98 19.08 29.92
C GLY J 64 -22.01 19.23 28.81
N SER J 65 -21.58 19.82 27.71
CA SER J 65 -22.47 20.12 26.59
C SER J 65 -21.66 20.09 25.31
N GLY J 66 -22.29 20.52 24.22
CA GLY J 66 -21.61 20.54 22.92
C GLY J 66 -21.91 19.30 22.11
N SER J 67 -21.92 19.48 20.80
CA SER J 67 -22.16 18.39 19.86
C SER J 67 -21.15 18.47 18.73
N GLY J 68 -20.96 17.34 18.06
CA GLY J 68 -20.03 17.31 16.94
C GLY J 68 -18.60 17.51 17.40
N THR J 69 -17.92 18.50 16.82
CA THR J 69 -16.50 18.72 17.10
C THR J 69 -16.29 19.46 18.42
N GLU J 70 -17.19 20.36 18.80
CA GLU J 70 -17.00 21.20 19.97
C GLU J 70 -17.53 20.54 21.23
N PHE J 71 -16.75 20.64 22.31
CA PHE J 71 -17.12 20.08 23.59
C PHE J 71 -16.61 20.98 24.71
N THR J 72 -17.41 21.11 25.77
CA THR J 72 -17.02 21.92 26.92
C THR J 72 -17.43 21.19 28.19
N LEU J 73 -16.46 20.98 29.08
CA LEU J 73 -16.72 20.47 30.42
C LEU J 73 -16.80 21.66 31.37
N THR J 74 -17.93 21.84 32.03
CA THR J 74 -18.18 22.99 32.88
C THR J 74 -18.43 22.55 34.31
N ILE J 75 -17.73 23.17 35.25
CA ILE J 75 -17.93 22.95 36.67
C ILE J 75 -18.43 24.27 37.25
N SER J 76 -19.68 24.28 37.71
CA SER J 76 -20.26 25.52 38.22
C SER J 76 -19.57 25.99 39.48
N SER J 77 -19.21 25.05 40.38
CA SER J 77 -18.55 25.38 41.63
C SER J 77 -17.39 24.42 41.84
N LEU J 78 -16.22 24.97 42.14
CA LEU J 78 -15.03 24.16 42.36
C LEU J 78 -14.86 23.86 43.85
N GLN J 79 -14.38 22.66 44.15
CA GLN J 79 -14.27 22.16 45.50
C GLN J 79 -12.86 21.64 45.74
N PRO J 80 -12.44 21.52 47.01
CA PRO J 80 -11.05 21.06 47.28
C PRO J 80 -10.74 19.69 46.73
N ASP J 81 -11.70 18.76 46.73
CA ASP J 81 -11.47 17.44 46.16
C ASP J 81 -11.31 17.48 44.65
N ASP J 82 -11.73 18.56 44.01
CA ASP J 82 -11.83 18.65 42.56
C ASP J 82 -10.50 18.89 41.85
N PHE J 83 -9.37 18.98 42.55
CA PHE J 83 -8.11 19.30 41.90
C PHE J 83 -7.50 17.99 41.40
N ALA J 84 -7.54 17.80 40.08
CA ALA J 84 -7.03 16.60 39.43
C ALA J 84 -6.85 16.91 37.95
N THR J 85 -6.14 16.03 37.27
CA THR J 85 -5.99 16.15 35.82
C THR J 85 -7.24 15.60 35.12
N TYR J 86 -7.66 16.29 34.07
CA TYR J 86 -8.85 15.93 33.30
C TYR J 86 -8.48 15.62 31.86
N TYR J 87 -8.89 14.46 31.37
CA TYR J 87 -8.67 14.05 29.99
C TYR J 87 -10.00 13.84 29.30
N CYS J 88 -10.03 14.08 27.99
CA CYS J 88 -11.22 13.84 27.18
C CYS J 88 -10.94 12.76 26.14
N GLN J 89 -11.73 11.68 26.18
CA GLN J 89 -11.58 10.54 25.29
C GLN J 89 -12.81 10.44 24.38
N GLN J 90 -12.57 10.30 23.08
CA GLN J 90 -13.62 10.10 22.09
C GLN J 90 -13.53 8.70 21.53
N TYR J 91 -14.67 8.02 21.48
CA TYR J 91 -14.71 6.63 21.04
C TYR J 91 -14.92 6.42 19.54
N TYR J 92 -15.19 7.48 18.79
CA TYR J 92 -15.38 7.33 17.35
C TYR J 92 -14.14 6.72 16.71
N SER J 93 -13.00 7.39 16.85
CA SER J 93 -11.77 6.96 16.21
C SER J 93 -10.99 6.04 17.14
N SER J 94 -9.76 5.71 16.77
CA SER J 94 -8.86 5.02 17.66
C SER J 94 -8.78 5.76 18.99
N PRO J 95 -8.69 5.07 20.13
CA PRO J 95 -8.78 5.76 21.41
C PRO J 95 -7.67 6.78 21.56
N THR J 96 -8.04 8.02 21.85
CA THR J 96 -7.07 9.11 21.95
C THR J 96 -7.37 9.95 23.17
N PHE J 97 -6.39 10.04 24.07
CA PHE J 97 -6.51 10.85 25.27
C PHE J 97 -5.93 12.23 25.01
N GLY J 98 -6.56 13.25 25.61
CA GLY J 98 -6.10 14.61 25.45
C GLY J 98 -4.79 14.86 26.18
N GLY J 99 -4.28 16.08 25.99
CA GLY J 99 -3.08 16.48 26.71
C GLY J 99 -3.29 16.54 28.21
N GLY J 100 -4.53 16.75 28.64
CA GLY J 100 -4.88 16.82 30.03
C GLY J 100 -4.93 18.24 30.54
N THR J 101 -5.83 18.49 31.49
CA THR J 101 -5.97 19.80 32.10
C THR J 101 -5.75 19.66 33.60
N LYS J 102 -4.66 20.26 34.10
CA LYS J 102 -4.36 20.25 35.52
C LYS J 102 -4.89 21.53 36.14
N VAL J 103 -5.53 21.41 37.29
CA VAL J 103 -6.17 22.53 37.98
C VAL J 103 -5.38 22.87 39.23
N GLU J 104 -5.08 24.16 39.41
CA GLU J 104 -4.33 24.63 40.57
C GLU J 104 -5.01 25.88 41.10
N ILE J 105 -4.49 26.39 42.21
CA ILE J 105 -5.02 27.59 42.86
C ILE J 105 -4.01 28.72 42.71
N LYS J 106 -4.45 29.84 42.14
CA LYS J 106 -3.59 31.03 42.04
C LYS J 106 -4.43 32.29 42.28
N THR J 108 -1.90 33.21 45.61
CA THR J 108 -1.21 34.50 45.59
C THR J 108 0.10 34.41 44.84
N VAL J 109 0.91 35.47 44.94
CA VAL J 109 2.23 35.54 44.31
C VAL J 109 3.29 35.50 45.40
N ALA J 110 4.31 34.65 45.21
CA ALA J 110 5.38 34.51 46.16
C ALA J 110 6.72 34.69 45.46
N ALA J 111 7.74 35.10 46.22
CA ALA J 111 9.04 35.36 45.64
C ALA J 111 9.93 34.13 45.79
N PRO J 112 10.55 33.66 44.71
CA PRO J 112 11.43 32.50 44.82
C PRO J 112 12.72 32.85 45.56
N SER J 113 13.10 31.98 46.50
CA SER J 113 14.42 32.05 47.12
C SER J 113 15.40 31.24 46.27
N VAL J 114 16.56 31.83 45.99
CA VAL J 114 17.54 31.23 45.11
C VAL J 114 18.73 30.76 45.93
N PHE J 115 19.06 29.47 45.80
CA PHE J 115 20.20 28.88 46.48
C PHE J 115 20.97 28.02 45.49
N ILE J 116 22.27 28.27 45.39
CA ILE J 116 23.16 27.54 44.49
C ILE J 116 24.22 26.83 45.32
N PHE J 117 24.42 25.54 45.07
CA PHE J 117 25.37 24.75 45.83
C PHE J 117 26.46 24.20 44.92
N PRO J 118 27.73 24.29 45.33
CA PRO J 118 28.81 23.74 44.53
C PRO J 118 28.86 22.23 44.64
N PRO J 119 29.54 21.54 43.72
CA PRO J 119 29.71 20.09 43.87
C PRO J 119 30.51 19.76 45.11
N SER J 120 30.13 18.67 45.77
CA SER J 120 30.79 18.26 47.01
C SER J 120 32.20 17.75 46.72
N ASP J 121 33.03 17.76 47.76
CA ASP J 121 34.41 17.33 47.62
C ASP J 121 34.49 15.83 47.32
N GLU J 122 33.66 15.03 47.99
CA GLU J 122 33.63 13.60 47.69
C GLU J 122 33.18 13.34 46.26
N GLN J 123 32.32 14.20 45.71
CA GLN J 123 31.89 14.05 44.33
C GLN J 123 33.02 14.31 43.35
N LEU J 124 33.95 15.20 43.70
CA LEU J 124 35.06 15.50 42.82
C LEU J 124 36.02 14.31 42.70
N LYS J 125 36.17 13.53 43.78
CA LYS J 125 37.09 12.39 43.75
C LYS J 125 36.62 11.31 42.78
N SER J 126 35.30 11.15 42.62
CA SER J 126 34.78 10.18 41.68
C SER J 126 35.02 10.60 40.23
N GLY J 127 35.22 11.88 39.99
CA GLY J 127 35.43 12.39 38.65
C GLY J 127 34.23 13.04 38.00
N THR J 128 33.14 13.25 38.74
CA THR J 128 31.95 13.90 38.21
C THR J 128 31.59 15.07 39.12
N ALA J 129 31.24 16.20 38.52
CA ALA J 129 30.86 17.40 39.25
C ALA J 129 29.45 17.81 38.87
N SER J 130 28.60 18.01 39.89
CA SER J 130 27.21 18.42 39.68
C SER J 130 26.94 19.66 40.51
N VAL J 131 26.44 20.70 39.85
CA VAL J 131 26.05 21.95 40.50
C VAL J 131 24.53 21.99 40.57
N VAL J 132 24.00 22.34 41.74
CA VAL J 132 22.56 22.33 41.99
C VAL J 132 22.12 23.75 42.31
N CYS J 133 21.09 24.20 41.59
CA CYS J 133 20.46 25.50 41.84
C CYS J 133 19.05 25.25 42.36
N LEU J 134 18.75 25.79 43.53
CA LEU J 134 17.52 25.48 44.25
C LEU J 134 16.59 26.69 44.24
N LEU J 135 15.33 26.45 43.86
CA LEU J 135 14.26 27.44 43.97
C LEU J 135 13.20 26.88 44.91
N ASN J 136 12.84 27.66 45.93
CA ASN J 136 11.92 27.19 46.95
C ASN J 136 10.87 28.25 47.24
N ASN J 137 9.67 27.77 47.59
CA ASN J 137 8.57 28.63 48.04
C ASN J 137 8.22 29.70 47.01
N PHE J 138 7.93 29.27 45.78
CA PHE J 138 7.53 30.18 44.73
C PHE J 138 6.26 29.68 44.07
N TYR J 139 5.19 30.45 44.17
CA TYR J 139 4.04 30.31 43.28
C TYR J 139 3.69 31.70 42.75
N PRO J 140 3.28 31.80 41.47
CA PRO J 140 2.84 30.72 40.58
C PRO J 140 3.90 29.75 40.06
N ARG J 141 3.38 28.65 39.49
CA ARG J 141 4.22 27.54 39.06
C ARG J 141 5.22 27.93 37.98
N GLU J 142 4.83 28.81 37.06
CA GLU J 142 5.69 29.12 35.93
C GLU J 142 7.02 29.72 36.39
N ALA J 143 8.11 29.20 35.85
CA ALA J 143 9.44 29.70 36.15
C ALA J 143 10.38 29.24 35.06
N LYS J 144 11.51 29.93 34.93
CA LYS J 144 12.51 29.61 33.92
C LYS J 144 13.88 29.76 34.53
N VAL J 145 14.70 28.72 34.42
CA VAL J 145 16.05 28.71 35.00
C VAL J 145 17.05 28.47 33.89
N GLN J 146 17.99 29.40 33.74
CA GLN J 146 19.08 29.29 32.77
C GLN J 146 20.40 29.19 33.52
N TRP J 147 21.33 28.45 32.93
CA TRP J 147 22.66 28.25 33.50
C TRP J 147 23.67 29.07 32.71
N LYS J 148 24.50 29.83 33.43
CA LYS J 148 25.52 30.66 32.80
C LYS J 148 26.86 30.35 33.44
N VAL J 149 27.79 29.83 32.64
CA VAL J 149 29.14 29.50 33.09
C VAL J 149 30.09 30.44 32.38
N ASP J 150 30.74 31.31 33.15
CA ASP J 150 31.62 32.35 32.61
C ASP J 150 30.87 33.22 31.60
N ASN J 151 29.65 33.61 31.98
CA ASN J 151 28.77 34.43 31.14
C ASN J 151 28.48 33.76 29.79
N ALA J 152 28.28 32.44 29.83
CA ALA J 152 27.96 31.67 28.64
C ALA J 152 26.76 30.77 28.92
N LEU J 153 25.76 30.84 28.05
CA LEU J 153 24.55 30.04 28.21
C LEU J 153 24.87 28.56 28.03
N GLN J 154 24.21 27.72 28.82
CA GLN J 154 24.38 26.27 28.76
C GLN J 154 23.04 25.62 28.47
N SER J 155 22.96 24.88 27.37
CA SER J 155 21.73 24.24 26.94
C SER J 155 21.95 22.74 26.77
N GLY J 156 21.01 21.95 27.28
CA GLY J 156 21.05 20.51 27.16
C GLY J 156 21.73 19.78 28.29
N ASN J 157 22.58 20.46 29.06
CA ASN J 157 23.29 19.87 30.18
C ASN J 157 22.58 20.07 31.52
N SER J 158 21.39 20.64 31.52
CA SER J 158 20.65 20.95 32.73
C SER J 158 19.45 20.02 32.88
N GLN J 159 19.21 19.57 34.10
CA GLN J 159 18.07 18.73 34.44
C GLN J 159 17.30 19.39 35.57
N GLU J 160 15.97 19.39 35.47
CA GLU J 160 15.12 20.08 36.43
C GLU J 160 14.01 19.16 36.90
N SER J 161 13.50 19.46 38.10
CA SER J 161 12.39 18.73 38.68
C SER J 161 11.57 19.68 39.53
N VAL J 162 10.25 19.51 39.51
CA VAL J 162 9.32 20.36 40.24
C VAL J 162 8.53 19.48 41.19
N THR J 163 8.48 19.86 42.46
CA THR J 163 7.71 19.09 43.41
C THR J 163 6.22 19.42 43.28
N GLU J 164 5.41 18.68 44.04
CA GLU J 164 3.99 18.97 44.11
C GLU J 164 3.73 20.11 45.10
N GLN J 165 2.60 20.78 44.92
CA GLN J 165 2.19 21.84 45.84
C GLN J 165 2.07 21.30 47.26
N ASP J 166 2.62 22.03 48.21
CA ASP J 166 2.50 21.67 49.61
C ASP J 166 1.14 22.10 50.15
N SER J 167 0.53 21.22 50.93
CA SER J 167 -0.82 21.49 51.42
C SER J 167 -0.86 22.70 52.35
N LYS J 168 0.17 22.89 53.17
CA LYS J 168 0.12 23.95 54.18
C LYS J 168 0.31 25.33 53.57
N ASP J 169 1.49 25.57 52.99
CA ASP J 169 1.83 26.90 52.46
C ASP J 169 1.49 27.08 50.99
N SER J 170 1.12 26.00 50.28
CA SER J 170 0.74 26.08 48.87
C SER J 170 1.85 26.68 48.00
N THR J 171 3.09 26.24 48.23
CA THR J 171 4.24 26.75 47.49
C THR J 171 4.97 25.60 46.80
N TYR J 172 5.21 25.75 45.50
CA TYR J 172 5.98 24.82 44.71
C TYR J 172 7.48 25.01 44.96
N SER J 173 8.25 23.97 44.62
CA SER J 173 9.71 24.00 44.70
C SER J 173 10.29 23.37 43.44
N LEU J 174 11.39 23.96 42.95
CA LEU J 174 12.04 23.50 41.73
C LEU J 174 13.54 23.41 41.98
N SER J 175 14.15 22.35 41.45
CA SER J 175 15.59 22.15 41.54
C SER J 175 16.15 21.91 40.15
N SER J 176 17.25 22.59 39.82
CA SER J 176 17.95 22.41 38.56
C SER J 176 19.37 21.96 38.85
N THR J 177 19.80 20.89 38.18
CA THR J 177 21.11 20.29 38.39
C THR J 177 21.92 20.33 37.10
N LEU J 178 23.14 20.83 37.20
CA LEU J 178 24.06 20.90 36.07
C LEU J 178 25.18 19.89 36.31
N THR J 179 25.29 18.90 35.43
CA THR J 179 26.26 17.83 35.55
C THR J 179 27.33 17.97 34.47
N LEU J 180 28.59 17.99 34.87
CA LEU J 180 29.70 18.12 33.95
C LEU J 180 30.84 17.22 34.42
N SER J 181 31.79 16.99 33.51
CA SER J 181 32.96 16.18 33.82
C SER J 181 33.91 16.97 34.72
N LYS J 182 34.79 16.24 35.41
CA LYS J 182 35.75 16.87 36.30
C LYS J 182 36.63 17.87 35.56
N ALA J 183 37.08 17.50 34.36
CA ALA J 183 37.95 18.39 33.59
C ALA J 183 37.21 19.65 33.16
N ASP J 184 35.97 19.51 32.68
CA ASP J 184 35.21 20.67 32.23
C ASP J 184 34.90 21.62 33.38
N TYR J 185 34.71 21.10 34.59
CA TYR J 185 34.40 21.96 35.72
C TYR J 185 35.60 22.81 36.11
N GLU J 186 36.80 22.23 36.04
CA GLU J 186 38.01 22.94 36.47
C GLU J 186 38.41 24.02 35.47
N LYS J 187 38.07 23.86 34.19
CA LYS J 187 38.46 24.85 33.19
C LYS J 187 37.75 26.17 33.41
N HIS J 188 36.46 26.13 33.71
CA HIS J 188 35.66 27.33 33.92
C HIS J 188 35.67 27.73 35.38
N LYS J 189 36.01 28.99 35.66
CA LYS J 189 36.15 29.45 37.04
C LYS J 189 34.81 29.79 37.68
N VAL J 190 33.90 30.44 36.95
CA VAL J 190 32.70 31.01 37.53
C VAL J 190 31.48 30.27 36.98
N TYR J 191 30.60 29.85 37.88
CA TYR J 191 29.33 29.23 37.55
C TYR J 191 28.21 30.05 38.16
N ALA J 192 27.17 30.31 37.37
CA ALA J 192 26.09 31.18 37.78
C ALA J 192 24.74 30.54 37.45
N CYS J 193 23.73 30.91 38.23
CA CYS J 193 22.36 30.44 38.02
C CYS J 193 21.44 31.65 37.97
N GLU J 194 20.68 31.78 36.88
CA GLU J 194 19.77 32.89 36.67
C GLU J 194 18.34 32.39 36.81
N VAL J 195 17.55 33.08 37.63
CA VAL J 195 16.18 32.70 37.93
C VAL J 195 15.24 33.79 37.45
N THR J 196 14.23 33.42 36.69
CA THR J 196 13.21 34.34 36.20
C THR J 196 11.85 33.91 36.72
N HIS J 197 11.14 34.82 37.39
CA HIS J 197 9.86 34.51 38.01
C HIS J 197 8.98 35.74 37.97
N GLN J 198 7.67 35.51 38.09
CA GLN J 198 6.72 36.62 38.07
C GLN J 198 6.86 37.49 39.33
N GLY J 199 7.11 36.87 40.48
CA GLY J 199 7.20 37.62 41.71
C GLY J 199 8.32 38.63 41.72
N LEU J 200 9.44 38.29 41.08
CA LEU J 200 10.61 39.15 41.04
C LEU J 200 10.53 40.07 39.83
N SER J 201 10.63 41.38 40.07
CA SER J 201 10.62 42.33 38.95
C SER J 201 11.88 42.19 38.10
N SER J 202 13.04 42.09 38.75
CA SER J 202 14.32 41.86 38.09
C SER J 202 14.77 40.45 38.37
N PRO J 203 15.06 39.64 37.35
CA PRO J 203 15.55 38.28 37.60
C PRO J 203 16.86 38.32 38.39
N VAL J 204 16.89 37.56 39.48
CA VAL J 204 18.04 37.53 40.39
C VAL J 204 18.98 36.40 39.98
N THR J 205 20.27 36.67 40.05
CA THR J 205 21.30 35.72 39.65
C THR J 205 22.25 35.47 40.81
N LYS J 206 22.46 34.19 41.13
CA LYS J 206 23.40 33.76 42.16
C LYS J 206 24.55 33.00 41.52
N SER J 207 25.77 33.44 41.81
CA SER J 207 26.98 32.87 41.22
C SER J 207 28.03 32.60 42.30
N PHE J 208 28.87 31.62 42.05
CA PHE J 208 29.97 31.27 42.93
C PHE J 208 31.23 31.05 42.11
N ASN J 209 32.38 31.19 42.77
CA ASN J 209 33.67 30.97 42.15
C ASN J 209 34.18 29.57 42.49
N ARG J 210 34.83 28.94 41.51
CA ARG J 210 35.34 27.58 41.70
C ARG J 210 36.45 27.56 42.74
N GLY J 211 36.42 26.53 43.59
CA GLY J 211 37.46 26.37 44.60
C GLY J 211 37.53 27.50 45.61
N GLU J 212 36.38 28.01 46.02
CA GLU J 212 36.35 29.16 46.92
C GLU J 212 35.35 28.95 48.05
N GLN K 1 36.41 68.02 19.84
CA GLN K 1 36.69 67.98 18.40
C GLN K 1 37.08 66.56 18.00
N VAL K 2 37.00 65.64 18.96
CA VAL K 2 37.38 64.25 18.72
C VAL K 2 36.34 63.61 17.80
N GLN K 3 36.80 63.08 16.68
CA GLN K 3 35.92 62.36 15.75
C GLN K 3 36.66 61.16 15.19
N LEU K 4 36.02 60.00 15.20
CA LEU K 4 36.57 58.77 14.64
C LEU K 4 35.66 58.31 13.51
N VAL K 5 36.26 57.95 12.38
CA VAL K 5 35.50 57.54 11.19
C VAL K 5 35.91 56.11 10.86
N GLN K 6 34.94 55.19 10.89
CA GLN K 6 35.17 53.81 10.53
C GLN K 6 34.81 53.60 9.06
N SER K 7 35.00 52.37 8.58
CA SER K 7 34.58 51.99 7.24
C SER K 7 33.08 51.73 7.20
N GLY K 8 32.46 52.09 6.09
CA GLY K 8 31.02 51.99 5.97
C GLY K 8 30.46 50.58 5.98
N VAL K 9 30.90 49.75 5.04
CA VAL K 9 30.36 48.41 4.86
C VAL K 9 31.46 47.50 4.33
N THR K 10 31.38 46.22 4.69
CA THR K 10 32.33 45.22 4.23
C THR K 10 31.65 43.86 4.16
N LEU K 11 32.16 43.00 3.28
CA LEU K 11 31.68 41.63 3.13
C LEU K 11 32.85 40.76 2.71
N VAL K 12 32.89 39.52 3.20
CA VAL K 12 34.02 38.64 2.96
C VAL K 12 33.56 37.22 2.71
N GLN K 13 34.52 36.29 2.63
CA GLN K 13 34.28 34.88 2.35
C GLN K 13 34.99 34.04 3.42
N PRO K 14 34.87 32.72 3.44
CA PRO K 14 35.53 31.96 4.51
C PRO K 14 37.04 31.99 4.34
N GLY K 15 37.76 32.25 5.42
CA GLY K 15 39.20 32.38 5.34
C GLY K 15 39.68 33.60 4.60
N GLY K 16 38.79 34.51 4.22
CA GLY K 16 39.19 35.68 3.48
C GLY K 16 39.92 36.70 4.34
N SER K 17 40.55 37.65 3.65
CA SER K 17 41.30 38.73 4.29
C SER K 17 40.58 40.06 4.09
N LEU K 18 40.59 40.88 5.13
CA LEU K 18 39.88 42.15 5.10
C LEU K 18 40.65 43.17 5.92
N ARG K 19 40.62 44.42 5.46
CA ARG K 19 41.29 45.53 6.11
C ARG K 19 40.26 46.55 6.57
N VAL K 20 40.39 47.00 7.81
CA VAL K 20 39.52 48.02 8.38
C VAL K 20 40.36 49.25 8.66
N SER K 21 39.90 50.41 8.20
CA SER K 21 40.62 51.66 8.34
C SER K 21 39.85 52.57 9.30
N CYS K 22 40.51 52.99 10.37
CA CYS K 22 39.92 53.89 11.36
C CYS K 22 40.60 55.25 11.25
N ALA K 23 39.87 56.24 10.75
CA ALA K 23 40.40 57.58 10.61
C ALA K 23 40.18 58.37 11.90
N ALA K 24 41.16 59.19 12.25
CA ALA K 24 41.09 59.98 13.48
C ALA K 24 41.54 61.40 13.19
N SER K 25 40.79 62.37 13.70
CA SER K 25 41.10 63.77 13.48
C SER K 25 40.49 64.58 14.61
N GLY K 26 40.96 65.82 14.75
CA GLY K 26 40.45 66.73 15.76
C GLY K 26 41.17 66.67 17.10
N PHE K 27 42.07 65.71 17.29
CA PHE K 27 42.83 65.61 18.53
C PHE K 27 44.12 64.86 18.24
N THR K 28 45.08 64.99 19.16
CA THR K 28 46.37 64.35 18.99
C THR K 28 46.22 62.84 18.95
N PHE K 29 46.74 62.22 17.89
CA PHE K 29 46.63 60.78 17.71
C PHE K 29 47.68 60.05 18.53
N SER K 30 48.97 60.35 18.27
CA SER K 30 50.06 59.69 18.97
C SER K 30 49.95 59.84 20.49
N SER K 31 49.24 60.86 20.97
CA SER K 31 49.15 61.11 22.40
C SER K 31 48.45 59.96 23.12
N TYR K 32 47.45 59.35 22.49
CA TYR K 32 46.69 58.29 23.14
C TYR K 32 46.90 56.97 22.43
N ALA K 33 46.42 55.91 23.08
CA ALA K 33 46.50 54.55 22.56
C ALA K 33 45.11 54.09 22.17
N MET K 34 44.98 53.50 20.98
CA MET K 34 43.69 53.04 20.50
C MET K 34 43.52 51.55 20.78
N SER K 35 42.32 51.05 20.50
CA SER K 35 42.02 49.63 20.63
C SER K 35 40.79 49.31 19.79
N TRP K 36 40.63 48.03 19.48
CA TRP K 36 39.49 47.54 18.73
C TRP K 36 38.56 46.75 19.63
N VAL K 37 37.26 46.96 19.48
CA VAL K 37 36.23 46.24 20.20
C VAL K 37 35.15 45.82 19.22
N ARG K 38 34.82 44.54 19.21
CA ARG K 38 33.80 44.01 18.31
C ARG K 38 32.56 43.60 19.10
N GLN K 39 31.41 43.77 18.46
CA GLN K 39 30.12 43.43 19.06
C GLN K 39 29.35 42.53 18.10
N ALA K 40 29.10 41.30 18.52
CA ALA K 40 28.29 40.41 17.70
C ALA K 40 26.82 40.81 17.80
N PRO K 41 26.02 40.54 16.77
CA PRO K 41 24.60 40.91 16.82
C PRO K 41 23.90 40.26 18.01
N GLY K 42 23.20 41.08 18.79
CA GLY K 42 22.53 40.59 19.97
C GLY K 42 23.45 40.09 21.06
N LYS K 43 24.72 40.51 21.05
CA LYS K 43 25.70 40.05 22.01
C LYS K 43 26.45 41.24 22.59
N GLY K 44 27.07 41.02 23.74
CA GLY K 44 27.83 42.07 24.39
C GLY K 44 29.11 42.42 23.65
N LEU K 45 29.69 43.55 24.04
CA LEU K 45 30.94 44.01 23.45
C LEU K 45 32.08 43.06 23.79
N GLU K 46 33.03 42.93 22.86
CA GLU K 46 34.18 42.08 23.03
C GLU K 46 35.44 42.82 22.60
N TRP K 47 36.45 42.83 23.47
CA TRP K 47 37.70 43.48 23.18
C TRP K 47 38.52 42.62 22.22
N VAL K 48 39.01 43.22 21.14
CA VAL K 48 39.75 42.49 20.12
C VAL K 48 41.25 42.65 20.35
N SER K 49 41.76 43.86 20.10
CA SER K 49 43.19 44.11 20.18
C SER K 49 43.41 45.54 20.63
N ALA K 50 44.64 45.81 21.06
CA ALA K 50 45.04 47.13 21.52
C ALA K 50 46.47 47.39 21.10
N ILE K 51 46.77 48.66 20.82
CA ILE K 51 48.10 49.08 20.39
C ILE K 51 48.50 50.32 21.16
N SER K 52 49.78 50.41 21.51
CA SER K 52 50.29 51.53 22.29
C SER K 52 50.38 52.79 21.44
N GLY K 53 50.46 53.94 22.12
CA GLY K 53 50.52 55.21 21.42
C GLY K 53 51.68 55.30 20.44
N LEU K 54 52.82 54.72 20.79
CA LEU K 54 53.93 54.70 19.85
C LEU K 54 53.74 53.63 18.78
N GLY K 55 53.15 52.50 19.13
CA GLY K 55 52.94 51.41 18.19
C GLY K 55 53.95 50.28 18.28
N GLY K 56 54.97 50.41 19.13
CA GLY K 56 55.95 49.33 19.26
C GLY K 56 55.39 48.10 19.92
N SER K 57 54.51 48.29 20.92
CA SER K 57 53.89 47.19 21.64
C SER K 57 52.45 47.02 21.18
N THR K 58 52.09 45.80 20.80
CA THR K 58 50.75 45.45 20.35
C THR K 58 50.18 44.36 21.24
N TYR K 59 48.85 44.38 21.40
CA TYR K 59 48.17 43.46 22.30
C TYR K 59 47.06 42.76 21.55
N TYR K 60 46.95 41.44 21.74
CA TYR K 60 45.95 40.64 21.06
C TYR K 60 45.30 39.68 22.05
N ALA K 61 44.05 39.32 21.77
CA ALA K 61 43.34 38.32 22.56
C ALA K 61 43.77 36.91 22.13
N ASP K 62 43.59 35.96 23.04
CA ASP K 62 43.99 34.58 22.77
C ASP K 62 43.29 34.01 21.54
N SER K 63 42.00 34.32 21.37
CA SER K 63 41.28 33.80 20.21
C SER K 63 41.69 34.50 18.92
N VAL K 64 42.01 35.80 18.99
CA VAL K 64 42.29 36.59 17.80
C VAL K 64 43.78 36.68 17.47
N LYS K 65 44.66 36.17 18.32
CA LYS K 65 46.09 36.46 18.20
C LYS K 65 46.71 35.93 16.93
N GLY K 66 46.27 34.77 16.44
CA GLY K 66 46.99 34.16 15.32
C GLY K 66 46.94 34.86 13.98
N ARG K 67 45.74 35.05 13.44
CA ARG K 67 45.58 35.55 12.08
C ARG K 67 45.25 37.05 11.99
N PHE K 68 45.21 37.77 13.12
CA PHE K 68 44.88 39.18 13.11
C PHE K 68 46.10 40.02 13.41
N THR K 69 46.15 41.20 12.79
CA THR K 69 47.25 42.13 12.93
C THR K 69 46.74 43.55 13.03
N ILE K 70 47.23 44.30 14.02
CA ILE K 70 46.84 45.68 14.24
C ILE K 70 48.03 46.58 13.96
N SER K 71 47.78 47.71 13.31
CA SER K 71 48.84 48.66 12.97
C SER K 71 48.25 50.06 12.90
N ARG K 72 49.10 51.05 13.21
CA ARG K 72 48.70 52.45 13.17
C ARG K 72 49.83 53.30 12.62
N ASP K 73 49.45 54.37 11.93
CA ASP K 73 50.40 55.33 11.37
C ASP K 73 50.17 56.67 12.06
N ASN K 74 51.19 57.14 12.77
CA ASN K 74 51.07 58.41 13.50
C ASN K 74 50.97 59.59 12.55
N SER K 75 51.64 59.52 11.38
CA SER K 75 51.62 60.62 10.44
C SER K 75 50.24 60.83 9.85
N LYS K 76 49.63 59.77 9.33
CA LYS K 76 48.33 59.87 8.69
C LYS K 76 47.17 59.78 9.69
N ASN K 77 47.45 59.57 10.97
CA ASN K 77 46.42 59.56 12.02
C ASN K 77 45.35 58.51 11.73
N THR K 78 45.76 57.34 11.26
CA THR K 78 44.84 56.29 10.87
C THR K 78 45.21 54.97 11.55
N LEU K 79 44.20 54.21 11.95
CA LEU K 79 44.37 52.93 12.60
C LEU K 79 43.88 51.82 11.66
N TYR K 80 44.77 50.89 11.33
CA TYR K 80 44.47 49.81 10.41
C TYR K 80 44.46 48.47 11.15
N LEU K 81 43.36 47.73 11.00
CA LEU K 81 43.27 46.36 11.50
C LEU K 81 43.18 45.44 10.30
N GLN K 82 44.26 44.70 10.05
CA GLN K 82 44.30 43.75 8.94
C GLN K 82 43.84 42.39 9.46
N MET K 83 42.71 41.92 8.93
CA MET K 83 42.11 40.67 9.39
C MET K 83 42.30 39.62 8.30
N ASN K 84 42.91 38.50 8.68
CA ASN K 84 43.17 37.39 7.77
C ASN K 84 42.49 36.13 8.28
N SER K 85 42.20 35.22 7.36
CA SER K 85 41.63 33.91 7.69
C SER K 85 40.38 34.07 8.56
N LEU K 86 39.42 34.84 8.05
CA LEU K 86 38.23 35.14 8.81
C LEU K 86 37.34 33.91 8.99
N ARG K 87 36.62 33.91 10.11
CA ARG K 87 35.70 32.83 10.48
C ARG K 87 34.34 33.43 10.81
N ALA K 88 33.33 32.55 10.89
CA ALA K 88 31.99 33.01 11.20
C ALA K 88 31.90 33.62 12.59
N GLU K 89 32.69 33.12 13.54
CA GLU K 89 32.69 33.70 14.88
C GLU K 89 33.21 35.13 14.90
N ASP K 90 33.97 35.53 13.89
CA ASP K 90 34.53 36.86 13.83
C ASP K 90 33.58 37.88 13.22
N THR K 91 32.35 37.49 12.90
CA THR K 91 31.40 38.43 12.32
C THR K 91 30.86 39.31 13.44
N ALA K 92 31.18 40.59 13.39
CA ALA K 92 30.81 41.52 14.45
C ALA K 92 30.94 42.95 13.93
N VAL K 93 30.33 43.88 14.64
CA VAL K 93 30.55 45.30 14.37
C VAL K 93 31.80 45.75 15.12
N TYR K 94 32.79 46.25 14.37
CA TYR K 94 34.08 46.63 14.94
C TYR K 94 34.11 48.11 15.25
N TYR K 95 34.58 48.46 16.44
CA TYR K 95 34.69 49.83 16.90
C TYR K 95 36.14 50.19 17.18
N CYS K 96 36.52 51.43 16.87
CA CYS K 96 37.81 51.98 17.24
C CYS K 96 37.58 53.19 18.12
N ALA K 97 38.33 53.29 19.21
CA ALA K 97 38.07 54.29 20.24
C ALA K 97 39.39 54.90 20.69
N LYS K 98 39.29 55.90 21.57
CA LYS K 98 40.44 56.60 22.10
C LYS K 98 40.35 56.64 23.62
N ASP K 99 41.49 56.86 24.26
CA ASP K 99 41.58 56.78 25.72
C ASP K 99 40.81 57.91 26.39
N HIS K 100 40.14 57.57 27.50
CA HIS K 100 39.30 58.53 28.22
C HIS K 100 40.12 59.50 29.05
N ARG K 101 41.06 59.00 29.84
CA ARG K 101 41.80 59.85 30.78
C ARG K 101 43.30 59.69 30.59
N VAL K 102 43.78 58.47 30.83
CA VAL K 102 45.19 58.12 30.84
C VAL K 102 45.87 58.50 29.53
N TRP K 103 47.15 58.86 29.59
CA TRP K 103 47.93 59.16 28.39
C TRP K 103 48.77 57.93 28.12
N ALA K 104 48.30 57.10 27.19
CA ALA K 104 48.97 55.88 26.73
C ALA K 104 49.33 54.93 27.89
N ALA K 105 48.77 55.14 29.08
CA ALA K 105 49.02 54.23 30.20
C ALA K 105 47.92 53.19 30.42
N GLY K 106 46.65 53.61 30.32
CA GLY K 106 45.53 52.77 30.67
C GLY K 106 44.59 52.51 29.50
N TYR K 107 43.60 51.64 29.76
CA TYR K 107 42.70 51.12 28.75
C TYR K 107 41.34 51.81 28.72
N HIS K 108 41.15 52.90 29.48
CA HIS K 108 39.89 53.65 29.45
C HIS K 108 39.54 54.10 28.03
N PHE K 109 38.24 54.20 27.75
CA PHE K 109 37.74 54.67 26.45
C PHE K 109 36.63 55.69 26.69
N ASP K 110 36.88 56.96 26.31
CA ASP K 110 35.81 57.95 26.33
C ASP K 110 34.96 57.97 25.06
N TYR K 111 35.59 57.91 23.89
CA TYR K 111 34.93 58.18 22.63
C TYR K 111 35.09 57.00 21.68
N TRP K 112 33.97 56.51 21.18
CA TRP K 112 33.94 55.35 20.29
C TRP K 112 33.53 55.77 18.88
N GLY K 113 34.01 55.03 17.89
CA GLY K 113 33.60 55.26 16.52
C GLY K 113 32.21 54.72 16.25
N GLN K 114 31.68 55.08 15.07
CA GLN K 114 30.34 54.64 14.72
C GLN K 114 30.27 53.14 14.48
N GLY K 115 31.37 52.51 14.11
CA GLY K 115 31.43 51.07 13.96
C GLY K 115 31.41 50.64 12.51
N ALA K 116 32.03 49.49 12.25
CA ALA K 116 32.08 48.89 10.92
C ALA K 116 31.55 47.47 10.97
N LEU K 117 30.66 47.15 10.04
CA LEU K 117 30.01 45.84 10.00
C LEU K 117 30.80 44.90 9.10
N VAL K 118 31.12 43.72 9.62
CA VAL K 118 31.87 42.70 8.89
C VAL K 118 31.10 41.39 8.99
N THR K 119 30.74 40.81 7.84
CA THR K 119 29.94 39.60 7.78
C THR K 119 30.72 38.53 7.00
N VAL K 120 31.07 37.45 7.69
CA VAL K 120 31.85 36.35 7.11
C VAL K 120 30.97 35.19 6.66
N SER K 121 29.64 35.32 6.76
CA SER K 121 28.74 34.20 6.46
C SER K 121 29.06 33.55 5.11
N SER K 122 29.28 34.37 4.08
CA SER K 122 29.65 33.87 2.75
C SER K 122 28.67 32.84 2.21
N ALA K 123 27.54 33.31 1.72
CA ALA K 123 26.54 32.48 1.06
C ALA K 123 26.04 33.28 -0.13
N SER K 124 25.82 32.61 -1.26
CA SER K 124 25.39 33.32 -2.45
C SER K 124 24.08 34.05 -2.19
N THR K 125 24.04 35.33 -2.56
CA THR K 125 22.88 36.18 -2.35
C THR K 125 21.81 35.87 -3.38
N LYS K 126 20.59 35.64 -2.91
CA LYS K 126 19.48 35.27 -3.77
C LYS K 126 18.24 36.02 -3.31
N GLY K 127 17.33 36.26 -4.24
CA GLY K 127 16.14 37.03 -3.96
C GLY K 127 15.26 36.38 -2.93
N PRO K 128 14.66 37.19 -2.07
CA PRO K 128 13.78 36.63 -1.03
C PRO K 128 12.48 36.13 -1.61
N SER K 129 11.97 35.05 -1.03
CA SER K 129 10.65 34.53 -1.37
C SER K 129 9.66 35.08 -0.37
N VAL K 130 8.67 35.82 -0.86
CA VAL K 130 7.67 36.49 -0.02
C VAL K 130 6.42 35.62 0.00
N PHE K 131 5.99 35.22 1.19
CA PHE K 131 4.79 34.44 1.33
C PHE K 131 3.78 35.19 2.19
N PRO K 132 2.53 35.30 1.76
CA PRO K 132 1.54 36.01 2.56
C PRO K 132 1.01 35.18 3.71
N LEU K 133 0.56 35.87 4.75
CA LEU K 133 -0.07 35.24 5.89
C LEU K 133 -1.58 35.46 5.76
N ALA K 134 -2.32 34.38 5.52
CA ALA K 134 -3.75 34.46 5.30
C ALA K 134 -4.44 34.97 6.55
N PRO K 135 -5.44 35.84 6.40
CA PRO K 135 -6.17 36.33 7.58
C PRO K 135 -6.91 35.19 8.28
N SER K 136 -6.87 35.23 9.62
CA SER K 136 -7.30 34.09 10.41
C SER K 136 -8.80 33.84 10.28
N SER K 137 -9.61 34.87 10.51
CA SER K 137 -11.05 34.70 10.49
C SER K 137 -11.71 36.00 10.05
N LYS K 138 -12.89 35.87 9.45
CA LYS K 138 -13.65 37.03 8.99
C LYS K 138 -14.32 37.74 10.18
N SER K 139 -15.02 36.99 11.01
CA SER K 139 -15.59 37.56 12.23
C SER K 139 -14.46 38.06 13.13
N THR K 140 -14.74 39.14 13.87
CA THR K 140 -13.73 39.72 14.74
C THR K 140 -14.02 39.27 16.17
N SER K 141 -13.25 38.28 16.63
CA SER K 141 -13.28 37.81 18.01
C SER K 141 -12.37 38.63 18.92
N GLY K 142 -11.15 38.92 18.45
CA GLY K 142 -10.16 39.64 19.19
C GLY K 142 -10.17 41.14 18.98
N GLY K 143 -10.99 41.64 18.06
CA GLY K 143 -11.12 43.05 17.79
C GLY K 143 -10.37 43.53 16.56
N THR K 144 -9.33 42.81 16.15
CA THR K 144 -8.51 43.23 15.00
C THR K 144 -8.09 42.00 14.20
N ALA K 145 -8.29 42.05 12.90
CA ALA K 145 -7.82 40.97 12.03
C ALA K 145 -6.32 41.12 11.81
N ALA K 146 -5.61 39.99 11.81
CA ALA K 146 -4.16 39.97 11.68
C ALA K 146 -3.76 39.39 10.33
N LEU K 147 -2.86 40.07 9.64
CA LEU K 147 -2.29 39.60 8.38
C LEU K 147 -0.83 40.01 8.34
N GLY K 148 -0.04 39.26 7.58
CA GLY K 148 1.38 39.57 7.51
C GLY K 148 2.01 39.01 6.26
N CYS K 149 3.29 39.33 6.09
CA CYS K 149 4.11 38.82 4.99
C CYS K 149 5.38 38.22 5.55
N LEU K 150 5.80 37.10 4.98
CA LEU K 150 6.97 36.37 5.43
C LEU K 150 8.07 36.47 4.38
N VAL K 151 9.20 37.04 4.76
CA VAL K 151 10.37 37.13 3.89
C VAL K 151 11.31 35.99 4.25
N LYS K 152 11.69 35.20 3.26
CA LYS K 152 12.46 33.98 3.51
C LYS K 152 13.59 33.85 2.49
N ASP K 153 14.69 33.26 2.93
CA ASP K 153 15.83 32.91 2.07
C ASP K 153 16.40 34.15 1.38
N TYR K 154 16.62 35.20 2.14
CA TYR K 154 17.25 36.42 1.64
C TYR K 154 18.61 36.61 2.31
N PHE K 155 19.56 37.11 1.53
CA PHE K 155 20.90 37.40 2.04
C PHE K 155 21.58 38.51 1.25
N PRO K 156 22.35 39.37 1.94
CA PRO K 156 22.38 39.58 3.39
C PRO K 156 21.43 40.69 3.81
N GLU K 157 21.44 41.07 5.08
CA GLU K 157 20.69 42.22 5.56
C GLU K 157 21.18 43.51 4.90
N PRO K 158 20.36 44.57 4.88
CA PRO K 158 19.00 44.66 5.41
C PRO K 158 17.90 44.39 4.39
N VAL K 159 16.66 44.40 4.85
CA VAL K 159 15.47 44.43 4.01
C VAL K 159 14.45 45.33 4.69
N THR K 160 13.92 46.31 3.97
CA THR K 160 12.96 47.24 4.52
C THR K 160 11.55 46.88 4.03
N VAL K 161 10.59 46.92 4.95
CA VAL K 161 9.22 46.53 4.69
C VAL K 161 8.30 47.73 4.94
N SER K 162 7.47 48.05 3.95
CA SER K 162 6.50 49.12 4.05
C SER K 162 5.17 48.64 3.45
N TRP K 163 4.08 49.16 3.98
CA TRP K 163 2.73 48.75 3.58
C TRP K 163 2.08 49.85 2.75
N ASN K 164 1.67 49.48 1.53
CA ASN K 164 0.99 50.39 0.61
C ASN K 164 1.83 51.63 0.34
N SER K 165 3.14 51.43 0.13
CA SER K 165 4.08 52.52 -0.15
C SER K 165 4.05 53.58 0.96
N GLY K 166 3.93 53.12 2.21
CA GLY K 166 3.88 54.00 3.35
C GLY K 166 2.52 54.55 3.69
N ALA K 167 1.47 54.11 2.99
CA ALA K 167 0.12 54.59 3.29
C ALA K 167 -0.33 54.14 4.68
N LEU K 168 0.08 52.96 5.11
CA LEU K 168 -0.23 52.47 6.45
C LEU K 168 1.02 52.66 7.29
N THR K 169 1.02 53.72 8.10
CA THR K 169 2.12 53.97 9.03
C THR K 169 1.93 53.33 10.39
N SER K 170 0.69 53.17 10.86
CA SER K 170 0.45 52.71 12.21
C SER K 170 0.21 51.21 12.26
N GLY K 171 0.23 50.67 13.48
CA GLY K 171 -0.06 49.27 13.72
C GLY K 171 0.79 48.30 12.93
N VAL K 172 2.02 48.67 12.60
CA VAL K 172 2.92 47.83 11.82
C VAL K 172 4.09 47.42 12.71
N HIS K 173 4.35 46.12 12.75
CA HIS K 173 5.46 45.57 13.52
C HIS K 173 6.36 44.79 12.58
N THR K 174 7.59 45.26 12.38
CA THR K 174 8.57 44.59 11.54
C THR K 174 9.55 43.86 12.45
N PHE K 175 9.49 42.52 12.43
CA PHE K 175 10.31 41.74 13.34
C PHE K 175 11.74 41.65 12.83
N PRO K 176 12.72 41.59 13.75
CA PRO K 176 14.12 41.47 13.32
C PRO K 176 14.37 40.15 12.61
N ALA K 177 15.41 40.15 11.78
CA ALA K 177 15.77 38.95 11.05
C ALA K 177 16.31 37.88 12.01
N VAL K 178 16.12 36.62 11.61
CA VAL K 178 16.58 35.48 12.39
C VAL K 178 17.56 34.68 11.54
N LEU K 179 18.63 34.20 12.17
CA LEU K 179 19.59 33.35 11.50
C LEU K 179 19.06 31.92 11.43
N GLN K 180 19.26 31.28 10.28
CA GLN K 180 18.78 29.92 10.05
C GLN K 180 19.96 28.97 9.92
N SER K 181 19.64 27.68 9.82
CA SER K 181 20.68 26.66 9.66
C SER K 181 21.35 26.78 8.30
N SER K 182 20.58 27.14 7.26
CA SER K 182 21.14 27.30 5.92
C SER K 182 21.98 28.56 5.78
N GLY K 183 22.02 29.42 6.80
CA GLY K 183 22.76 30.65 6.71
C GLY K 183 22.05 31.78 5.97
N LEU K 184 20.76 31.64 5.71
CA LEU K 184 19.98 32.64 5.01
C LEU K 184 18.99 33.26 5.97
N TYR K 185 18.99 34.59 6.04
CA TYR K 185 18.14 35.31 6.99
C TYR K 185 16.68 35.27 6.57
N SER K 186 15.80 35.46 7.55
CA SER K 186 14.36 35.50 7.32
C SER K 186 13.74 36.55 8.22
N LEU K 187 12.80 37.32 7.66
CA LEU K 187 12.13 38.39 8.38
C LEU K 187 10.62 38.28 8.20
N SER K 188 9.88 38.66 9.23
CA SER K 188 8.42 38.63 9.23
C SER K 188 7.88 39.99 9.65
N SER K 189 6.84 40.46 8.94
CA SER K 189 6.18 41.71 9.25
C SER K 189 4.68 41.49 9.27
N VAL K 190 4.02 42.05 10.30
CA VAL K 190 2.59 41.86 10.50
C VAL K 190 1.91 43.22 10.67
N VAL K 191 0.59 43.22 10.49
CA VAL K 191 -0.23 44.40 10.68
C VAL K 191 -1.62 43.96 11.13
N THR K 192 -2.26 44.80 11.94
CA THR K 192 -3.59 44.53 12.48
C THR K 192 -4.57 45.58 11.98
N VAL K 193 -5.65 45.13 11.35
CA VAL K 193 -6.66 46.04 10.79
C VAL K 193 -8.05 45.52 11.15
N PRO K 194 -9.03 46.42 11.19
CA PRO K 194 -10.41 46.00 11.52
C PRO K 194 -10.96 45.01 10.52
N SER K 195 -11.90 44.18 10.98
CA SER K 195 -12.51 43.18 10.11
C SER K 195 -13.38 43.82 9.05
N SER K 196 -14.07 44.91 9.39
CA SER K 196 -14.92 45.58 8.40
C SER K 196 -14.08 46.22 7.31
N SER K 197 -12.90 46.74 7.66
CA SER K 197 -12.00 47.32 6.67
C SER K 197 -11.39 46.27 5.75
N LEU K 198 -11.51 44.99 6.09
CA LEU K 198 -10.93 43.94 5.26
C LEU K 198 -11.56 43.88 3.88
N GLY K 199 -12.88 44.04 3.80
CA GLY K 199 -13.55 43.92 2.51
C GLY K 199 -13.27 45.11 1.60
N THR K 200 -13.27 46.32 2.16
CA THR K 200 -13.15 47.54 1.36
C THR K 200 -11.70 47.95 1.09
N GLN K 201 -10.73 47.38 1.78
CA GLN K 201 -9.34 47.79 1.65
C GLN K 201 -8.45 46.63 1.21
N THR K 202 -7.38 46.98 0.50
CA THR K 202 -6.37 46.02 0.03
C THR K 202 -5.05 46.37 0.69
N TYR K 203 -4.34 45.36 1.17
CA TYR K 203 -3.09 45.54 1.91
C TYR K 203 -1.96 44.90 1.13
N ILE K 204 -0.96 45.70 0.77
CA ILE K 204 0.19 45.25 -0.01
C ILE K 204 1.46 45.56 0.75
N CYS K 205 2.28 44.54 0.98
CA CYS K 205 3.57 44.68 1.65
C CYS K 205 4.70 44.84 0.64
N ASN K 206 5.60 45.78 0.90
CA ASN K 206 6.72 46.07 0.03
C ASN K 206 7.99 45.47 0.61
N VAL K 207 8.69 44.65 -0.17
CA VAL K 207 9.93 44.01 0.23
C VAL K 207 11.04 44.54 -0.67
N ASN K 208 11.99 45.27 -0.08
CA ASN K 208 13.10 45.88 -0.81
C ASN K 208 14.40 45.21 -0.39
N HIS K 209 15.01 44.47 -1.31
CA HIS K 209 16.27 43.76 -1.08
C HIS K 209 17.33 44.38 -2.00
N LYS K 210 18.28 45.11 -1.40
CA LYS K 210 19.29 45.80 -2.22
C LYS K 210 20.28 44.85 -2.87
N PRO K 211 20.94 43.93 -2.17
CA PRO K 211 21.98 43.11 -2.84
C PRO K 211 21.46 42.29 -4.01
N SER K 212 20.32 41.60 -3.84
CA SER K 212 19.76 40.84 -4.94
C SER K 212 18.93 41.71 -5.87
N ASN K 213 18.71 42.97 -5.52
CA ASN K 213 17.95 43.92 -6.34
C ASN K 213 16.56 43.35 -6.68
N THR K 214 15.93 42.75 -5.68
CA THR K 214 14.61 42.12 -5.83
C THR K 214 13.61 42.93 -5.01
N LYS K 215 12.71 43.62 -5.69
CA LYS K 215 11.62 44.37 -5.06
C LYS K 215 10.31 43.83 -5.60
N VAL K 216 9.55 43.15 -4.74
CA VAL K 216 8.28 42.52 -5.12
C VAL K 216 7.24 42.91 -4.09
N ASP K 217 6.04 43.25 -4.57
CA ASP K 217 4.91 43.60 -3.72
C ASP K 217 3.87 42.49 -3.82
N LYS K 218 3.66 41.77 -2.72
CA LYS K 218 2.75 40.64 -2.67
C LYS K 218 1.51 41.04 -1.90
N LYS K 219 0.37 41.08 -2.59
CA LYS K 219 -0.90 41.42 -1.97
C LYS K 219 -1.38 40.28 -1.07
N VAL K 220 -2.05 40.63 0.01
CA VAL K 220 -2.51 39.65 0.99
C VAL K 220 -3.99 39.41 0.77
N GLU K 221 -4.34 38.17 0.45
CA GLU K 221 -5.68 37.70 0.19
C GLU K 221 -5.94 36.41 0.94
N PRO K 222 -7.17 36.16 1.40
CA PRO K 222 -7.43 34.87 2.04
C PRO K 222 -7.65 33.77 1.00
N ASP L 1 40.98 33.85 33.03
CA ASP L 1 41.16 35.28 33.27
C ASP L 1 40.07 35.82 34.21
N ILE L 2 39.80 37.12 34.11
CA ILE L 2 38.82 37.79 34.96
C ILE L 2 37.55 38.02 34.15
N VAL L 3 36.41 37.57 34.67
CA VAL L 3 35.11 37.77 34.05
C VAL L 3 34.14 38.25 35.12
N LEU L 4 33.63 39.47 34.94
CA LEU L 4 32.65 40.03 35.86
C LEU L 4 31.24 39.54 35.53
N THR L 5 30.38 39.52 36.56
CA THR L 5 28.99 39.10 36.41
C THR L 5 28.06 40.18 36.94
N GLN L 6 26.92 40.34 36.27
CA GLN L 6 25.89 41.31 36.61
C GLN L 6 24.59 40.57 36.94
N SER L 7 23.96 40.92 38.05
CA SER L 7 22.74 40.21 38.44
C SER L 7 21.58 40.42 37.47
N PRO L 8 21.08 41.64 37.24
CA PRO L 8 19.99 41.77 36.26
C PRO L 8 20.48 41.76 34.82
N SER L 9 19.78 41.01 33.97
CA SER L 9 19.92 41.16 32.53
C SER L 9 18.97 42.22 31.99
N THR L 10 17.68 42.10 32.32
CA THR L 10 16.63 43.02 31.91
C THR L 10 15.94 43.54 33.16
N LEU L 11 15.99 44.85 33.37
CA LEU L 11 15.41 45.48 34.55
C LEU L 11 14.27 46.39 34.14
N SER L 12 13.09 46.15 34.72
CA SER L 12 11.93 46.99 34.49
C SER L 12 12.00 48.24 35.36
N ALA L 13 11.70 49.39 34.76
CA ALA L 13 11.77 50.65 35.47
C ALA L 13 10.83 51.66 34.81
N SER L 14 10.61 52.76 35.52
CA SER L 14 9.73 53.83 35.05
C SER L 14 10.40 55.17 35.30
N VAL L 15 9.81 56.22 34.71
CA VAL L 15 10.36 57.56 34.85
C VAL L 15 10.35 57.97 36.32
N GLY L 16 11.46 58.52 36.78
CA GLY L 16 11.57 58.96 38.16
C GLY L 16 11.73 57.86 39.17
N ASP L 17 12.19 56.68 38.75
CA ASP L 17 12.39 55.55 39.64
C ASP L 17 13.87 55.29 39.83
N ARG L 18 14.26 54.99 41.07
CA ARG L 18 15.66 54.71 41.37
C ARG L 18 16.06 53.35 40.82
N VAL L 19 17.17 53.32 40.09
CA VAL L 19 17.64 52.11 39.42
C VAL L 19 19.05 51.80 39.91
N THR L 20 19.28 50.55 40.30
CA THR L 20 20.58 50.10 40.79
C THR L 20 20.98 48.83 40.04
N ILE L 21 22.15 48.87 39.42
CA ILE L 21 22.71 47.72 38.71
C ILE L 21 23.96 47.27 39.45
N THR L 22 24.07 45.97 39.67
CA THR L 22 25.22 45.42 40.37
C THR L 22 26.11 44.64 39.42
N CYS L 23 27.36 45.05 39.35
CA CYS L 23 28.37 44.40 38.52
C CYS L 23 29.47 43.90 39.44
N ARG L 24 29.61 42.58 39.53
CA ARG L 24 30.56 41.94 40.44
C ARG L 24 31.62 41.23 39.62
N ALA L 25 32.87 41.65 39.79
CA ALA L 25 33.99 40.99 39.12
C ALA L 25 34.43 39.76 39.92
N SER L 26 34.88 38.75 39.20
CA SER L 26 35.28 37.50 39.86
C SER L 26 36.49 37.73 40.77
N GLN L 27 37.55 38.33 40.22
CA GLN L 27 38.72 38.67 41.02
C GLN L 27 38.60 40.10 41.52
N SER L 28 39.63 40.58 42.23
CA SER L 28 39.63 41.91 42.82
C SER L 28 40.27 42.89 41.85
N ILE L 29 39.46 43.79 41.28
CA ILE L 29 39.95 44.84 40.39
C ILE L 29 40.17 46.15 41.13
N SER L 30 39.99 46.17 42.45
CA SER L 30 40.20 47.35 43.30
C SER L 30 39.23 48.45 42.85
N SER L 31 39.68 49.69 42.69
CA SER L 31 38.79 50.79 42.37
C SER L 31 38.70 51.06 40.87
N TRP L 32 39.34 50.25 40.04
CA TRP L 32 39.36 50.47 38.61
C TRP L 32 38.22 49.71 37.95
N LEU L 33 37.20 50.45 37.51
CA LEU L 33 36.05 49.88 36.82
C LEU L 33 35.36 51.02 36.07
N ALA L 34 34.58 50.67 35.05
CA ALA L 34 33.84 51.67 34.30
C ALA L 34 32.51 51.10 33.85
N TRP L 35 31.57 52.01 33.58
CA TRP L 35 30.25 51.68 33.08
C TRP L 35 30.03 52.40 31.76
N TYR L 36 29.36 51.73 30.82
CA TYR L 36 29.12 52.27 29.49
C TYR L 36 27.63 52.28 29.20
N GLN L 37 27.26 53.05 28.17
CA GLN L 37 25.88 53.20 27.73
C GLN L 37 25.83 53.05 26.22
N GLN L 38 25.05 52.09 25.74
CA GLN L 38 24.92 51.83 24.31
C GLN L 38 23.43 51.75 23.96
N LYS L 39 22.99 52.65 23.10
CA LYS L 39 21.64 52.63 22.57
C LYS L 39 21.58 51.75 21.33
N PRO L 40 20.40 51.26 20.95
CA PRO L 40 20.30 50.44 19.74
C PRO L 40 20.83 51.17 18.52
N GLY L 41 21.74 50.52 17.80
CA GLY L 41 22.34 51.09 16.62
C GLY L 41 23.31 52.24 16.85
N GLU L 42 23.57 52.60 18.11
CA GLU L 42 24.44 53.71 18.43
C GLU L 42 25.73 53.22 19.11
N ALA L 43 26.80 53.98 18.90
CA ALA L 43 28.08 53.64 19.50
C ALA L 43 28.01 53.75 21.03
N PRO L 44 28.74 52.90 21.74
CA PRO L 44 28.74 52.98 23.21
C PRO L 44 29.33 54.30 23.69
N LYS L 45 28.71 54.84 24.73
CA LYS L 45 29.12 56.11 25.34
C LYS L 45 29.55 55.85 26.78
N LEU L 46 30.67 56.43 27.17
CA LEU L 46 31.19 56.20 28.52
C LEU L 46 30.31 56.92 29.54
N LEU L 47 29.73 56.14 30.46
CA LEU L 47 28.90 56.73 31.51
C LEU L 47 29.75 57.26 32.66
N ILE L 48 30.66 56.43 33.18
CA ILE L 48 31.40 56.74 34.40
C ILE L 48 32.78 56.11 34.30
N SER L 49 33.73 56.65 35.05
CA SER L 49 35.10 56.15 35.05
C SER L 49 35.58 55.96 36.48
N ASP L 50 36.26 54.84 36.74
CA ASP L 50 36.80 54.46 38.03
C ASP L 50 35.70 54.20 39.05
N ALA L 51 34.42 54.38 38.67
CA ALA L 51 33.21 54.18 39.46
C ALA L 51 33.05 55.23 40.55
N SER L 52 34.12 55.97 40.84
CA SER L 52 34.07 57.18 41.66
C SER L 52 33.92 58.45 40.84
N SER L 53 34.59 58.54 39.69
CA SER L 53 34.68 59.77 38.91
C SER L 53 33.67 59.77 37.76
N LEU L 54 33.00 60.91 37.57
CA LEU L 54 32.01 61.07 36.51
C LEU L 54 32.66 61.72 35.28
N GLU L 55 32.35 61.18 34.11
CA GLU L 55 32.84 61.75 32.86
C GLU L 55 32.19 63.11 32.59
N SER L 56 32.96 64.00 31.96
CA SER L 56 32.46 65.32 31.62
C SER L 56 31.35 65.23 30.59
N GLY L 57 30.32 66.07 30.76
CA GLY L 57 29.17 66.05 29.89
C GLY L 57 28.12 65.01 30.22
N VAL L 58 28.34 64.21 31.27
CA VAL L 58 27.38 63.19 31.69
C VAL L 58 26.47 63.81 32.74
N PRO L 59 25.16 63.56 32.68
CA PRO L 59 24.24 64.12 33.67
C PRO L 59 24.66 63.78 35.10
N SER L 60 24.37 64.70 36.03
CA SER L 60 24.78 64.53 37.41
C SER L 60 23.99 63.44 38.13
N ARG L 61 22.85 63.03 37.59
CA ARG L 61 22.04 62.01 38.24
C ARG L 61 22.77 60.68 38.36
N PHE L 62 23.58 60.35 37.35
CA PHE L 62 24.34 59.10 37.39
C PHE L 62 25.42 59.16 38.46
N SER L 63 25.55 58.07 39.21
CA SER L 63 26.55 57.97 40.26
C SER L 63 26.93 56.51 40.45
N GLY L 64 28.08 56.28 41.06
CA GLY L 64 28.54 54.93 41.31
C GLY L 64 29.37 54.86 42.56
N SER L 65 29.45 53.65 43.12
CA SER L 65 30.14 53.43 44.38
C SER L 65 30.66 51.99 44.39
N GLY L 66 31.15 51.56 45.55
CA GLY L 66 31.65 50.21 45.71
C GLY L 66 33.15 50.12 45.52
N SER L 67 33.77 49.17 46.23
CA SER L 67 35.21 48.95 46.15
C SER L 67 35.47 47.45 46.06
N GLY L 68 36.65 47.11 45.55
CA GLY L 68 37.02 45.71 45.44
C GLY L 68 36.17 44.98 44.42
N THR L 69 35.56 43.87 44.86
CA THR L 69 34.80 43.03 43.94
C THR L 69 33.41 43.58 43.66
N GLU L 70 32.79 44.23 44.63
CA GLU L 70 31.41 44.70 44.50
C GLU L 70 31.36 46.09 43.91
N PHE L 71 30.44 46.29 42.97
CA PHE L 71 30.23 47.59 42.34
C PHE L 71 28.74 47.77 42.06
N THR L 72 28.27 49.00 42.23
CA THR L 72 26.87 49.32 41.98
C THR L 72 26.76 50.64 41.25
N LEU L 73 26.06 50.63 40.11
CA LEU L 73 25.71 51.85 39.39
C LEU L 73 24.29 52.23 39.80
N THR L 74 24.14 53.43 40.36
CA THR L 74 22.87 53.90 40.90
C THR L 74 22.46 55.17 40.16
N ILE L 75 21.21 55.21 39.71
CA ILE L 75 20.64 56.38 39.06
C ILE L 75 19.56 56.92 39.97
N SER L 76 19.77 58.14 40.49
CA SER L 76 18.80 58.72 41.41
C SER L 76 17.48 59.01 40.73
N SER L 77 17.53 59.50 39.49
CA SER L 77 16.33 59.81 38.71
C SER L 77 16.50 59.28 37.30
N LEU L 78 15.51 58.52 36.83
CA LEU L 78 15.55 57.95 35.50
C LEU L 78 14.80 58.83 34.51
N GLN L 79 15.33 58.93 33.30
CA GLN L 79 14.79 59.78 32.25
C GLN L 79 14.63 58.98 30.97
N PRO L 80 13.80 59.46 30.04
CA PRO L 80 13.60 58.71 28.79
C PRO L 80 14.87 58.52 27.97
N ASP L 81 15.77 59.50 27.98
CA ASP L 81 17.02 59.36 27.23
C ASP L 81 17.93 58.30 27.83
N ASP L 82 17.73 57.93 29.09
CA ASP L 82 18.61 57.04 29.82
C ASP L 82 18.39 55.57 29.49
N PHE L 83 17.46 55.24 28.58
CA PHE L 83 17.14 53.85 28.29
C PHE L 83 18.08 53.34 27.19
N ALA L 84 18.99 52.47 27.59
CA ALA L 84 19.99 51.90 26.70
C ALA L 84 20.59 50.69 27.40
N THR L 85 21.43 49.95 26.68
CA THR L 85 22.14 48.84 27.29
C THR L 85 23.34 49.36 28.06
N TYR L 86 23.59 48.79 29.24
CA TYR L 86 24.70 49.19 30.09
C TYR L 86 25.63 48.02 30.29
N TYR L 87 26.92 48.23 30.00
CA TYR L 87 27.95 47.24 30.22
C TYR L 87 28.97 47.78 31.22
N CYS L 88 29.59 46.88 31.97
CA CYS L 88 30.67 47.21 32.88
C CYS L 88 31.94 46.51 32.40
N GLN L 89 32.97 47.31 32.12
CA GLN L 89 34.22 46.79 31.58
C GLN L 89 35.33 46.96 32.60
N GLN L 90 36.08 45.88 32.85
CA GLN L 90 37.26 45.91 33.71
C GLN L 90 38.49 45.68 32.85
N TYR L 91 39.46 46.57 32.97
CA TYR L 91 40.69 46.52 32.18
C TYR L 91 41.86 45.87 32.92
N TYR L 92 41.64 45.38 34.13
CA TYR L 92 42.72 44.74 34.89
C TYR L 92 43.32 43.56 34.14
N SER L 93 42.53 42.50 33.92
CA SER L 93 43.03 41.30 33.27
C SER L 93 42.04 40.86 32.20
N SER L 94 42.50 40.83 30.94
CA SER L 94 41.73 40.37 29.78
C SER L 94 40.37 41.06 29.76
N PRO L 95 40.30 42.32 29.35
CA PRO L 95 39.04 43.06 29.47
C PRO L 95 37.91 42.41 28.69
N THR L 96 36.80 42.20 29.39
CA THR L 96 35.62 41.54 28.84
C THR L 96 34.39 42.30 29.31
N PHE L 97 33.52 42.65 28.37
CA PHE L 97 32.33 43.38 28.72
C PHE L 97 31.24 42.44 29.19
N GLY L 98 30.44 42.89 30.15
CA GLY L 98 29.38 42.08 30.72
C GLY L 98 28.29 41.73 29.75
N GLY L 99 27.32 40.92 30.20
CA GLY L 99 26.19 40.58 29.34
C GLY L 99 25.36 41.79 28.96
N GLY L 100 25.38 42.82 29.79
CA GLY L 100 24.63 44.04 29.55
C GLY L 100 23.33 44.04 30.31
N THR L 101 22.90 45.23 30.72
CA THR L 101 21.64 45.42 31.43
C THR L 101 20.76 46.33 30.59
N LYS L 102 19.68 45.78 30.06
CA LYS L 102 18.73 46.53 29.25
C LYS L 102 17.59 46.99 30.14
N VAL L 103 17.21 48.26 30.01
CA VAL L 103 16.19 48.88 30.85
C VAL L 103 14.96 49.14 30.00
N GLU L 104 13.79 48.79 30.52
CA GLU L 104 12.54 48.93 29.81
C GLU L 104 11.49 49.56 30.71
N ILE L 105 10.34 49.91 30.12
CA ILE L 105 9.25 50.56 30.83
C ILE L 105 8.08 49.58 30.92
N LYS L 106 7.63 49.31 32.15
CA LYS L 106 6.44 48.51 32.39
C LYS L 106 5.45 49.36 33.16
N ARG L 107 4.42 49.87 32.49
CA ARG L 107 3.39 50.62 33.21
C ARG L 107 2.24 49.75 33.72
N THR L 108 1.69 48.91 32.83
CA THR L 108 0.54 48.04 33.12
C THR L 108 0.66 46.64 32.51
N VAL L 109 -0.16 45.70 32.99
CA VAL L 109 -0.11 44.33 32.53
C VAL L 109 -1.19 44.14 31.48
N ALA L 110 -0.81 43.57 30.33
CA ALA L 110 -1.71 43.36 29.21
C ALA L 110 -1.66 41.92 28.75
N ALA L 111 -2.75 41.50 28.09
CA ALA L 111 -2.94 40.13 27.60
C ALA L 111 -2.51 40.02 26.15
N PRO L 112 -1.69 39.02 25.80
CA PRO L 112 -1.28 38.86 24.39
C PRO L 112 -2.42 38.39 23.51
N SER L 113 -2.52 38.99 22.33
CA SER L 113 -3.42 38.50 21.30
C SER L 113 -2.71 37.40 20.51
N VAL L 114 -3.39 36.28 20.32
CA VAL L 114 -2.79 35.09 19.70
C VAL L 114 -3.40 34.89 18.32
N PHE L 115 -2.54 34.81 17.31
CA PHE L 115 -2.95 34.57 15.93
C PHE L 115 -2.01 33.55 15.31
N ILE L 116 -2.59 32.49 14.72
CA ILE L 116 -1.81 31.43 14.08
C ILE L 116 -2.15 31.41 12.60
N PHE L 117 -1.12 31.43 11.76
CA PHE L 117 -1.26 31.50 10.32
C PHE L 117 -0.76 30.21 9.67
N PRO L 118 -1.58 29.57 8.83
CA PRO L 118 -1.13 28.34 8.16
C PRO L 118 -0.13 28.63 7.06
N PRO L 119 0.62 27.63 6.61
CA PRO L 119 1.55 27.85 5.50
C PRO L 119 0.82 28.22 4.23
N SER L 120 1.41 29.14 3.47
CA SER L 120 0.80 29.62 2.23
C SER L 120 0.87 28.54 1.16
N ASP L 121 -0.01 28.67 0.17
CA ASP L 121 -0.06 27.70 -0.92
C ASP L 121 1.17 27.79 -1.81
N GLU L 122 1.65 29.01 -2.07
CA GLU L 122 2.84 29.17 -2.90
C GLU L 122 4.06 28.52 -2.26
N GLN L 123 4.14 28.54 -0.93
CA GLN L 123 5.25 27.90 -0.24
C GLN L 123 5.16 26.37 -0.34
N LEU L 124 3.95 25.84 -0.48
CA LEU L 124 3.78 24.38 -0.55
C LEU L 124 4.43 23.81 -1.80
N LYS L 125 4.47 24.58 -2.89
CA LYS L 125 5.09 24.10 -4.12
C LYS L 125 6.61 23.98 -3.98
N SER L 126 7.23 24.89 -3.22
CA SER L 126 8.68 24.86 -3.06
C SER L 126 9.16 23.65 -2.29
N GLY L 127 8.30 23.02 -1.49
CA GLY L 127 8.68 21.89 -0.69
C GLY L 127 8.98 22.20 0.76
N THR L 128 8.71 23.42 1.19
CA THR L 128 8.95 23.87 2.56
C THR L 128 7.65 24.40 3.14
N ALA L 129 7.40 24.09 4.40
CA ALA L 129 6.19 24.53 5.10
C ALA L 129 6.61 25.37 6.30
N SER L 130 6.05 26.57 6.40
CA SER L 130 6.35 27.47 7.50
C SER L 130 5.05 27.88 8.18
N VAL L 131 4.97 27.62 9.48
CA VAL L 131 3.82 28.01 10.30
C VAL L 131 4.25 29.18 11.18
N VAL L 132 3.42 30.22 11.22
CA VAL L 132 3.74 31.43 11.95
C VAL L 132 2.69 31.63 13.04
N CYS L 133 3.16 31.80 14.28
CA CYS L 133 2.30 32.11 15.41
C CYS L 133 2.65 33.52 15.88
N LEU L 134 1.66 34.40 15.90
CA LEU L 134 1.88 35.82 16.14
C LEU L 134 1.33 36.20 17.50
N LEU L 135 2.16 36.86 18.30
CA LEU L 135 1.77 37.46 19.57
C LEU L 135 1.97 38.95 19.45
N ASN L 136 0.94 39.73 19.75
CA ASN L 136 0.97 41.17 19.58
C ASN L 136 0.44 41.86 20.81
N ASN L 137 1.01 43.03 21.10
CA ASN L 137 0.55 43.92 22.17
C ASN L 137 0.53 43.22 23.53
N PHE L 138 1.67 42.65 23.91
CA PHE L 138 1.81 42.02 25.23
C PHE L 138 3.05 42.58 25.90
N TYR L 139 2.86 43.25 27.02
CA TYR L 139 3.95 43.54 27.94
C TYR L 139 3.57 43.04 29.35
N PRO L 140 4.54 42.48 30.09
CA PRO L 140 5.99 42.52 29.83
C PRO L 140 6.50 41.64 28.69
N ARG L 141 7.75 41.91 28.30
CA ARG L 141 8.34 41.24 27.16
C ARG L 141 8.47 39.73 27.39
N GLU L 142 8.73 39.32 28.63
CA GLU L 142 8.92 37.91 28.90
C GLU L 142 7.67 37.12 28.54
N ALA L 143 7.86 36.02 27.83
CA ALA L 143 6.77 35.17 27.39
C ALA L 143 7.33 33.81 27.02
N LYS L 144 6.45 32.82 26.93
CA LYS L 144 6.85 31.46 26.60
C LYS L 144 5.87 30.89 25.60
N VAL L 145 6.40 30.41 24.47
CA VAL L 145 5.59 29.86 23.38
C VAL L 145 6.08 28.45 23.11
N GLN L 146 5.18 27.48 23.21
CA GLN L 146 5.48 26.09 22.91
C GLN L 146 4.68 25.64 21.68
N TRP L 147 5.31 24.77 20.90
CA TRP L 147 4.69 24.23 19.68
C TRP L 147 4.29 22.79 19.93
N LYS L 148 3.03 22.47 19.61
CA LYS L 148 2.50 21.11 19.76
C LYS L 148 1.82 20.72 18.47
N VAL L 149 2.36 19.68 17.81
CA VAL L 149 1.80 19.18 16.57
C VAL L 149 1.27 17.78 16.83
N ASP L 150 -0.04 17.62 16.71
CA ASP L 150 -0.72 16.35 17.02
C ASP L 150 -0.39 15.89 18.45
N ASN L 151 -0.45 16.84 19.38
CA ASN L 151 -0.15 16.59 20.79
C ASN L 151 1.27 16.04 20.97
N ALA L 152 2.21 16.58 20.20
CA ALA L 152 3.61 16.20 20.30
C ALA L 152 4.45 17.46 20.37
N LEU L 153 5.29 17.56 21.40
CA LEU L 153 6.14 18.73 21.57
C LEU L 153 7.21 18.77 20.49
N GLN L 154 7.53 19.97 20.01
CA GLN L 154 8.55 20.18 18.99
C GLN L 154 9.59 21.14 19.54
N SER L 155 10.84 20.68 19.59
CA SER L 155 11.94 21.45 20.13
C SER L 155 13.06 21.54 19.09
N GLY L 156 13.60 22.76 18.94
CA GLY L 156 14.70 23.00 18.04
C GLY L 156 14.31 23.44 16.64
N ASN L 157 13.07 23.16 16.21
CA ASN L 157 12.60 23.55 14.89
C ASN L 157 11.86 24.87 14.90
N SER L 158 11.80 25.56 16.04
CA SER L 158 11.08 26.82 16.17
C SER L 158 12.06 27.96 16.33
N GLN L 159 11.78 29.07 15.66
CA GLN L 159 12.60 30.27 15.74
C GLN L 159 11.71 31.47 16.10
N GLU L 160 12.21 32.32 16.99
CA GLU L 160 11.44 33.46 17.48
C GLU L 160 12.28 34.72 17.40
N SER L 161 11.59 35.86 17.33
CA SER L 161 12.23 37.17 17.29
C SER L 161 11.32 38.17 18.00
N VAL L 162 11.94 39.12 18.71
CA VAL L 162 11.22 40.11 19.48
C VAL L 162 11.58 41.50 18.95
N THR L 163 10.57 42.30 18.64
CA THR L 163 10.81 43.66 18.17
C THR L 163 11.13 44.58 19.35
N GLU L 164 11.44 45.82 19.01
CA GLU L 164 11.60 46.85 20.02
C GLU L 164 10.23 47.38 20.43
N GLN L 165 10.17 47.95 21.63
CA GLN L 165 8.92 48.55 22.10
C GLN L 165 8.49 49.67 21.17
N ASP L 166 7.21 49.67 20.80
CA ASP L 166 6.68 50.78 20.03
C ASP L 166 6.35 51.92 20.98
N SER L 167 6.70 53.14 20.57
CA SER L 167 6.51 54.29 21.45
C SER L 167 5.03 54.53 21.75
N LYS L 168 4.16 54.25 20.79
CA LYS L 168 2.76 54.59 20.95
C LYS L 168 2.06 53.68 21.96
N ASP L 169 2.09 52.37 21.73
CA ASP L 169 1.37 51.46 22.60
C ASP L 169 2.23 50.88 23.73
N SER L 170 3.56 51.04 23.66
CA SER L 170 4.48 50.55 24.70
C SER L 170 4.28 49.05 24.96
N THR L 171 4.07 48.29 23.89
CA THR L 171 3.84 46.85 23.98
C THR L 171 4.82 46.09 23.10
N TYR L 172 5.43 45.05 23.64
CA TYR L 172 6.28 44.18 22.85
C TYR L 172 5.44 43.27 21.95
N SER L 173 6.10 42.76 20.90
CA SER L 173 5.49 41.83 19.97
C SER L 173 6.50 40.73 19.65
N LEU L 174 6.03 39.50 19.54
CA LEU L 174 6.89 38.35 19.29
C LEU L 174 6.29 37.51 18.17
N SER L 175 7.15 37.00 17.30
CA SER L 175 6.76 36.13 16.20
C SER L 175 7.56 34.85 16.28
N SER L 176 6.87 33.72 16.14
CA SER L 176 7.50 32.40 16.16
C SER L 176 7.23 31.71 14.83
N THR L 177 8.29 31.17 14.22
CA THR L 177 8.21 30.52 12.93
C THR L 177 8.63 29.06 13.06
N LEU L 178 7.78 28.16 12.59
CA LEU L 178 8.05 26.73 12.57
C LEU L 178 8.26 26.29 11.13
N THR L 179 9.45 25.81 10.82
CA THR L 179 9.81 25.40 9.47
C THR L 179 10.00 23.89 9.44
N LEU L 180 9.28 23.22 8.54
CA LEU L 180 9.39 21.78 8.37
C LEU L 180 9.28 21.45 6.89
N SER L 181 9.68 20.23 6.54
CA SER L 181 9.61 19.80 5.16
C SER L 181 8.17 19.53 4.74
N LYS L 182 7.93 19.53 3.42
CA LYS L 182 6.60 19.28 2.90
C LYS L 182 6.09 17.90 3.30
N ALA L 183 6.95 16.88 3.25
CA ALA L 183 6.52 15.53 3.58
C ALA L 183 6.11 15.42 5.04
N ASP L 184 6.91 16.00 5.95
CA ASP L 184 6.58 15.96 7.37
C ASP L 184 5.30 16.75 7.67
N TYR L 185 5.02 17.80 6.90
CA TYR L 185 3.85 18.62 7.14
C TYR L 185 2.56 17.88 6.80
N GLU L 186 2.57 17.07 5.73
CA GLU L 186 1.35 16.41 5.30
C GLU L 186 0.95 15.28 6.25
N LYS L 187 1.92 14.66 6.93
CA LYS L 187 1.61 13.58 7.85
C LYS L 187 0.83 14.09 9.06
N HIS L 188 1.19 15.28 9.56
CA HIS L 188 0.58 15.82 10.77
C HIS L 188 -0.67 16.60 10.39
N LYS L 189 -1.81 16.23 10.98
CA LYS L 189 -3.08 16.86 10.64
C LYS L 189 -3.30 18.17 11.39
N VAL L 190 -2.97 18.21 12.68
CA VAL L 190 -3.33 19.33 13.56
C VAL L 190 -2.06 20.03 14.02
N TYR L 191 -2.05 21.36 13.89
CA TYR L 191 -0.96 22.19 14.37
C TYR L 191 -1.51 23.18 15.37
N ALA L 192 -0.81 23.34 16.50
CA ALA L 192 -1.28 24.17 17.59
C ALA L 192 -0.14 25.05 18.11
N CYS L 193 -0.51 26.20 18.66
CA CYS L 193 0.42 27.14 19.25
C CYS L 193 -0.06 27.48 20.65
N GLU L 194 0.80 27.26 21.65
CA GLU L 194 0.47 27.54 23.04
C GLU L 194 1.24 28.75 23.52
N VAL L 195 0.53 29.69 24.14
CA VAL L 195 1.09 30.96 24.58
C VAL L 195 0.97 31.06 26.09
N THR L 196 2.07 31.38 26.75
CA THR L 196 2.11 31.57 28.19
C THR L 196 2.57 33.00 28.47
N HIS L 197 1.77 33.74 29.24
CA HIS L 197 2.05 35.14 29.50
C HIS L 197 1.54 35.50 30.89
N GLN L 198 2.08 36.61 31.43
CA GLN L 198 1.65 37.06 32.75
C GLN L 198 0.23 37.58 32.73
N GLY L 199 -0.16 38.29 31.66
CA GLY L 199 -1.49 38.87 31.61
C GLY L 199 -2.60 37.83 31.62
N LEU L 200 -2.37 36.70 30.94
CA LEU L 200 -3.37 35.64 30.86
C LEU L 200 -3.15 34.64 31.98
N SER L 201 -4.20 34.39 32.78
CA SER L 201 -4.10 33.40 33.84
C SER L 201 -4.00 31.99 33.27
N SER L 202 -4.81 31.69 32.25
CA SER L 202 -4.82 30.40 31.59
C SER L 202 -4.17 30.53 30.22
N PRO L 203 -3.16 29.71 29.92
CA PRO L 203 -2.53 29.80 28.59
C PRO L 203 -3.54 29.51 27.49
N VAL L 204 -3.59 30.40 26.52
CA VAL L 204 -4.52 30.28 25.41
C VAL L 204 -3.85 29.56 24.26
N THR L 205 -4.58 28.66 23.61
CA THR L 205 -4.07 27.86 22.52
C THR L 205 -4.92 28.09 21.28
N LYS L 206 -4.28 28.47 20.19
CA LYS L 206 -4.94 28.64 18.90
C LYS L 206 -4.39 27.59 17.95
N SER L 207 -5.28 26.79 17.36
CA SER L 207 -4.88 25.68 16.51
C SER L 207 -5.74 25.66 15.26
N PHE L 208 -5.17 25.11 14.19
CA PHE L 208 -5.88 24.95 12.93
C PHE L 208 -5.66 23.54 12.39
N ASN L 209 -6.58 23.11 11.54
CA ASN L 209 -6.52 21.80 10.91
C ASN L 209 -5.89 21.92 9.53
N ARG L 210 -5.11 20.90 9.15
CA ARG L 210 -4.44 20.92 7.87
C ARG L 210 -5.45 20.89 6.74
N GLY L 211 -5.20 21.70 5.71
CA GLY L 211 -6.08 21.76 4.55
C GLY L 211 -7.46 22.27 4.88
C1 NAG M . 13.25 -9.59 3.82
C2 NAG M . 12.74 -9.63 5.26
C3 NAG M . 13.26 -8.47 6.08
C4 NAG M . 14.78 -8.39 5.94
C5 NAG M . 15.15 -8.26 4.48
C6 NAG M . 16.65 -8.15 4.28
C7 NAG M . 10.59 -8.79 4.53
C8 NAG M . 9.79 -9.42 3.42
N2 NAG M . 11.28 -9.62 5.28
O3 NAG M . 12.92 -8.65 7.46
O4 NAG M . 15.27 -7.26 6.67
O5 NAG M . 14.66 -9.38 3.74
O6 NAG M . 17.24 -9.45 4.30
O7 NAG M . 10.60 -7.58 4.70
C1 NAG M . 16.03 -7.73 7.80
C2 NAG M . 16.37 -6.54 8.70
C3 NAG M . 17.10 -6.99 9.96
C4 NAG M . 16.30 -8.08 10.66
C5 NAG M . 16.04 -9.22 9.68
C6 NAG M . 15.22 -10.32 10.35
C7 NAG M . 18.18 -5.98 7.18
C8 NAG M . 18.84 -7.28 7.55
N2 NAG M . 17.19 -5.59 7.97
O3 NAG M . 17.26 -5.87 10.84
O4 NAG M . 17.03 -8.56 11.78
O5 NAG M . 15.33 -8.74 8.54
O6 NAG M . 15.03 -11.39 9.42
O7 NAG M . 18.54 -5.32 6.21
C1 FUC M . 18.49 -9.43 3.58
C2 FUC M . 19.08 -10.83 3.54
C3 FUC M . 18.30 -11.73 2.60
C4 FUC M . 18.17 -11.07 1.25
C5 FUC M . 17.57 -9.68 1.38
C6 FUC M . 17.48 -8.99 0.04
O2 FUC M . 19.09 -11.39 4.85
O3 FUC M . 18.97 -12.99 2.47
O4 FUC M . 19.48 -10.96 0.65
O5 FUC M . 18.35 -8.88 2.27
C1 NAG N . 0.54 -4.29 -21.69
C2 NAG N . -0.71 -4.11 -22.52
C3 NAG N . -0.34 -3.96 -24.00
C4 NAG N . 0.72 -2.88 -24.20
C5 NAG N . 1.89 -3.06 -23.21
C6 NAG N . 2.85 -1.90 -23.22
C7 NAG N . -2.56 -5.23 -21.37
C8 NAG N . -3.43 -6.45 -21.32
N2 NAG N . -1.64 -5.21 -22.34
O3 NAG N . -1.50 -3.65 -24.76
O4 NAG N . 1.28 -2.98 -25.50
O5 NAG N . 1.40 -3.18 -21.87
O6 NAG N . 2.24 -0.71 -22.75
O7 NAG N . -2.69 -4.30 -20.58
C1 NAG N . 0.74 -1.97 -26.38
C2 NAG N . 1.88 -1.25 -27.09
C3 NAG N . 1.33 -0.24 -28.11
C4 NAG N . 0.34 -0.90 -29.05
C5 NAG N . -0.74 -1.63 -28.25
C6 NAG N . -1.69 -2.41 -29.12
C7 NAG N . 4.01 -0.19 -26.43
C8 NAG N . 4.76 0.46 -25.32
N2 NAG N . 2.76 -0.59 -26.14
O3 NAG N . 2.41 0.32 -28.86
O4 NAG N . -0.27 0.10 -29.84
O5 NAG N . -0.12 -2.57 -27.35
O6 NAG N . -2.75 -1.60 -29.61
O7 NAG N . 4.49 -0.35 -27.55
C1 BMA N . 0.02 -0.06 -31.24
C2 BMA N . -1.25 0.36 -31.98
C3 BMA N . -1.01 0.40 -33.48
C4 BMA N . 0.24 1.22 -33.82
C5 BMA N . 1.45 0.67 -33.05
C6 BMA N . 2.69 1.50 -33.32
O2 BMA N . -1.65 1.67 -31.60
O3 BMA N . -2.16 0.94 -34.15
O4 BMA N . 0.49 1.16 -35.22
O5 BMA N . 1.15 0.71 -31.64
O6 BMA N . 2.31 2.70 -33.97
C1 MAN N . 3.05 3.81 -33.43
C2 MAN N . 2.42 4.16 -32.02
C3 MAN N . 1.13 4.98 -32.19
C4 MAN N . 1.29 6.11 -33.21
C5 MAN N . 1.75 5.51 -34.55
C6 MAN N . 1.90 6.54 -35.65
O2 MAN N . 3.30 4.91 -31.13
O3 MAN N . 0.67 5.52 -30.95
O4 MAN N . 0.07 6.79 -33.41
O5 MAN N . 3.05 4.91 -34.33
O6 MAN N . 2.72 7.59 -35.18
C1 NAG N . 4.62 4.30 -31.04
C2 NAG N . 5.30 4.78 -29.76
C3 NAG N . 6.71 4.19 -29.67
C4 NAG N . 6.71 2.67 -29.89
C5 NAG N . 5.85 2.27 -31.09
C6 NAG N . 5.63 0.78 -31.19
C7 NAG N . 5.52 6.92 -28.57
C8 NAG N . 5.52 8.41 -28.70
N2 NAG N . 5.34 6.23 -29.70
O3 NAG N . 7.26 4.49 -28.40
O4 NAG N . 8.03 2.25 -30.14
O5 NAG N . 4.55 2.87 -31.03
O6 NAG N . 5.43 0.19 -29.91
O7 NAG N . 5.66 6.35 -27.49
C1 GAL N . 8.51 1.26 -29.21
C2 GAL N . 9.46 0.34 -29.96
C3 GAL N . 10.00 -0.76 -29.04
C4 GAL N . 10.68 -0.11 -27.81
C5 GAL N . 9.72 0.90 -27.15
C6 GAL N . 10.37 1.75 -26.06
O2 GAL N . 8.83 -0.30 -31.06
O3 GAL N . 10.98 -1.54 -29.70
O4 GAL N . 11.88 0.53 -28.20
O5 GAL N . 9.18 1.85 -28.11
O6 GAL N . 9.53 2.82 -25.70
C1 MAN N . -2.61 0.10 -35.24
C2 MAN N . -4.14 0.34 -35.37
C3 MAN N . -4.85 -0.36 -34.23
C4 MAN N . -4.63 -1.85 -34.38
C5 MAN N . -3.14 -2.17 -34.19
C6 MAN N . -2.80 -3.60 -34.54
O2 MAN N . -4.65 -0.25 -36.57
O3 MAN N . -6.24 -0.06 -34.19
O4 MAN N . -5.36 -2.54 -33.38
O5 MAN N . -2.29 -1.32 -35.06
O6 MAN N . -4.01 -4.35 -34.55
C1 NAG N . -5.49 0.69 -37.27
C2 NAG N . -6.43 -0.08 -38.21
C3 NAG N . -7.38 0.88 -38.92
C4 NAG N . -8.11 1.75 -37.90
C5 NAG N . -7.12 2.44 -36.99
C6 NAG N . -7.77 3.25 -35.90
C7 NAG N . -6.18 -1.87 -39.88
C8 NAG N . -5.25 -2.54 -40.83
N2 NAG N . -5.66 -0.86 -39.18
O3 NAG N . -8.32 0.14 -39.70
O4 NAG N . -8.91 2.71 -38.57
O5 NAG N . -6.28 1.48 -36.35
O6 NAG N . -8.54 2.42 -35.03
O7 NAG N . -7.35 -2.21 -39.76
C1 NAG O . -26.07 -4.83 22.46
C2 NAG O . -26.55 -3.72 21.54
C3 NAG O . -26.36 -2.36 22.22
C4 NAG O . -26.98 -2.34 23.61
C5 NAG O . -26.56 -3.57 24.42
C6 NAG O . -27.31 -3.70 25.71
C7 NAG O . -26.41 -4.20 19.14
C8 NAG O . -25.53 -4.15 17.91
N2 NAG O . -25.85 -3.75 20.27
O3 NAG O . -26.93 -1.35 21.40
O4 NAG O . -26.56 -1.18 24.33
O5 NAG O . -26.81 -4.77 23.67
O6 NAG O . -28.71 -3.77 25.50
O7 NAG O . -27.55 -4.62 19.10
C1 NAG O . -27.57 -0.16 24.31
C2 NAG O . -27.71 0.43 25.71
C3 NAG O . -28.72 1.58 25.70
C4 NAG O . -28.35 2.61 24.64
C5 NAG O . -28.18 1.92 23.29
C6 NAG O . -27.67 2.87 22.22
C7 NAG O . -27.86 -0.49 27.99
C8 NAG O . -28.33 -1.63 28.83
N2 NAG O . -28.11 -0.59 26.67
O3 NAG O . -28.75 2.20 26.99
O4 NAG O . -29.39 3.58 24.53
O5 NAG O . -27.21 0.88 23.39
O6 NAG O . -28.69 3.78 21.80
O7 NAG O . -27.27 0.48 28.46
C1 BMA O . -28.99 4.81 25.15
C2 BMA O . -29.45 5.97 24.24
C3 BMA O . -29.25 7.32 24.94
C4 BMA O . -29.85 7.31 26.33
C5 BMA O . -29.29 6.14 27.15
C6 BMA O . -29.92 6.05 28.53
O2 BMA O . -30.84 5.86 23.94
O3 BMA O . -29.82 8.37 24.17
O4 BMA O . -29.57 8.54 26.99
O5 BMA O . -29.55 4.92 26.46
O6 BMA O . -31.09 6.87 28.52
C1 MAN O . -32.00 6.51 29.57
C2 MAN O . -32.25 4.96 29.58
C3 MAN O . -33.22 4.54 28.46
C4 MAN O . -34.45 5.46 28.40
C5 MAN O . -33.98 6.90 28.24
C6 MAN O . -35.13 7.89 28.12
O2 MAN O . -32.90 4.55 30.78
O3 MAN O . -33.62 3.17 28.60
O4 MAN O . -35.29 5.10 27.32
O5 MAN O . -33.20 7.25 29.41
O6 MAN O . -36.01 7.67 29.22
C1 NAG O . -31.97 3.91 31.70
C2 NAG O . -31.72 2.48 31.23
C3 NAG O . -30.75 1.77 32.18
C4 NAG O . -29.49 2.60 32.38
C5 NAG O . -29.83 4.03 32.77
C6 NAG O . -28.62 4.94 32.84
C7 NAG O . -33.82 1.47 32.09
C8 NAG O . -35.03 0.67 31.71
N2 NAG O . -32.96 1.72 31.08
O3 NAG O . -30.43 0.49 31.65
O4 NAG O . -28.71 2.03 33.43
O5 NAG O . -30.72 4.61 31.80
O6 NAG O . -28.98 6.30 32.99
O7 NAG O . -33.62 1.86 33.24
C1 GAL O . -27.57 1.33 32.89
C2 GAL O . -26.34 1.66 33.76
C3 GAL O . -25.11 0.91 33.26
C4 GAL O . -25.39 -0.59 33.22
C5 GAL O . -26.66 -0.87 32.42
C6 GAL O . -27.14 -2.32 32.48
O2 GAL O . -26.03 3.06 33.72
O3 GAL O . -24.02 1.11 34.15
O4 GAL O . -25.53 -1.11 34.54
O5 GAL O . -27.78 -0.08 32.89
O6 GAL O . -28.50 -2.42 32.05
C1 MAN O . -28.78 9.21 23.62
C2 MAN O . -29.46 10.59 23.30
C3 MAN O . -30.29 10.55 21.99
C4 MAN O . -29.59 9.76 20.87
C5 MAN O . -29.17 8.39 21.40
C6 MAN O . -28.49 7.52 20.35
O2 MAN O . -28.50 11.67 23.18
O3 MAN O . -30.63 11.86 21.53
O4 MAN O . -30.48 9.58 19.78
O5 MAN O . -28.23 8.60 22.47
O6 MAN O . -29.51 7.06 19.46
C1 NAG O . -28.87 12.69 24.13
C2 NAG O . -28.08 13.98 23.86
C3 NAG O . -28.54 15.09 24.81
C4 NAG O . -30.05 15.27 24.74
C5 NAG O . -30.74 13.93 24.99
C6 NAG O . -32.25 14.01 24.86
C7 NAG O . -25.73 14.23 23.16
C8 NAG O . -26.25 15.04 22.02
N2 NAG O . -26.65 13.75 24.00
O3 NAG O . -27.89 16.30 24.47
O4 NAG O . -30.48 16.21 25.72
O5 NAG O . -30.28 12.97 24.05
O6 NAG O . -32.84 14.69 25.95
O7 NAG O . -24.53 14.02 23.32
C1 NAG P . -37.69 -38.45 -14.76
C2 NAG P . -38.58 -37.22 -14.91
C3 NAG P . -40.03 -37.61 -14.65
C4 NAG P . -40.45 -38.80 -15.51
C5 NAG P . -39.42 -39.93 -15.42
C6 NAG P . -39.67 -41.04 -16.40
C7 NAG P . -37.47 -35.09 -14.40
C8 NAG P . -37.13 -34.09 -13.34
N2 NAG P . -38.16 -36.16 -14.00
O3 NAG P . -40.87 -36.49 -14.93
O4 NAG P . -41.69 -39.33 -15.06
O5 NAG P . -38.09 -39.44 -15.67
O6 NAG P . -39.70 -40.55 -17.74
O7 NAG P . -37.13 -34.94 -15.57
C1 NAG P . -42.83 -38.85 -15.79
C2 NAG P . -43.60 -40.04 -16.35
C3 NAG P . -44.88 -39.57 -17.03
C4 NAG P . -45.70 -38.70 -16.10
C5 NAG P . -44.84 -37.55 -15.57
C6 NAG P . -45.54 -36.70 -14.55
C7 NAG P . -43.01 -42.10 -17.57
C8 NAG P . -42.06 -42.72 -18.55
N2 NAG P . -42.78 -40.81 -17.28
O3 NAG P . -45.65 -40.70 -17.44
O4 NAG P . -46.85 -38.17 -16.76
O5 NAG P . -43.66 -38.09 -14.94
O6 NAG P . -46.60 -35.95 -15.13
O7 NAG P . -43.92 -42.72 -17.06
C1 BMA P . -48.00 -38.88 -16.24
C2 BMA P . -49.22 -37.91 -16.20
C3 BMA P . -50.49 -38.67 -15.84
C4 BMA P . -50.66 -39.91 -16.73
C5 BMA P . -49.42 -40.81 -16.64
C6 BMA P . -49.49 -42.00 -17.55
O2 BMA P . -49.44 -37.33 -17.48
O3 BMA P . -51.66 -37.83 -15.92
O4 BMA P . -51.81 -40.64 -16.32
O5 BMA P . -48.27 -40.03 -17.04
O6 BMA P . -50.54 -41.79 -18.49
C1 MAN P . -52.33 -37.78 -14.63
C2 MAN P . -53.61 -36.89 -14.76
C3 MAN P . -53.17 -35.45 -14.97
C4 MAN P . -52.31 -35.00 -13.79
C5 MAN P . -51.07 -35.88 -13.72
C6 MAN P . -50.18 -35.57 -12.54
O2 MAN P . -54.39 -36.89 -13.55
O3 MAN P . -54.27 -34.56 -15.14
O4 MAN P . -51.93 -33.65 -13.97
O5 MAN P . -51.46 -37.28 -13.62
O6 MAN P . -49.93 -34.17 -12.53
C1 NAG P . -55.72 -37.44 -13.74
C2 NAG P . -56.70 -36.31 -14.08
C3 NAG P . -58.09 -36.88 -14.35
C4 NAG P . -58.03 -37.97 -15.41
C5 NAG P . -57.00 -39.03 -15.04
C6 NAG P . -56.79 -40.06 -16.12
C7 NAG P . -57.32 -35.39 -11.86
C8 NAG P . -57.23 -34.18 -10.97
N2 NAG P . -56.74 -35.27 -13.06
O3 NAG P . -58.97 -35.83 -14.75
O4 NAG P . -59.30 -38.58 -15.56
O5 NAG P . -55.72 -38.42 -14.81
O6 NAG P . -57.98 -40.26 -16.88
O7 NAG P . -57.90 -36.41 -11.50
C1 MAN P . -50.50 -42.78 -19.55
C2 MAN P . -49.03 -42.93 -20.08
C3 MAN P . -48.64 -41.78 -21.04
C4 MAN P . -49.75 -41.51 -22.06
C5 MAN P . -51.06 -41.23 -21.32
C6 MAN P . -52.21 -40.89 -22.25
O2 MAN P . -48.86 -44.14 -20.84
O3 MAN P . -47.41 -42.04 -21.69
O4 MAN P . -49.41 -40.39 -22.85
O5 MAN P . -51.42 -42.41 -20.59
O6 MAN P . -52.31 -41.92 -23.24
C1 NAG P . -48.17 -45.16 -20.07
C2 NAG P . -46.75 -44.69 -19.78
C3 NAG P . -46.00 -45.73 -18.94
C4 NAG P . -46.80 -46.07 -17.70
C5 NAG P . -48.22 -46.49 -18.06
C6 NAG P . -49.10 -46.75 -16.86
C7 NAG P . -45.76 -45.27 -21.97
C8 NAG P . -44.99 -44.74 -23.15
N2 NAG P . -46.02 -44.38 -21.00
O3 NAG P . -44.73 -45.21 -18.57
O4 NAG P . -46.16 -47.13 -16.99
O5 NAG P . -48.85 -45.45 -18.83
O6 NAG P . -50.22 -47.55 -17.19
O7 NAG P . -46.12 -46.44 -21.91
C1 NAG Q . -21.73 -32.40 28.76
C2 NAG Q . -20.50 -32.97 29.51
C3 NAG Q . -20.85 -33.29 30.97
C4 NAG Q . -21.50 -32.09 31.64
C5 NAG Q . -22.66 -31.56 30.81
C6 NAG Q . -23.28 -30.30 31.38
C7 NAG Q . -20.41 -35.31 28.52
C8 NAG Q . -21.83 -35.59 28.94
N2 NAG Q . -19.88 -34.10 28.82
O3 NAG Q . -19.66 -33.66 31.65
O4 NAG Q . -21.99 -32.46 32.92
O5 NAG Q . -22.22 -31.24 29.47
O6 NAG Q . -23.94 -30.57 32.60
O7 NAG Q . -19.74 -36.16 27.93
C1 NAG R . -10.99 -49.45 -16.50
C2 NAG R . -9.93 -50.36 -15.87
C3 NAG R . -9.19 -51.14 -16.95
C4 NAG R . -10.18 -51.85 -17.87
C5 NAG R . -11.23 -50.88 -18.40
C6 NAG R . -12.31 -51.55 -19.20
C7 NAG R . -8.21 -48.62 -15.49
C8 NAG R . -7.33 -47.98 -14.46
N2 NAG R . -9.00 -49.61 -15.04
O3 NAG R . -8.32 -52.08 -16.34
O4 NAG R . -9.49 -52.44 -18.97
O5 NAG R . -11.88 -50.23 -17.30
O6 NAG R . -11.79 -52.15 -20.38
O7 NAG R . -8.21 -48.25 -16.66
#